data_2COO
#
_entry.id   2COO
#
_entity_poly.entity_id   1
_entity_poly.type   'polypeptide(L)'
_entity_poly.pdbx_seq_one_letter_code
;GSSGSSGHQEIKGRKTLATPAVRRLAMENNIKLSEVVGSGKDGRILKEDILNYLEKQTGAILPPSGPSSG
;
_entity_poly.pdbx_strand_id   A
#
# COMPACT_ATOMS: atom_id res chain seq x y z
N GLY A 1 -10.69 18.68 -28.03
CA GLY A 1 -10.78 17.56 -27.11
C GLY A 1 -9.75 16.49 -27.40
N SER A 2 -10.20 15.36 -27.94
CA SER A 2 -9.31 14.26 -28.26
C SER A 2 -8.35 13.98 -27.10
N SER A 3 -8.87 14.03 -25.88
CA SER A 3 -8.06 13.79 -24.70
C SER A 3 -8.19 12.34 -24.23
N GLY A 4 -7.08 11.75 -23.82
CA GLY A 4 -7.09 10.37 -23.35
C GLY A 4 -6.36 10.20 -22.03
N SER A 5 -6.58 9.07 -21.38
CA SER A 5 -5.96 8.79 -20.09
C SER A 5 -4.62 8.08 -20.29
N SER A 6 -3.60 8.55 -19.58
CA SER A 6 -2.27 7.97 -19.68
C SER A 6 -2.35 6.45 -19.84
N GLY A 7 -3.09 5.81 -18.96
CA GLY A 7 -3.24 4.37 -19.03
C GLY A 7 -2.78 3.69 -17.74
N HIS A 8 -2.93 2.37 -17.71
CA HIS A 8 -2.53 1.59 -16.54
C HIS A 8 -1.92 0.25 -16.95
N GLN A 9 -0.93 -0.20 -16.19
CA GLN A 9 -0.27 -1.47 -16.47
C GLN A 9 0.04 -2.23 -15.19
N GLU A 10 0.48 -3.48 -15.34
CA GLU A 10 0.79 -4.32 -14.18
C GLU A 10 2.17 -4.97 -14.35
N ILE A 11 2.87 -5.13 -13.24
CA ILE A 11 4.20 -5.74 -13.26
C ILE A 11 4.23 -7.01 -12.41
N LYS A 12 5.01 -7.99 -12.85
CA LYS A 12 5.14 -9.25 -12.14
C LYS A 12 5.24 -9.02 -10.63
N GLY A 13 4.97 -10.06 -9.86
CA GLY A 13 5.04 -9.94 -8.42
C GLY A 13 3.72 -10.26 -7.75
N ARG A 14 3.21 -11.47 -7.98
CA ARG A 14 1.95 -11.90 -7.40
C ARG A 14 2.05 -11.99 -5.88
N LYS A 15 2.98 -12.80 -5.39
CA LYS A 15 3.18 -12.96 -3.96
C LYS A 15 3.85 -11.73 -3.35
N THR A 16 3.22 -11.16 -2.33
CA THR A 16 3.76 -9.98 -1.66
C THR A 16 4.73 -10.37 -0.56
N LEU A 17 5.78 -9.57 -0.39
CA LEU A 17 6.79 -9.82 0.63
C LEU A 17 6.59 -8.90 1.83
N ALA A 18 6.03 -9.44 2.90
CA ALA A 18 5.81 -8.66 4.12
C ALA A 18 5.27 -9.54 5.23
N THR A 19 5.58 -9.16 6.48
CA THR A 19 5.12 -9.91 7.63
C THR A 19 3.61 -10.13 7.60
N PRO A 20 3.13 -11.12 8.37
CA PRO A 20 1.71 -11.44 8.44
C PRO A 20 0.90 -10.38 9.16
N ALA A 21 1.43 -9.88 10.27
CA ALA A 21 0.77 -8.85 11.05
C ALA A 21 0.60 -7.57 10.24
N VAL A 22 1.51 -7.35 9.30
CA VAL A 22 1.47 -6.16 8.45
C VAL A 22 0.54 -6.38 7.27
N ARG A 23 0.54 -7.59 6.72
CA ARG A 23 -0.29 -7.93 5.58
C ARG A 23 -1.76 -7.61 5.87
N ARG A 24 -2.16 -7.78 7.12
CA ARG A 24 -3.54 -7.51 7.53
C ARG A 24 -3.78 -6.02 7.68
N LEU A 25 -2.82 -5.34 8.30
CA LEU A 25 -2.94 -3.89 8.52
C LEU A 25 -3.47 -3.20 7.26
N ALA A 26 -3.29 -3.83 6.12
CA ALA A 26 -3.75 -3.29 4.86
C ALA A 26 -5.20 -3.67 4.58
N MET A 27 -5.48 -4.97 4.60
CA MET A 27 -6.82 -5.47 4.36
C MET A 27 -7.83 -4.76 5.26
N GLU A 28 -7.36 -4.22 6.37
CA GLU A 28 -8.22 -3.52 7.31
C GLU A 28 -8.41 -2.07 6.89
N ASN A 29 -7.36 -1.48 6.32
CA ASN A 29 -7.41 -0.09 5.87
C ASN A 29 -7.61 -0.02 4.36
N ASN A 30 -8.09 -1.11 3.78
CA ASN A 30 -8.33 -1.17 2.35
C ASN A 30 -7.14 -0.63 1.57
N ILE A 31 -5.94 -1.02 1.99
CA ILE A 31 -4.72 -0.58 1.33
C ILE A 31 -4.20 -1.64 0.35
N LYS A 32 -3.81 -1.19 -0.83
CA LYS A 32 -3.30 -2.09 -1.86
C LYS A 32 -1.82 -2.40 -1.63
N LEU A 33 -1.55 -3.47 -0.90
CA LEU A 33 -0.18 -3.88 -0.61
C LEU A 33 0.75 -3.54 -1.78
N SER A 34 0.43 -4.11 -2.94
CA SER A 34 1.24 -3.88 -4.14
C SER A 34 1.57 -2.41 -4.30
N GLU A 35 0.58 -1.55 -4.06
CA GLU A 35 0.78 -0.11 -4.17
C GLU A 35 1.70 0.41 -3.06
N VAL A 36 1.60 -0.22 -1.90
CA VAL A 36 2.43 0.17 -0.76
C VAL A 36 3.91 -0.06 -1.04
N VAL A 37 4.62 1.01 -1.38
CA VAL A 37 6.04 0.92 -1.67
C VAL A 37 6.81 0.35 -0.48
N GLY A 38 7.16 -0.93 -0.56
CA GLY A 38 7.89 -1.58 0.51
C GLY A 38 9.21 -0.88 0.81
N SER A 39 9.67 -1.00 2.05
CA SER A 39 10.92 -0.38 2.45
C SER A 39 12.03 -1.42 2.62
N GLY A 40 11.71 -2.50 3.33
CA GLY A 40 12.67 -3.56 3.56
C GLY A 40 13.57 -3.78 2.36
N LYS A 41 14.80 -4.21 2.61
CA LYS A 41 15.77 -4.46 1.54
C LYS A 41 15.08 -5.08 0.34
N ASP A 42 14.56 -6.31 0.51
CA ASP A 42 13.88 -7.00 -0.57
C ASP A 42 12.46 -6.46 -0.76
N GLY A 43 12.36 -5.15 -0.95
CA GLY A 43 11.06 -4.53 -1.14
C GLY A 43 10.03 -5.01 -0.15
N ARG A 44 10.51 -5.57 0.97
CA ARG A 44 9.62 -6.08 2.00
C ARG A 44 8.83 -4.95 2.66
N ILE A 45 7.50 -5.01 2.55
CA ILE A 45 6.65 -4.00 3.14
C ILE A 45 6.50 -4.19 4.64
N LEU A 46 7.06 -3.26 5.40
CA LEU A 46 6.99 -3.32 6.86
C LEU A 46 5.78 -2.57 7.38
N LYS A 47 5.53 -2.68 8.69
CA LYS A 47 4.41 -2.01 9.32
C LYS A 47 4.46 -0.50 9.07
N GLU A 48 5.66 0.05 9.06
CA GLU A 48 5.84 1.48 8.83
C GLU A 48 5.28 1.89 7.47
N ASP A 49 5.53 1.06 6.47
CA ASP A 49 5.05 1.34 5.11
C ASP A 49 3.55 1.65 5.13
N ILE A 50 2.79 0.87 5.88
CA ILE A 50 1.36 1.06 5.98
C ILE A 50 1.02 2.47 6.48
N LEU A 51 1.57 2.83 7.63
CA LEU A 51 1.34 4.14 8.21
C LEU A 51 1.82 5.26 7.27
N ASN A 52 2.68 4.88 6.32
CA ASN A 52 3.20 5.84 5.36
C ASN A 52 2.36 5.86 4.09
N TYR A 53 1.58 4.82 3.90
CA TYR A 53 0.72 4.71 2.72
C TYR A 53 -0.56 5.52 2.89
N LEU A 54 -1.07 5.56 4.13
CA LEU A 54 -2.28 6.30 4.43
C LEU A 54 -2.02 7.80 4.40
N GLU A 55 -0.89 8.21 4.97
CA GLU A 55 -0.53 9.62 5.01
C GLU A 55 -0.41 10.19 3.60
N LYS A 56 -0.14 9.32 2.64
CA LYS A 56 0.00 9.73 1.25
C LYS A 56 -1.32 9.58 0.49
N GLN A 57 -2.09 8.55 0.86
CA GLN A 57 -3.37 8.30 0.23
C GLN A 57 -4.40 9.35 0.64
N THR A 58 -4.28 9.85 1.86
CA THR A 58 -5.20 10.86 2.38
C THR A 58 -5.02 12.18 1.64
N GLY A 59 -3.78 12.52 1.35
CA GLY A 59 -3.49 13.76 0.66
C GLY A 59 -3.25 13.57 -0.83
N ALA A 60 -4.14 12.83 -1.47
CA ALA A 60 -4.02 12.56 -2.90
C ALA A 60 -4.64 13.67 -3.73
N ILE A 61 -4.47 13.61 -5.04
CA ILE A 61 -5.01 14.61 -5.94
C ILE A 61 -6.33 14.15 -6.54
N LEU A 62 -7.42 14.79 -6.15
CA LEU A 62 -8.75 14.45 -6.65
C LEU A 62 -9.57 15.72 -6.91
N PRO A 63 -10.44 15.64 -7.93
CA PRO A 63 -11.31 16.77 -8.31
C PRO A 63 -12.38 17.04 -7.27
N PRO A 64 -13.08 18.18 -7.43
CA PRO A 64 -14.14 18.59 -6.51
C PRO A 64 -15.38 17.71 -6.63
N SER A 65 -15.78 17.40 -7.86
CA SER A 65 -16.93 16.57 -8.12
C SER A 65 -18.04 16.86 -7.11
N GLY A 66 -18.22 18.14 -6.78
CA GLY A 66 -19.23 18.52 -5.82
C GLY A 66 -18.72 19.50 -4.78
N PRO A 67 -19.59 19.88 -3.85
CA PRO A 67 -19.23 20.82 -2.77
C PRO A 67 -18.27 20.21 -1.76
N SER A 68 -18.35 18.89 -1.59
CA SER A 68 -17.49 18.19 -0.65
C SER A 68 -16.02 18.56 -0.88
N SER A 69 -15.28 18.73 0.21
CA SER A 69 -13.87 19.08 0.13
C SER A 69 -13.09 18.49 1.30
N GLY A 70 -12.03 17.75 0.97
CA GLY A 70 -11.22 17.13 2.01
C GLY A 70 -9.86 16.70 1.49
N GLY A 1 18.66 24.72 -6.53
CA GLY A 1 18.75 23.55 -7.39
C GLY A 1 17.53 22.66 -7.28
N SER A 2 17.10 22.10 -8.41
CA SER A 2 15.95 21.22 -8.44
C SER A 2 16.33 19.80 -8.02
N SER A 3 15.70 19.32 -6.94
CA SER A 3 15.99 17.98 -6.44
C SER A 3 14.98 17.59 -5.36
N GLY A 4 14.71 16.29 -5.24
CA GLY A 4 13.78 15.81 -4.26
C GLY A 4 14.16 14.46 -3.69
N SER A 5 13.52 14.07 -2.60
CA SER A 5 13.81 12.78 -1.97
C SER A 5 12.91 11.69 -2.54
N SER A 6 11.60 11.87 -2.42
CA SER A 6 10.65 10.88 -2.92
C SER A 6 10.51 10.99 -4.44
N GLY A 7 10.00 9.92 -5.06
CA GLY A 7 9.83 9.91 -6.49
C GLY A 7 8.63 9.10 -6.93
N HIS A 8 8.75 8.40 -8.05
CA HIS A 8 7.66 7.58 -8.58
C HIS A 8 8.22 6.36 -9.31
N GLN A 9 7.72 5.19 -8.96
CA GLN A 9 8.15 3.95 -9.58
C GLN A 9 7.22 2.80 -9.21
N GLU A 10 7.09 1.84 -10.13
CA GLU A 10 6.23 0.68 -9.90
C GLU A 10 6.72 -0.53 -10.69
N ILE A 11 6.52 -1.72 -10.13
CA ILE A 11 6.94 -2.95 -10.79
C ILE A 11 5.82 -3.98 -10.81
N LYS A 12 5.77 -4.79 -11.85
CA LYS A 12 4.75 -5.82 -12.00
C LYS A 12 5.12 -7.06 -11.19
N GLY A 13 4.14 -7.66 -10.53
CA GLY A 13 4.38 -8.85 -9.75
C GLY A 13 3.10 -9.59 -9.40
N ARG A 14 3.24 -10.79 -8.84
CA ARG A 14 2.09 -11.59 -8.46
C ARG A 14 2.01 -11.75 -6.95
N LYS A 15 3.11 -12.22 -6.35
CA LYS A 15 3.18 -12.42 -4.91
C LYS A 15 3.75 -11.18 -4.21
N THR A 16 3.44 -11.05 -2.93
CA THR A 16 3.93 -9.91 -2.15
C THR A 16 4.81 -10.37 -0.99
N LEU A 17 5.79 -9.56 -0.63
CA LEU A 17 6.70 -9.88 0.46
C LEU A 17 6.47 -8.95 1.66
N ALA A 18 5.93 -9.51 2.73
CA ALA A 18 5.66 -8.73 3.94
C ALA A 18 5.16 -9.62 5.07
N THR A 19 5.47 -9.23 6.31
CA THR A 19 5.04 -9.99 7.47
C THR A 19 3.54 -10.22 7.47
N PRO A 20 3.08 -11.22 8.24
CA PRO A 20 1.66 -11.55 8.34
C PRO A 20 0.87 -10.49 9.09
N ALA A 21 1.43 -9.99 10.18
CA ALA A 21 0.78 -8.96 10.99
C ALA A 21 0.57 -7.68 10.18
N VAL A 22 1.49 -7.41 9.26
CA VAL A 22 1.40 -6.22 8.42
C VAL A 22 0.44 -6.43 7.26
N ARG A 23 0.45 -7.64 6.72
CA ARG A 23 -0.43 -7.98 5.60
C ARG A 23 -1.89 -7.71 5.96
N ARG A 24 -2.19 -7.73 7.26
CA ARG A 24 -3.55 -7.49 7.73
C ARG A 24 -3.79 -6.01 7.97
N LEU A 25 -2.71 -5.25 8.13
CA LEU A 25 -2.80 -3.81 8.36
C LEU A 25 -3.42 -3.11 7.16
N ALA A 26 -3.34 -3.75 6.00
CA ALA A 26 -3.90 -3.19 4.77
C ALA A 26 -5.33 -3.63 4.57
N MET A 27 -5.58 -4.93 4.73
CA MET A 27 -6.91 -5.48 4.56
C MET A 27 -7.92 -4.77 5.47
N GLU A 28 -7.42 -4.18 6.54
CA GLU A 28 -8.27 -3.47 7.49
C GLU A 28 -8.48 -2.02 7.05
N ASN A 29 -7.48 -1.46 6.37
CA ASN A 29 -7.56 -0.09 5.89
C ASN A 29 -7.76 -0.04 4.39
N ASN A 30 -8.16 -1.17 3.81
CA ASN A 30 -8.40 -1.26 2.37
C ASN A 30 -7.22 -0.70 1.60
N ILE A 31 -6.01 -1.13 1.95
CA ILE A 31 -4.80 -0.68 1.28
C ILE A 31 -4.27 -1.73 0.32
N LYS A 32 -3.72 -1.28 -0.81
CA LYS A 32 -3.17 -2.18 -1.81
C LYS A 32 -1.69 -2.44 -1.54
N LEU A 33 -1.40 -3.56 -0.88
CA LEU A 33 -0.02 -3.92 -0.57
C LEU A 33 0.92 -3.54 -1.71
N SER A 34 0.63 -4.06 -2.91
CA SER A 34 1.45 -3.76 -4.08
C SER A 34 1.65 -2.26 -4.24
N GLU A 35 0.62 -1.49 -3.93
CA GLU A 35 0.67 -0.04 -4.04
C GLU A 35 1.52 0.56 -2.92
N VAL A 36 1.64 -0.17 -1.82
CA VAL A 36 2.42 0.28 -0.68
C VAL A 36 3.91 0.19 -0.97
N VAL A 37 4.60 1.34 -0.87
CA VAL A 37 6.03 1.39 -1.11
C VAL A 37 6.81 0.70 0.00
N GLY A 38 7.21 -0.55 -0.23
CA GLY A 38 7.96 -1.29 0.76
C GLY A 38 9.25 -0.60 1.15
N SER A 39 9.88 -1.08 2.21
CA SER A 39 11.14 -0.50 2.69
C SER A 39 12.23 -1.57 2.79
N GLY A 40 11.86 -2.74 3.30
CA GLY A 40 12.81 -3.83 3.45
C GLY A 40 13.75 -3.92 2.26
N LYS A 41 14.90 -4.55 2.47
CA LYS A 41 15.89 -4.72 1.41
C LYS A 41 15.26 -5.34 0.17
N ASP A 42 14.57 -6.46 0.36
CA ASP A 42 13.92 -7.14 -0.75
C ASP A 42 12.52 -6.58 -1.00
N GLY A 43 12.35 -5.30 -0.72
CA GLY A 43 11.06 -4.65 -0.92
C GLY A 43 10.07 -5.01 0.17
N ARG A 44 10.46 -5.94 1.04
CA ARG A 44 9.59 -6.37 2.12
C ARG A 44 8.85 -5.18 2.75
N ILE A 45 7.55 -5.12 2.53
CA ILE A 45 6.74 -4.04 3.07
C ILE A 45 6.61 -4.15 4.58
N LEU A 46 7.25 -3.24 5.30
CA LEU A 46 7.20 -3.23 6.76
C LEU A 46 5.92 -2.57 7.26
N LYS A 47 5.74 -2.57 8.57
CA LYS A 47 4.56 -1.96 9.18
C LYS A 47 4.52 -0.46 8.93
N GLU A 48 5.69 0.18 8.99
CA GLU A 48 5.79 1.62 8.76
C GLU A 48 5.26 1.98 7.38
N ASP A 49 5.69 1.24 6.37
CA ASP A 49 5.25 1.49 5.00
C ASP A 49 3.75 1.77 4.95
N ILE A 50 2.98 0.96 5.66
CA ILE A 50 1.53 1.11 5.69
C ILE A 50 1.14 2.49 6.23
N LEU A 51 1.68 2.84 7.40
CA LEU A 51 1.39 4.13 8.01
C LEU A 51 1.79 5.27 7.09
N ASN A 52 2.60 4.96 6.09
CA ASN A 52 3.06 5.97 5.13
C ASN A 52 2.20 5.96 3.88
N TYR A 53 1.40 4.91 3.72
CA TYR A 53 0.54 4.78 2.56
C TYR A 53 -0.78 5.50 2.78
N LEU A 54 -1.20 5.59 4.05
CA LEU A 54 -2.45 6.25 4.39
C LEU A 54 -2.27 7.77 4.39
N GLU A 55 -1.18 8.23 4.98
CA GLU A 55 -0.88 9.66 5.06
C GLU A 55 -1.03 10.32 3.68
N LYS A 56 -0.74 9.54 2.64
CA LYS A 56 -0.83 10.05 1.27
C LYS A 56 -2.29 10.18 0.85
N GLN A 57 -3.15 9.34 1.42
CA GLN A 57 -4.58 9.38 1.09
C GLN A 57 -5.31 10.41 1.94
N THR A 58 -4.94 10.48 3.21
CA THR A 58 -5.57 11.43 4.14
C THR A 58 -5.44 12.85 3.62
N GLY A 59 -4.49 13.08 2.72
CA GLY A 59 -4.28 14.40 2.16
C GLY A 59 -4.80 14.52 0.75
N ALA A 60 -6.00 13.98 0.51
CA ALA A 60 -6.62 14.03 -0.81
C ALA A 60 -8.07 14.47 -0.72
N ILE A 61 -8.61 14.94 -1.83
CA ILE A 61 -10.00 15.40 -1.89
C ILE A 61 -10.96 14.22 -2.07
N LEU A 62 -10.64 13.11 -1.42
CA LEU A 62 -11.48 11.90 -1.52
C LEU A 62 -12.49 11.86 -0.38
N PRO A 63 -13.68 11.33 -0.67
CA PRO A 63 -14.76 11.22 0.32
C PRO A 63 -14.45 10.18 1.40
N PRO A 64 -15.00 10.39 2.60
CA PRO A 64 -14.80 9.50 3.74
C PRO A 64 -15.51 8.16 3.55
N SER A 65 -14.74 7.12 3.24
CA SER A 65 -15.30 5.78 3.03
C SER A 65 -14.82 4.82 4.11
N GLY A 66 -15.70 4.50 5.05
CA GLY A 66 -15.36 3.59 6.13
C GLY A 66 -15.07 4.31 7.43
N PRO A 67 -15.43 3.67 8.55
CA PRO A 67 -15.22 4.23 9.88
C PRO A 67 -13.74 4.30 10.27
N SER A 68 -12.89 3.77 9.40
CA SER A 68 -11.45 3.76 9.66
C SER A 68 -11.03 5.03 10.39
N SER A 69 -11.06 6.16 9.68
CA SER A 69 -10.68 7.44 10.27
C SER A 69 -11.46 7.70 11.55
N GLY A 70 -12.78 7.67 11.44
CA GLY A 70 -13.62 7.92 12.60
C GLY A 70 -14.22 6.64 13.17
N GLY A 1 2.72 -14.66 -40.10
CA GLY A 1 1.85 -13.88 -39.24
C GLY A 1 2.56 -13.36 -38.01
N SER A 2 1.92 -12.45 -37.29
CA SER A 2 2.50 -11.87 -36.09
C SER A 2 1.47 -11.05 -35.32
N SER A 3 1.56 -11.08 -33.99
CA SER A 3 0.63 -10.35 -33.14
C SER A 3 1.38 -9.55 -32.09
N GLY A 4 0.70 -8.55 -31.52
CA GLY A 4 1.32 -7.73 -30.49
C GLY A 4 0.33 -6.80 -29.82
N SER A 5 -0.07 -7.16 -28.60
CA SER A 5 -1.03 -6.35 -27.85
C SER A 5 -0.34 -5.64 -26.69
N SER A 6 -0.35 -4.31 -26.74
CA SER A 6 0.27 -3.51 -25.68
C SER A 6 -0.77 -3.03 -24.68
N GLY A 7 -0.37 -2.92 -23.42
CA GLY A 7 -1.27 -2.47 -22.38
C GLY A 7 -1.97 -3.62 -21.69
N HIS A 8 -1.54 -3.93 -20.47
CA HIS A 8 -2.14 -5.01 -19.71
C HIS A 8 -3.09 -4.46 -18.65
N GLN A 9 -2.60 -3.55 -17.82
CA GLN A 9 -3.41 -2.95 -16.77
C GLN A 9 -3.92 -4.02 -15.81
N GLU A 10 -3.05 -4.95 -15.45
CA GLU A 10 -3.42 -6.02 -14.53
C GLU A 10 -2.19 -6.53 -13.77
N ILE A 11 -2.36 -6.75 -12.47
CA ILE A 11 -1.27 -7.24 -11.64
C ILE A 11 -1.24 -8.77 -11.61
N LYS A 12 -0.16 -9.35 -12.12
CA LYS A 12 -0.01 -10.79 -12.14
C LYS A 12 0.02 -11.37 -10.73
N GLY A 13 -0.94 -12.25 -10.44
CA GLY A 13 -0.99 -12.86 -9.12
C GLY A 13 -1.19 -11.83 -8.01
N ARG A 14 -1.74 -12.28 -6.89
CA ARG A 14 -1.97 -11.39 -5.76
C ARG A 14 -1.18 -11.83 -4.53
N LYS A 15 0.08 -11.41 -4.46
CA LYS A 15 0.95 -11.77 -3.35
C LYS A 15 2.24 -10.94 -3.38
N THR A 16 2.73 -10.58 -2.20
CA THR A 16 3.94 -9.79 -2.09
C THR A 16 4.76 -10.20 -0.87
N LEU A 17 5.97 -9.68 -0.76
CA LEU A 17 6.85 -9.99 0.36
C LEU A 17 6.58 -9.06 1.54
N ALA A 18 5.95 -9.60 2.58
CA ALA A 18 5.63 -8.83 3.76
C ALA A 18 5.11 -9.71 4.88
N THR A 19 5.45 -9.38 6.13
CA THR A 19 5.02 -10.15 7.28
C THR A 19 3.49 -10.27 7.32
N PRO A 20 3.00 -11.26 8.07
CA PRO A 20 1.56 -11.51 8.22
C PRO A 20 0.86 -10.41 9.03
N ALA A 21 1.51 -9.98 10.09
CA ALA A 21 0.96 -8.93 10.94
C ALA A 21 0.78 -7.62 10.18
N VAL A 22 1.57 -7.45 9.12
CA VAL A 22 1.50 -6.25 8.30
C VAL A 22 0.49 -6.42 7.16
N ARG A 23 0.38 -7.64 6.65
CA ARG A 23 -0.53 -7.93 5.56
C ARG A 23 -1.98 -7.67 5.99
N ARG A 24 -2.22 -7.67 7.29
CA ARG A 24 -3.54 -7.43 7.83
C ARG A 24 -3.79 -5.94 8.04
N LEU A 25 -2.71 -5.20 8.26
CA LEU A 25 -2.80 -3.76 8.49
C LEU A 25 -3.34 -3.05 7.25
N ALA A 26 -3.23 -3.71 6.10
CA ALA A 26 -3.73 -3.14 4.85
C ALA A 26 -5.18 -3.53 4.59
N MET A 27 -5.47 -4.82 4.69
CA MET A 27 -6.81 -5.33 4.48
C MET A 27 -7.82 -4.58 5.36
N GLU A 28 -7.36 -4.10 6.51
CA GLU A 28 -8.21 -3.36 7.43
C GLU A 28 -8.41 -1.93 6.96
N ASN A 29 -7.40 -1.37 6.31
CA ASN A 29 -7.46 -0.01 5.81
C ASN A 29 -7.65 0.01 4.30
N ASN A 30 -8.05 -1.13 3.75
CA ASN A 30 -8.28 -1.24 2.31
C ASN A 30 -7.07 -0.74 1.52
N ILE A 31 -5.88 -1.05 2.02
CA ILE A 31 -4.64 -0.64 1.37
C ILE A 31 -4.09 -1.74 0.47
N LYS A 32 -3.51 -1.34 -0.66
CA LYS A 32 -2.95 -2.29 -1.60
C LYS A 32 -1.45 -2.49 -1.35
N LEU A 33 -1.13 -3.51 -0.55
CA LEU A 33 0.26 -3.80 -0.23
C LEU A 33 1.17 -3.49 -1.41
N SER A 34 0.91 -4.14 -2.54
CA SER A 34 1.71 -3.94 -3.75
C SER A 34 1.89 -2.45 -4.03
N GLU A 35 0.83 -1.68 -3.85
CA GLU A 35 0.88 -0.24 -4.08
C GLU A 35 1.74 0.46 -3.04
N VAL A 36 1.85 -0.16 -1.87
CA VAL A 36 2.66 0.39 -0.78
C VAL A 36 4.15 0.24 -1.06
N VAL A 37 4.90 1.31 -0.83
CA VAL A 37 6.34 1.29 -1.05
C VAL A 37 7.06 0.56 0.07
N GLY A 38 7.41 -0.70 -0.18
CA GLY A 38 8.10 -1.49 0.82
C GLY A 38 9.39 -0.83 1.29
N SER A 39 9.64 -0.90 2.59
CA SER A 39 10.85 -0.30 3.17
C SER A 39 12.00 -1.29 3.15
N GLY A 40 11.72 -2.55 3.47
CA GLY A 40 12.75 -3.56 3.48
C GLY A 40 13.59 -3.56 2.21
N LYS A 41 14.64 -4.36 2.20
CA LYS A 41 15.53 -4.45 1.04
C LYS A 41 14.84 -5.18 -0.11
N ASP A 42 14.49 -6.44 0.12
CA ASP A 42 13.83 -7.25 -0.90
C ASP A 42 12.37 -6.86 -1.03
N GLY A 43 12.12 -5.62 -1.45
CA GLY A 43 10.76 -5.15 -1.62
C GLY A 43 9.86 -5.59 -0.48
N ARG A 44 10.45 -5.85 0.68
CA ARG A 44 9.69 -6.28 1.85
C ARG A 44 8.96 -5.10 2.48
N ILE A 45 7.64 -5.19 2.54
CA ILE A 45 6.82 -4.13 3.11
C ILE A 45 6.67 -4.31 4.63
N LEU A 46 7.09 -3.30 5.38
CA LEU A 46 7.01 -3.34 6.84
C LEU A 46 5.71 -2.71 7.33
N LYS A 47 5.57 -2.62 8.64
CA LYS A 47 4.37 -2.03 9.25
C LYS A 47 4.35 -0.52 9.02
N GLU A 48 5.50 0.11 9.12
CA GLU A 48 5.61 1.55 8.93
C GLU A 48 5.06 1.96 7.57
N ASP A 49 5.52 1.30 6.52
CA ASP A 49 5.07 1.59 5.16
C ASP A 49 3.57 1.85 5.13
N ILE A 50 2.81 1.00 5.83
CA ILE A 50 1.36 1.15 5.88
C ILE A 50 0.96 2.54 6.36
N LEU A 51 1.53 2.95 7.49
CA LEU A 51 1.24 4.26 8.05
C LEU A 51 1.60 5.37 7.08
N ASN A 52 2.47 5.05 6.12
CA ASN A 52 2.90 6.02 5.13
C ASN A 52 2.00 5.98 3.90
N TYR A 53 1.31 4.87 3.72
CA TYR A 53 0.41 4.70 2.59
C TYR A 53 -0.93 5.37 2.85
N LEU A 54 -1.24 5.59 4.13
CA LEU A 54 -2.49 6.22 4.52
C LEU A 54 -2.39 7.74 4.42
N GLU A 55 -1.21 8.26 4.76
CA GLU A 55 -0.97 9.70 4.72
C GLU A 55 -1.09 10.23 3.29
N LYS A 56 -0.84 9.35 2.32
CA LYS A 56 -0.92 9.72 0.91
C LYS A 56 -2.38 9.86 0.47
N GLN A 57 -3.25 9.06 1.07
CA GLN A 57 -4.67 9.10 0.72
C GLN A 57 -5.29 10.43 1.14
N THR A 58 -5.28 10.71 2.43
CA THR A 58 -5.85 11.95 2.95
C THR A 58 -7.27 12.16 2.44
N GLY A 59 -7.95 11.07 2.12
CA GLY A 59 -9.31 11.16 1.62
C GLY A 59 -9.59 10.16 0.52
N ALA A 60 -9.52 8.87 0.85
CA ALA A 60 -9.77 7.82 -0.13
C ALA A 60 -10.88 6.88 0.35
N ILE A 61 -12.09 7.13 -0.14
CA ILE A 61 -13.24 6.31 0.23
C ILE A 61 -13.25 6.04 1.73
N LEU A 62 -12.99 7.07 2.52
CA LEU A 62 -12.97 6.94 3.98
C LEU A 62 -14.34 7.25 4.57
N PRO A 63 -14.68 6.58 5.67
CA PRO A 63 -15.96 6.78 6.36
C PRO A 63 -16.06 8.14 7.04
N PRO A 64 -17.28 8.69 7.11
CA PRO A 64 -17.52 9.99 7.74
C PRO A 64 -17.35 9.94 9.25
N SER A 65 -18.00 8.98 9.90
CA SER A 65 -17.91 8.83 11.35
C SER A 65 -16.45 8.91 11.81
N GLY A 66 -16.27 9.38 13.04
CA GLY A 66 -14.92 9.49 13.59
C GLY A 66 -14.40 8.17 14.12
N PRO A 67 -13.07 8.09 14.32
CA PRO A 67 -12.42 6.89 14.83
C PRO A 67 -12.76 6.61 16.29
N SER A 68 -12.86 7.68 17.08
CA SER A 68 -13.18 7.54 18.49
C SER A 68 -14.49 6.79 18.69
N SER A 69 -14.43 5.65 19.37
CA SER A 69 -15.60 4.83 19.62
C SER A 69 -15.79 4.60 21.13
N GLY A 70 -16.97 4.10 21.48
CA GLY A 70 -17.26 3.84 22.89
C GLY A 70 -18.73 3.55 23.14
N GLY A 1 -13.75 2.52 -26.21
CA GLY A 1 -13.26 1.21 -25.78
C GLY A 1 -14.16 0.57 -24.75
N SER A 2 -13.69 -0.52 -24.15
CA SER A 2 -14.47 -1.23 -23.14
C SER A 2 -13.83 -1.08 -21.76
N SER A 3 -12.51 -1.24 -21.70
CA SER A 3 -11.78 -1.13 -20.44
C SER A 3 -10.89 0.11 -20.44
N GLY A 4 -10.52 0.57 -19.26
CA GLY A 4 -9.68 1.75 -19.14
C GLY A 4 -9.39 2.10 -17.70
N SER A 5 -8.16 1.85 -17.26
CA SER A 5 -7.76 2.15 -15.89
C SER A 5 -6.25 1.98 -15.72
N SER A 6 -5.73 2.41 -14.57
CA SER A 6 -4.31 2.31 -14.28
C SER A 6 -3.99 1.01 -13.56
N GLY A 7 -3.52 0.02 -14.31
CA GLY A 7 -3.18 -1.27 -13.72
C GLY A 7 -3.60 -2.44 -14.59
N HIS A 8 -2.80 -2.71 -15.63
CA HIS A 8 -3.10 -3.80 -16.54
C HIS A 8 -2.56 -5.12 -16.01
N GLN A 9 -2.69 -5.33 -14.70
CA GLN A 9 -2.19 -6.55 -14.07
C GLN A 9 -3.26 -7.15 -13.16
N GLU A 10 -4.17 -7.91 -13.76
CA GLU A 10 -5.25 -8.56 -13.01
C GLU A 10 -4.70 -9.73 -12.19
N ILE A 11 -4.35 -9.46 -10.93
CA ILE A 11 -3.83 -10.50 -10.05
C ILE A 11 -4.90 -10.98 -9.08
N LYS A 12 -5.12 -12.29 -9.07
CA LYS A 12 -6.12 -12.89 -8.19
C LYS A 12 -5.51 -13.23 -6.83
N GLY A 13 -4.31 -13.80 -6.85
CA GLY A 13 -3.64 -14.17 -5.62
C GLY A 13 -2.58 -13.16 -5.22
N ARG A 14 -2.99 -12.13 -4.50
CA ARG A 14 -2.06 -11.09 -4.06
C ARG A 14 -1.08 -11.64 -3.02
N LYS A 15 0.16 -11.85 -3.45
CA LYS A 15 1.20 -12.37 -2.56
C LYS A 15 2.49 -11.57 -2.69
N THR A 16 2.75 -10.71 -1.71
CA THR A 16 3.94 -9.88 -1.72
C THR A 16 4.79 -10.12 -0.48
N LEU A 17 6.05 -9.70 -0.53
CA LEU A 17 6.96 -9.87 0.60
C LEU A 17 6.61 -8.92 1.74
N ALA A 18 6.01 -9.46 2.78
CA ALA A 18 5.63 -8.66 3.95
C ALA A 18 5.09 -9.54 5.06
N THR A 19 5.50 -9.25 6.29
CA THR A 19 5.05 -10.01 7.45
C THR A 19 3.54 -10.20 7.44
N PRO A 20 3.07 -11.21 8.20
CA PRO A 20 1.64 -11.51 8.29
C PRO A 20 0.85 -10.44 9.03
N ALA A 21 1.44 -9.94 10.12
CA ALA A 21 0.79 -8.90 10.91
C ALA A 21 0.59 -7.62 10.10
N VAL A 22 1.46 -7.42 9.11
CA VAL A 22 1.37 -6.24 8.26
C VAL A 22 0.42 -6.47 7.09
N ARG A 23 0.39 -7.69 6.58
CA ARG A 23 -0.48 -8.05 5.47
C ARG A 23 -1.94 -7.76 5.80
N ARG A 24 -2.25 -7.75 7.09
CA ARG A 24 -3.62 -7.48 7.54
C ARG A 24 -3.86 -5.98 7.66
N LEU A 25 -2.89 -5.26 8.20
CA LEU A 25 -3.00 -3.82 8.36
C LEU A 25 -3.58 -3.17 7.12
N ALA A 26 -3.39 -3.82 5.97
CA ALA A 26 -3.90 -3.30 4.71
C ALA A 26 -5.35 -3.71 4.49
N MET A 27 -5.63 -4.99 4.70
CA MET A 27 -6.99 -5.50 4.53
C MET A 27 -7.97 -4.76 5.43
N GLU A 28 -7.48 -4.27 6.56
CA GLU A 28 -8.31 -3.53 7.50
C GLU A 28 -8.46 -2.07 7.08
N ASN A 29 -7.45 -1.55 6.40
CA ASN A 29 -7.46 -0.17 5.94
C ASN A 29 -7.64 -0.11 4.43
N ASN A 30 -8.10 -1.21 3.84
CA ASN A 30 -8.31 -1.27 2.40
C ASN A 30 -7.12 -0.71 1.64
N ILE A 31 -5.93 -1.19 1.99
CA ILE A 31 -4.70 -0.72 1.34
C ILE A 31 -4.11 -1.82 0.45
N LYS A 32 -3.59 -1.42 -0.71
CA LYS A 32 -2.99 -2.36 -1.64
C LYS A 32 -1.50 -2.52 -1.37
N LEU A 33 -1.15 -3.51 -0.56
CA LEU A 33 0.24 -3.76 -0.23
C LEU A 33 1.16 -3.45 -1.41
N SER A 34 0.92 -4.13 -2.53
CA SER A 34 1.73 -3.92 -3.73
C SER A 34 1.98 -2.43 -3.96
N GLU A 35 0.92 -1.63 -3.79
CA GLU A 35 1.03 -0.19 -3.98
C GLU A 35 1.90 0.44 -2.91
N VAL A 36 1.84 -0.10 -1.69
CA VAL A 36 2.61 0.42 -0.58
C VAL A 36 4.11 0.31 -0.86
N VAL A 37 4.82 1.42 -0.64
CA VAL A 37 6.26 1.45 -0.87
C VAL A 37 7.00 0.66 0.19
N GLY A 38 7.44 -0.53 -0.17
CA GLY A 38 8.17 -1.38 0.77
C GLY A 38 9.51 -0.78 1.16
N SER A 39 9.81 -0.81 2.46
CA SER A 39 11.07 -0.27 2.97
C SER A 39 12.19 -1.28 2.85
N GLY A 40 11.93 -2.51 3.30
CA GLY A 40 12.93 -3.56 3.23
C GLY A 40 13.65 -3.58 1.90
N LYS A 41 14.75 -4.32 1.85
CA LYS A 41 15.55 -4.43 0.63
C LYS A 41 14.87 -5.36 -0.37
N ASP A 42 14.48 -6.54 0.10
CA ASP A 42 13.83 -7.52 -0.75
C ASP A 42 12.35 -7.20 -0.91
N GLY A 43 12.06 -5.93 -1.21
CA GLY A 43 10.68 -5.52 -1.39
C GLY A 43 9.82 -5.85 -0.19
N ARG A 44 10.44 -6.05 0.96
CA ARG A 44 9.72 -6.39 2.18
C ARG A 44 9.01 -5.16 2.74
N ILE A 45 7.68 -5.16 2.64
CA ILE A 45 6.88 -4.04 3.14
C ILE A 45 6.72 -4.12 4.66
N LEU A 46 7.26 -3.13 5.36
CA LEU A 46 7.17 -3.08 6.81
C LEU A 46 5.87 -2.42 7.26
N LYS A 47 5.57 -2.52 8.55
CA LYS A 47 4.37 -1.92 9.11
C LYS A 47 4.35 -0.41 8.87
N GLU A 48 5.50 0.23 9.09
CA GLU A 48 5.61 1.67 8.89
C GLU A 48 5.08 2.09 7.52
N ASP A 49 5.49 1.35 6.48
CA ASP A 49 5.06 1.64 5.13
C ASP A 49 3.55 1.87 5.07
N ILE A 50 2.81 1.07 5.83
CA ILE A 50 1.35 1.18 5.87
C ILE A 50 0.92 2.55 6.38
N LEU A 51 1.54 2.99 7.47
CA LEU A 51 1.23 4.29 8.06
C LEU A 51 1.62 5.42 7.12
N ASN A 52 2.48 5.12 6.16
CA ASN A 52 2.94 6.11 5.19
C ASN A 52 2.07 6.09 3.94
N TYR A 53 1.40 4.97 3.70
CA TYR A 53 0.54 4.83 2.54
C TYR A 53 -0.81 5.51 2.77
N LEU A 54 -1.14 5.73 4.04
CA LEU A 54 -2.40 6.36 4.40
C LEU A 54 -2.27 7.89 4.35
N GLU A 55 -1.20 8.40 4.96
CA GLU A 55 -0.96 9.84 4.99
C GLU A 55 -1.05 10.43 3.58
N LYS A 56 -0.70 9.64 2.58
CA LYS A 56 -0.74 10.07 1.20
C LYS A 56 -2.18 10.22 0.72
N GLN A 57 -3.05 9.35 1.21
CA GLN A 57 -4.46 9.38 0.83
C GLN A 57 -5.20 10.49 1.59
N THR A 58 -5.11 10.46 2.91
CA THR A 58 -5.78 11.46 3.74
C THR A 58 -5.74 12.83 3.08
N GLY A 59 -4.55 13.25 2.65
CA GLY A 59 -4.42 14.54 2.00
C GLY A 59 -5.56 14.84 1.04
N ALA A 60 -5.39 14.40 -0.21
CA ALA A 60 -6.41 14.61 -1.23
C ALA A 60 -7.78 14.17 -0.74
N ILE A 61 -8.72 15.11 -0.70
CA ILE A 61 -10.08 14.83 -0.25
C ILE A 61 -11.10 15.12 -1.35
N LEU A 62 -11.72 14.07 -1.87
CA LEU A 62 -12.71 14.21 -2.93
C LEU A 62 -13.88 13.26 -2.71
N PRO A 63 -15.09 13.72 -3.04
CA PRO A 63 -16.32 12.92 -2.90
C PRO A 63 -16.38 11.75 -3.88
N PRO A 64 -17.20 10.74 -3.55
CA PRO A 64 -17.36 9.56 -4.40
C PRO A 64 -18.10 9.86 -5.69
N SER A 65 -17.47 9.51 -6.82
CA SER A 65 -18.08 9.75 -8.12
C SER A 65 -19.41 9.03 -8.25
N GLY A 66 -20.48 9.71 -7.85
CA GLY A 66 -21.81 9.13 -7.93
C GLY A 66 -22.71 9.85 -8.91
N PRO A 67 -23.60 9.10 -9.56
CA PRO A 67 -24.55 9.66 -10.54
C PRO A 67 -25.61 10.52 -9.88
N SER A 68 -26.11 10.07 -8.74
CA SER A 68 -27.14 10.80 -8.01
C SER A 68 -26.64 12.20 -7.62
N SER A 69 -27.30 13.22 -8.15
CA SER A 69 -26.93 14.59 -7.86
C SER A 69 -28.15 15.40 -7.41
N GLY A 70 -28.46 15.32 -6.12
CA GLY A 70 -29.60 16.05 -5.59
C GLY A 70 -30.92 15.42 -5.97
N GLY A 1 2.38 13.38 -17.74
CA GLY A 1 2.01 14.78 -17.91
C GLY A 1 3.07 15.73 -17.41
N SER A 2 2.77 16.42 -16.30
CA SER A 2 3.70 17.37 -15.71
C SER A 2 4.09 16.95 -14.30
N SER A 3 3.09 16.54 -13.52
CA SER A 3 3.32 16.12 -12.14
C SER A 3 3.49 14.61 -12.06
N GLY A 4 4.72 14.17 -11.81
CA GLY A 4 4.99 12.74 -11.71
C GLY A 4 5.03 12.07 -13.06
N SER A 5 6.01 11.19 -13.26
CA SER A 5 6.15 10.47 -14.53
C SER A 5 5.70 9.02 -14.38
N SER A 6 6.17 8.36 -13.32
CA SER A 6 5.83 6.98 -13.06
C SER A 6 4.31 6.80 -12.96
N GLY A 7 3.75 6.01 -13.87
CA GLY A 7 2.32 5.77 -13.88
C GLY A 7 1.94 4.52 -13.11
N HIS A 8 0.64 4.28 -12.97
CA HIS A 8 0.14 3.12 -12.26
C HIS A 8 0.49 1.83 -13.01
N GLN A 9 1.20 0.93 -12.34
CA GLN A 9 1.60 -0.34 -12.95
C GLN A 9 0.77 -1.48 -12.37
N GLU A 10 0.60 -1.49 -11.06
CA GLU A 10 -0.15 -2.54 -10.39
C GLU A 10 0.42 -3.92 -10.72
N ILE A 11 1.75 -4.04 -10.65
CA ILE A 11 2.41 -5.30 -10.93
C ILE A 11 1.76 -6.45 -10.17
N LYS A 12 1.76 -7.62 -10.78
CA LYS A 12 1.18 -8.82 -10.17
C LYS A 12 1.84 -9.11 -8.84
N GLY A 13 1.04 -9.38 -7.82
CA GLY A 13 1.57 -9.70 -6.51
C GLY A 13 0.86 -10.87 -5.85
N ARG A 14 1.16 -12.08 -6.32
CA ARG A 14 0.54 -13.28 -5.78
C ARG A 14 0.81 -13.39 -4.28
N LYS A 15 2.09 -13.38 -3.91
CA LYS A 15 2.47 -13.48 -2.50
C LYS A 15 3.41 -12.34 -2.11
N THR A 16 2.83 -11.18 -1.83
CA THR A 16 3.60 -10.02 -1.44
C THR A 16 4.58 -10.36 -0.32
N LEU A 17 5.73 -9.68 -0.31
CA LEU A 17 6.75 -9.90 0.71
C LEU A 17 6.55 -8.97 1.90
N ALA A 18 6.00 -9.50 2.99
CA ALA A 18 5.76 -8.72 4.19
C ALA A 18 5.25 -9.60 5.32
N THR A 19 5.44 -9.14 6.57
CA THR A 19 5.01 -9.89 7.73
C THR A 19 3.50 -10.11 7.71
N PRO A 20 3.03 -11.10 8.49
CA PRO A 20 1.61 -11.44 8.57
C PRO A 20 0.80 -10.36 9.28
N ALA A 21 1.37 -9.80 10.35
CA ALA A 21 0.71 -8.76 11.11
C ALA A 21 0.50 -7.50 10.27
N VAL A 22 1.44 -7.25 9.36
CA VAL A 22 1.35 -6.08 8.49
C VAL A 22 0.39 -6.33 7.33
N ARG A 23 0.41 -7.54 6.79
CA ARG A 23 -0.46 -7.89 5.68
C ARG A 23 -1.92 -7.57 6.01
N ARG A 24 -2.25 -7.59 7.29
CA ARG A 24 -3.61 -7.30 7.73
C ARG A 24 -3.85 -5.79 7.79
N LEU A 25 -2.84 -5.05 8.24
CA LEU A 25 -2.94 -3.60 8.33
C LEU A 25 -3.49 -3.00 7.05
N ALA A 26 -3.41 -3.76 5.97
CA ALA A 26 -3.91 -3.31 4.68
C ALA A 26 -5.35 -3.73 4.47
N MET A 27 -5.63 -5.01 4.69
CA MET A 27 -6.98 -5.54 4.52
C MET A 27 -7.98 -4.76 5.36
N GLU A 28 -7.51 -4.23 6.49
CA GLU A 28 -8.37 -3.47 7.39
C GLU A 28 -8.54 -2.04 6.88
N ASN A 29 -7.50 -1.50 6.26
CA ASN A 29 -7.53 -0.15 5.72
C ASN A 29 -7.70 -0.17 4.21
N ASN A 30 -8.09 -1.32 3.67
CA ASN A 30 -8.28 -1.46 2.23
C ASN A 30 -7.10 -0.87 1.46
N ILE A 31 -5.89 -1.25 1.87
CA ILE A 31 -4.69 -0.77 1.22
C ILE A 31 -4.12 -1.82 0.26
N LYS A 32 -3.59 -1.36 -0.86
CA LYS A 32 -3.01 -2.25 -1.86
C LYS A 32 -1.53 -2.49 -1.59
N LEU A 33 -1.23 -3.55 -0.84
CA LEU A 33 0.15 -3.88 -0.51
C LEU A 33 1.09 -3.52 -1.66
N SER A 34 0.85 -4.11 -2.82
CA SER A 34 1.68 -3.84 -3.99
C SER A 34 1.93 -2.35 -4.16
N GLU A 35 0.90 -1.55 -3.93
CA GLU A 35 1.00 -0.11 -4.05
C GLU A 35 1.89 0.47 -2.95
N VAL A 36 1.76 -0.11 -1.75
CA VAL A 36 2.54 0.35 -0.61
C VAL A 36 4.04 0.32 -0.91
N VAL A 37 4.69 1.48 -0.80
CA VAL A 37 6.11 1.58 -1.06
C VAL A 37 6.93 0.81 -0.02
N GLY A 38 7.34 -0.40 -0.39
CA GLY A 38 8.11 -1.23 0.52
C GLY A 38 9.46 -0.61 0.84
N SER A 39 9.89 -0.77 2.10
CA SER A 39 11.16 -0.22 2.53
C SER A 39 12.24 -1.31 2.58
N GLY A 40 11.88 -2.47 3.10
CA GLY A 40 12.82 -3.58 3.19
C GLY A 40 13.65 -3.72 1.93
N LYS A 41 14.76 -4.45 2.05
CA LYS A 41 15.65 -4.67 0.90
C LYS A 41 14.96 -5.50 -0.17
N ASP A 42 14.50 -6.69 0.21
CA ASP A 42 13.83 -7.59 -0.72
C ASP A 42 12.37 -7.17 -0.89
N GLY A 43 12.15 -5.91 -1.25
CA GLY A 43 10.80 -5.41 -1.45
C GLY A 43 9.89 -5.71 -0.27
N ARG A 44 10.50 -6.07 0.86
CA ARG A 44 9.74 -6.38 2.06
C ARG A 44 9.07 -5.14 2.63
N ILE A 45 7.74 -5.17 2.70
CA ILE A 45 6.98 -4.04 3.22
C ILE A 45 6.91 -4.08 4.74
N LEU A 46 7.35 -2.99 5.38
CA LEU A 46 7.35 -2.90 6.83
C LEU A 46 6.09 -2.19 7.33
N LYS A 47 5.66 -2.53 8.53
CA LYS A 47 4.47 -1.92 9.12
C LYS A 47 4.41 -0.43 8.81
N GLU A 48 5.55 0.24 8.94
CA GLU A 48 5.64 1.67 8.66
C GLU A 48 5.02 2.01 7.30
N ASP A 49 5.58 1.43 6.25
CA ASP A 49 5.09 1.66 4.90
C ASP A 49 3.58 1.84 4.88
N ILE A 50 2.88 0.93 5.57
CA ILE A 50 1.43 0.99 5.64
C ILE A 50 0.96 2.32 6.22
N LEU A 51 1.31 2.57 7.47
CA LEU A 51 0.93 3.81 8.15
C LEU A 51 1.37 5.02 7.35
N ASN A 52 2.41 4.84 6.54
CA ASN A 52 2.94 5.92 5.71
C ASN A 52 2.17 6.02 4.39
N TYR A 53 1.54 4.93 3.99
CA TYR A 53 0.77 4.89 2.75
C TYR A 53 -0.59 5.54 2.93
N LEU A 54 -1.08 5.54 4.16
CA LEU A 54 -2.39 6.14 4.47
C LEU A 54 -2.27 7.65 4.61
N GLU A 55 -1.27 8.10 5.37
CA GLU A 55 -1.05 9.52 5.59
C GLU A 55 -1.01 10.26 4.26
N LYS A 56 -0.62 9.57 3.20
CA LYS A 56 -0.54 10.16 1.87
C LYS A 56 -1.93 10.31 1.25
N GLN A 57 -2.81 9.37 1.56
CA GLN A 57 -4.17 9.39 1.04
C GLN A 57 -5.04 10.37 1.83
N THR A 58 -5.09 10.17 3.14
CA THR A 58 -5.88 11.03 4.01
C THR A 58 -5.88 12.48 3.50
N GLY A 59 -7.06 12.95 3.07
CA GLY A 59 -7.18 14.30 2.56
C GLY A 59 -7.53 14.34 1.09
N ALA A 60 -6.85 13.49 0.30
CA ALA A 60 -7.10 13.44 -1.13
C ALA A 60 -8.59 13.33 -1.43
N ILE A 61 -9.21 14.46 -1.73
CA ILE A 61 -10.64 14.50 -2.04
C ILE A 61 -11.42 13.51 -1.17
N LEU A 62 -11.16 13.56 0.14
CA LEU A 62 -11.83 12.66 1.07
C LEU A 62 -13.31 13.04 1.22
N PRO A 63 -14.16 12.02 1.41
CA PRO A 63 -15.59 12.22 1.57
C PRO A 63 -15.95 12.89 2.90
N PRO A 64 -17.04 13.68 2.90
CA PRO A 64 -17.50 14.39 4.09
C PRO A 64 -18.06 13.44 5.15
N SER A 65 -18.42 13.99 6.31
CA SER A 65 -18.97 13.20 7.40
C SER A 65 -20.37 12.70 7.05
N GLY A 66 -20.76 11.59 7.67
CA GLY A 66 -22.07 11.02 7.42
C GLY A 66 -23.18 12.03 7.61
N PRO A 67 -23.78 12.04 8.82
CA PRO A 67 -24.87 12.96 9.16
C PRO A 67 -24.41 14.40 9.26
N SER A 68 -24.45 15.12 8.15
CA SER A 68 -24.03 16.51 8.11
C SER A 68 -24.92 17.33 7.16
N SER A 69 -25.09 18.60 7.48
CA SER A 69 -25.92 19.48 6.67
C SER A 69 -25.29 19.69 5.29
N GLY A 70 -23.98 19.92 5.27
CA GLY A 70 -23.28 20.14 4.01
C GLY A 70 -22.76 21.56 3.87
N GLY A 1 -10.09 22.97 -13.95
CA GLY A 1 -9.26 22.11 -14.77
C GLY A 1 -8.68 20.95 -14.00
N SER A 2 -8.91 19.74 -14.52
CA SER A 2 -8.42 18.53 -13.86
C SER A 2 -6.99 18.23 -14.28
N SER A 3 -6.14 17.95 -13.30
CA SER A 3 -4.73 17.64 -13.57
C SER A 3 -4.29 16.40 -12.81
N GLY A 4 -3.73 15.43 -13.54
CA GLY A 4 -3.28 14.20 -12.91
C GLY A 4 -3.17 13.06 -13.89
N SER A 5 -2.40 12.04 -13.53
CA SER A 5 -2.21 10.88 -14.39
C SER A 5 -1.74 9.68 -13.58
N SER A 6 -2.08 8.48 -14.06
CA SER A 6 -1.71 7.25 -13.38
C SER A 6 -0.43 6.66 -13.99
N GLY A 7 0.24 5.81 -13.22
CA GLY A 7 1.47 5.19 -13.71
C GLY A 7 2.52 5.08 -12.63
N HIS A 8 2.89 3.85 -12.29
CA HIS A 8 3.89 3.60 -11.26
C HIS A 8 4.44 2.18 -11.38
N GLN A 9 5.57 1.94 -10.71
CA GLN A 9 6.21 0.63 -10.75
C GLN A 9 5.38 -0.39 -9.99
N GLU A 10 4.91 -1.42 -10.70
CA GLU A 10 4.10 -2.47 -10.10
C GLU A 10 4.97 -3.57 -9.53
N ILE A 11 4.51 -4.19 -8.44
CA ILE A 11 5.26 -5.26 -7.80
C ILE A 11 5.95 -6.15 -8.83
N LYS A 12 7.08 -6.73 -8.45
CA LYS A 12 7.83 -7.61 -9.35
C LYS A 12 7.20 -8.99 -9.39
N GLY A 13 7.04 -9.61 -8.23
CA GLY A 13 6.45 -10.93 -8.17
C GLY A 13 4.99 -10.90 -7.72
N ARG A 14 4.32 -12.05 -7.83
CA ARG A 14 2.92 -12.15 -7.45
C ARG A 14 2.77 -12.15 -5.92
N LYS A 15 3.40 -13.12 -5.26
CA LYS A 15 3.34 -13.23 -3.81
C LYS A 15 4.08 -12.07 -3.15
N THR A 16 3.32 -11.15 -2.56
CA THR A 16 3.89 -9.99 -1.89
C THR A 16 4.86 -10.43 -0.80
N LEU A 17 5.85 -9.58 -0.51
CA LEU A 17 6.84 -9.87 0.51
C LEU A 17 6.65 -8.97 1.73
N ALA A 18 6.06 -9.50 2.79
CA ALA A 18 5.82 -8.74 4.00
C ALA A 18 5.26 -9.64 5.10
N THR A 19 5.48 -9.23 6.35
CA THR A 19 5.01 -10.00 7.50
C THR A 19 3.49 -10.15 7.46
N PRO A 20 2.98 -11.14 8.21
CA PRO A 20 1.54 -11.41 8.28
C PRO A 20 0.78 -10.32 9.03
N ALA A 21 1.35 -9.86 10.14
CA ALA A 21 0.73 -8.82 10.95
C ALA A 21 0.56 -7.53 10.14
N VAL A 22 1.50 -7.28 9.23
CA VAL A 22 1.46 -6.08 8.40
C VAL A 22 0.47 -6.25 7.25
N ARG A 23 0.45 -7.44 6.66
CA ARG A 23 -0.45 -7.73 5.55
C ARG A 23 -1.89 -7.38 5.92
N ARG A 24 -2.28 -7.69 7.15
CA ARG A 24 -3.63 -7.41 7.63
C ARG A 24 -3.88 -5.91 7.70
N LEU A 25 -2.94 -5.19 8.32
CA LEU A 25 -3.07 -3.75 8.46
C LEU A 25 -3.59 -3.11 7.18
N ALA A 26 -3.39 -3.80 6.06
CA ALA A 26 -3.85 -3.30 4.77
C ALA A 26 -5.31 -3.67 4.52
N MET A 27 -5.62 -4.96 4.68
CA MET A 27 -6.99 -5.44 4.48
C MET A 27 -7.97 -4.67 5.35
N GLU A 28 -7.48 -4.14 6.47
CA GLU A 28 -8.31 -3.38 7.39
C GLU A 28 -8.47 -1.93 6.92
N ASN A 29 -7.39 -1.38 6.38
CA ASN A 29 -7.40 0.01 5.89
C ASN A 29 -7.61 0.04 4.37
N ASN A 30 -8.05 -1.08 3.82
CA ASN A 30 -8.28 -1.17 2.38
C ASN A 30 -7.08 -0.65 1.59
N ILE A 31 -5.89 -1.06 2.01
CA ILE A 31 -4.66 -0.64 1.35
C ILE A 31 -4.16 -1.71 0.38
N LYS A 32 -3.70 -1.28 -0.78
CA LYS A 32 -3.20 -2.20 -1.80
C LYS A 32 -1.71 -2.49 -1.57
N LEU A 33 -1.43 -3.57 -0.85
CA LEU A 33 -0.06 -3.96 -0.56
C LEU A 33 0.87 -3.62 -1.73
N SER A 34 0.56 -4.17 -2.90
CA SER A 34 1.35 -3.92 -4.09
C SER A 34 1.65 -2.43 -4.25
N GLU A 35 0.64 -1.61 -3.99
CA GLU A 35 0.79 -0.16 -4.10
C GLU A 35 1.73 0.38 -3.02
N VAL A 36 1.75 -0.30 -1.87
CA VAL A 36 2.60 0.10 -0.76
C VAL A 36 4.07 -0.18 -1.06
N VAL A 37 4.78 0.84 -1.54
CA VAL A 37 6.19 0.69 -1.86
C VAL A 37 6.98 0.16 -0.66
N GLY A 38 7.21 -1.15 -0.65
CA GLY A 38 7.96 -1.76 0.44
C GLY A 38 9.18 -0.95 0.83
N SER A 39 9.61 -1.10 2.08
CA SER A 39 10.78 -0.38 2.58
C SER A 39 11.99 -1.31 2.68
N GLY A 40 11.78 -2.48 3.29
CA GLY A 40 12.87 -3.43 3.45
C GLY A 40 13.70 -3.56 2.19
N LYS A 41 14.95 -3.99 2.35
CA LYS A 41 15.85 -4.17 1.22
C LYS A 41 15.19 -5.00 0.12
N ASP A 42 14.69 -6.17 0.49
CA ASP A 42 14.03 -7.06 -0.47
C ASP A 42 12.59 -6.63 -0.69
N GLY A 43 12.40 -5.41 -1.18
CA GLY A 43 11.06 -4.90 -1.43
C GLY A 43 10.06 -5.39 -0.40
N ARG A 44 10.51 -5.54 0.83
CA ARG A 44 9.64 -6.00 1.91
C ARG A 44 8.87 -4.83 2.52
N ILE A 45 7.56 -5.02 2.68
CA ILE A 45 6.71 -3.99 3.25
C ILE A 45 6.62 -4.12 4.77
N LEU A 46 7.14 -3.13 5.47
CA LEU A 46 7.12 -3.13 6.94
C LEU A 46 5.87 -2.45 7.47
N LYS A 47 5.64 -2.56 8.76
CA LYS A 47 4.47 -1.95 9.40
C LYS A 47 4.47 -0.44 9.17
N GLU A 48 5.64 0.17 9.23
CA GLU A 48 5.76 1.61 9.04
C GLU A 48 5.26 2.01 7.65
N ASP A 49 5.57 1.20 6.65
CA ASP A 49 5.15 1.46 5.29
C ASP A 49 3.64 1.69 5.22
N ILE A 50 2.89 0.85 5.92
CA ILE A 50 1.44 0.95 5.94
C ILE A 50 1.00 2.31 6.48
N LEU A 51 1.58 2.71 7.60
CA LEU A 51 1.25 3.99 8.22
C LEU A 51 1.69 5.15 7.34
N ASN A 52 2.59 4.87 6.41
CA ASN A 52 3.10 5.90 5.50
C ASN A 52 2.31 5.90 4.19
N TYR A 53 1.61 4.80 3.93
CA TYR A 53 0.81 4.68 2.70
C TYR A 53 -0.53 5.38 2.86
N LEU A 54 -1.02 5.46 4.09
CA LEU A 54 -2.30 6.10 4.38
C LEU A 54 -2.14 7.62 4.41
N GLU A 55 -1.10 8.08 5.12
CA GLU A 55 -0.85 9.51 5.23
C GLU A 55 -0.88 10.19 3.86
N LYS A 56 -0.54 9.42 2.82
CA LYS A 56 -0.52 9.93 1.46
C LYS A 56 -1.94 10.11 0.93
N GLN A 57 -2.84 9.25 1.39
CA GLN A 57 -4.24 9.31 0.96
C GLN A 57 -5.00 10.39 1.73
N THR A 58 -5.12 10.20 3.04
CA THR A 58 -5.82 11.16 3.89
C THR A 58 -5.63 12.58 3.38
N GLY A 59 -4.37 12.97 3.18
CA GLY A 59 -4.07 14.31 2.71
C GLY A 59 -4.06 14.39 1.20
N ALA A 60 -5.21 14.17 0.59
CA ALA A 60 -5.33 14.24 -0.87
C ALA A 60 -4.73 15.52 -1.42
N ILE A 61 -3.48 15.45 -1.87
CA ILE A 61 -2.79 16.61 -2.42
C ILE A 61 -2.99 17.83 -1.53
N LEU A 62 -2.99 17.61 -0.22
CA LEU A 62 -3.16 18.70 0.74
C LEU A 62 -2.09 18.65 1.83
N PRO A 63 -1.72 19.82 2.36
CA PRO A 63 -0.71 19.93 3.41
C PRO A 63 -1.19 19.37 4.74
N PRO A 64 -0.25 18.83 5.53
CA PRO A 64 -0.55 18.26 6.84
C PRO A 64 -0.95 19.31 7.87
N SER A 65 -1.15 18.89 9.10
CA SER A 65 -1.53 19.80 10.17
C SER A 65 -0.55 20.97 10.28
N GLY A 66 0.74 20.64 10.30
CA GLY A 66 1.76 21.68 10.39
C GLY A 66 3.00 21.19 11.11
N PRO A 67 4.17 21.70 10.67
CA PRO A 67 5.47 21.33 11.26
C PRO A 67 5.64 21.87 12.68
N SER A 68 6.74 21.50 13.32
CA SER A 68 7.02 21.95 14.68
C SER A 68 7.38 23.43 14.69
N SER A 69 7.13 24.08 15.83
CA SER A 69 7.44 25.50 15.97
C SER A 69 8.86 25.71 16.49
N GLY A 70 9.21 24.98 17.55
CA GLY A 70 10.53 25.10 18.13
C GLY A 70 10.50 25.44 19.61
N GLY A 1 -6.97 0.86 -25.30
CA GLY A 1 -6.19 -0.33 -24.98
C GLY A 1 -5.30 -0.76 -26.14
N SER A 2 -4.77 -1.97 -26.06
CA SER A 2 -3.91 -2.50 -27.10
C SER A 2 -4.65 -2.59 -28.44
N SER A 3 -3.92 -2.36 -29.52
CA SER A 3 -4.50 -2.40 -30.85
C SER A 3 -4.76 -3.85 -31.28
N GLY A 4 -6.04 -4.17 -31.47
CA GLY A 4 -6.40 -5.52 -31.88
C GLY A 4 -6.63 -6.45 -30.70
N SER A 5 -6.30 -7.72 -30.88
CA SER A 5 -6.49 -8.71 -29.81
C SER A 5 -5.14 -9.19 -29.29
N SER A 6 -5.13 -9.68 -28.05
CA SER A 6 -3.90 -10.17 -27.43
C SER A 6 -4.21 -11.23 -26.38
N GLY A 7 -3.44 -12.32 -26.41
CA GLY A 7 -3.64 -13.39 -25.45
C GLY A 7 -3.47 -12.93 -24.02
N HIS A 8 -4.58 -12.85 -23.29
CA HIS A 8 -4.54 -12.42 -21.89
C HIS A 8 -4.93 -13.57 -20.96
N GLN A 9 -3.91 -14.21 -20.39
CA GLN A 9 -4.15 -15.33 -19.47
C GLN A 9 -3.61 -15.02 -18.08
N GLU A 10 -4.20 -15.65 -17.07
CA GLU A 10 -3.78 -15.45 -15.69
C GLU A 10 -3.62 -16.78 -14.96
N ILE A 11 -2.49 -17.43 -15.17
CA ILE A 11 -2.22 -18.71 -14.53
C ILE A 11 -1.85 -18.53 -13.06
N LYS A 12 -1.18 -17.42 -12.77
CA LYS A 12 -0.77 -17.12 -11.39
C LYS A 12 -0.26 -15.69 -11.29
N GLY A 13 -0.22 -15.18 -10.06
CA GLY A 13 0.25 -13.82 -9.83
C GLY A 13 1.49 -13.77 -8.98
N ARG A 14 1.81 -12.59 -8.47
CA ARG A 14 2.99 -12.41 -7.63
C ARG A 14 2.58 -12.12 -6.17
N LYS A 15 3.13 -12.90 -5.25
CA LYS A 15 2.83 -12.73 -3.84
C LYS A 15 3.57 -11.53 -3.27
N THR A 16 2.92 -10.83 -2.33
CA THR A 16 3.51 -9.66 -1.70
C THR A 16 4.47 -10.05 -0.58
N LEU A 17 5.67 -9.51 -0.60
CA LEU A 17 6.67 -9.80 0.42
C LEU A 17 6.50 -8.89 1.63
N ALA A 18 6.01 -9.46 2.72
CA ALA A 18 5.81 -8.70 3.95
C ALA A 18 5.36 -9.60 5.08
N THR A 19 5.43 -9.09 6.31
CA THR A 19 5.03 -9.86 7.49
C THR A 19 3.52 -10.10 7.50
N PRO A 20 3.09 -11.10 8.28
CA PRO A 20 1.67 -11.46 8.39
C PRO A 20 0.86 -10.39 9.13
N ALA A 21 1.46 -9.84 10.19
CA ALA A 21 0.80 -8.81 10.98
C ALA A 21 0.61 -7.53 10.18
N VAL A 22 1.54 -7.27 9.27
CA VAL A 22 1.47 -6.09 8.43
C VAL A 22 0.52 -6.28 7.26
N ARG A 23 0.52 -7.49 6.70
CA ARG A 23 -0.35 -7.80 5.57
C ARG A 23 -1.81 -7.50 5.91
N ARG A 24 -2.14 -7.57 7.19
CA ARG A 24 -3.51 -7.30 7.64
C ARG A 24 -3.76 -5.79 7.72
N LEU A 25 -2.80 -5.07 8.29
CA LEU A 25 -2.94 -3.62 8.44
C LEU A 25 -3.50 -2.99 7.17
N ALA A 26 -3.31 -3.67 6.05
CA ALA A 26 -3.80 -3.18 4.77
C ALA A 26 -5.24 -3.62 4.53
N MET A 27 -5.48 -4.93 4.67
CA MET A 27 -6.82 -5.48 4.48
C MET A 27 -7.84 -4.77 5.35
N GLU A 28 -7.37 -4.21 6.47
CA GLU A 28 -8.25 -3.49 7.38
C GLU A 28 -8.46 -2.05 6.93
N ASN A 29 -7.44 -1.49 6.28
CA ASN A 29 -7.51 -0.12 5.80
C ASN A 29 -7.68 -0.08 4.27
N ASN A 30 -8.10 -1.20 3.71
CA ASN A 30 -8.32 -1.31 2.27
C ASN A 30 -7.11 -0.78 1.51
N ILE A 31 -5.92 -1.23 1.90
CA ILE A 31 -4.69 -0.80 1.25
C ILE A 31 -4.19 -1.85 0.28
N LYS A 32 -3.65 -1.39 -0.85
CA LYS A 32 -3.13 -2.30 -1.87
C LYS A 32 -1.64 -2.58 -1.65
N LEU A 33 -1.36 -3.66 -0.92
CA LEU A 33 0.02 -4.04 -0.63
C LEU A 33 0.94 -3.72 -1.81
N SER A 34 0.48 -4.06 -3.01
CA SER A 34 1.26 -3.82 -4.21
C SER A 34 1.59 -2.33 -4.35
N GLU A 35 0.60 -1.48 -4.10
CA GLU A 35 0.79 -0.04 -4.20
C GLU A 35 1.70 0.46 -3.08
N VAL A 36 1.60 -0.17 -1.91
CA VAL A 36 2.41 0.22 -0.76
C VAL A 36 3.89 -0.02 -1.04
N VAL A 37 4.62 1.06 -1.33
CA VAL A 37 6.04 0.97 -1.61
C VAL A 37 6.81 0.43 -0.41
N GLY A 38 7.10 -0.87 -0.43
CA GLY A 38 7.82 -1.49 0.67
C GLY A 38 9.11 -0.77 0.97
N SER A 39 9.76 -1.16 2.07
CA SER A 39 11.02 -0.55 2.48
C SER A 39 12.11 -1.60 2.61
N GLY A 40 11.76 -2.73 3.21
CA GLY A 40 12.73 -3.80 3.39
C GLY A 40 13.68 -3.94 2.22
N LYS A 41 14.87 -4.48 2.48
CA LYS A 41 15.86 -4.65 1.43
C LYS A 41 15.25 -5.32 0.19
N ASP A 42 14.62 -6.46 0.40
CA ASP A 42 13.99 -7.19 -0.69
C ASP A 42 12.58 -6.66 -0.96
N GLY A 43 12.39 -5.37 -0.73
CA GLY A 43 11.09 -4.76 -0.95
C GLY A 43 10.07 -5.15 0.10
N ARG A 44 10.52 -5.93 1.08
CA ARG A 44 9.64 -6.38 2.16
C ARG A 44 8.92 -5.20 2.80
N ILE A 45 7.63 -5.10 2.54
CA ILE A 45 6.81 -4.02 3.10
C ILE A 45 6.70 -4.14 4.61
N LEU A 46 7.22 -3.14 5.32
CA LEU A 46 7.18 -3.13 6.78
C LEU A 46 5.93 -2.41 7.29
N LYS A 47 5.64 -2.57 8.58
CA LYS A 47 4.48 -1.94 9.19
C LYS A 47 4.49 -0.44 8.94
N GLU A 48 5.66 0.18 9.08
CA GLU A 48 5.81 1.61 8.87
C GLU A 48 5.25 2.02 7.51
N ASP A 49 5.58 1.25 6.49
CA ASP A 49 5.11 1.54 5.14
C ASP A 49 3.60 1.79 5.12
N ILE A 50 2.87 0.95 5.84
CA ILE A 50 1.41 1.08 5.90
C ILE A 50 1.01 2.47 6.39
N LEU A 51 1.60 2.89 7.52
CA LEU A 51 1.31 4.20 8.09
C LEU A 51 1.70 5.32 7.12
N ASN A 52 2.61 5.00 6.20
CA ASN A 52 3.08 5.97 5.22
C ASN A 52 2.17 5.99 3.99
N TYR A 53 1.41 4.92 3.82
CA TYR A 53 0.50 4.82 2.68
C TYR A 53 -0.85 5.47 3.00
N LEU A 54 -1.13 5.64 4.29
CA LEU A 54 -2.38 6.24 4.73
C LEU A 54 -2.24 7.76 4.86
N GLU A 55 -1.10 8.19 5.40
CA GLU A 55 -0.84 9.62 5.58
C GLU A 55 -1.15 10.39 4.29
N LYS A 56 -1.03 9.71 3.17
CA LYS A 56 -1.30 10.34 1.87
C LYS A 56 -2.79 10.46 1.63
N GLN A 57 -3.56 9.49 2.12
CA GLN A 57 -5.00 9.49 1.96
C GLN A 57 -5.66 10.45 2.94
N THR A 58 -5.38 10.25 4.23
CA THR A 58 -5.95 11.10 5.27
C THR A 58 -6.09 12.54 4.79
N GLY A 59 -7.29 13.09 4.95
CA GLY A 59 -7.55 14.45 4.53
C GLY A 59 -8.75 14.57 3.60
N ALA A 60 -8.72 13.78 2.52
CA ALA A 60 -9.81 13.79 1.55
C ALA A 60 -11.15 13.59 2.22
N ILE A 61 -12.17 14.31 1.76
CA ILE A 61 -13.51 14.21 2.32
C ILE A 61 -14.44 13.43 1.38
N LEU A 62 -13.91 12.37 0.79
CA LEU A 62 -14.69 11.54 -0.12
C LEU A 62 -15.76 10.75 0.64
N PRO A 63 -16.81 10.33 -0.09
CA PRO A 63 -17.91 9.56 0.50
C PRO A 63 -17.49 8.16 0.89
N PRO A 64 -18.27 7.53 1.80
CA PRO A 64 -18.00 6.18 2.28
C PRO A 64 -18.23 5.12 1.21
N SER A 65 -17.37 4.11 1.17
CA SER A 65 -17.48 3.04 0.18
C SER A 65 -17.51 1.68 0.86
N GLY A 66 -17.97 0.66 0.14
CA GLY A 66 -18.04 -0.68 0.69
C GLY A 66 -19.08 -0.80 1.79
N PRO A 67 -20.35 -0.99 1.39
CA PRO A 67 -21.46 -1.13 2.34
C PRO A 67 -21.40 -2.44 3.13
N SER A 68 -22.33 -2.61 4.06
CA SER A 68 -22.37 -3.81 4.89
C SER A 68 -23.80 -4.31 5.02
N SER A 69 -23.96 -5.63 5.01
CA SER A 69 -25.27 -6.26 5.13
C SER A 69 -25.15 -7.75 5.36
N GLY A 70 -25.42 -8.19 6.59
CA GLY A 70 -25.33 -9.60 6.91
C GLY A 70 -24.81 -9.84 8.31
N GLY A 1 1.60 11.33 -31.65
CA GLY A 1 2.09 10.36 -30.68
C GLY A 1 1.17 9.17 -30.53
N SER A 2 1.73 8.01 -30.21
CA SER A 2 0.95 6.80 -30.06
C SER A 2 1.58 5.87 -29.01
N SER A 3 0.85 5.63 -27.92
CA SER A 3 1.34 4.78 -26.86
C SER A 3 0.19 4.01 -26.21
N GLY A 4 0.47 2.79 -25.76
CA GLY A 4 -0.54 1.97 -25.13
C GLY A 4 0.04 0.99 -24.14
N SER A 5 -0.66 0.80 -23.02
CA SER A 5 -0.21 -0.11 -21.98
C SER A 5 -1.24 -1.21 -21.72
N SER A 6 -0.95 -2.41 -22.21
CA SER A 6 -1.86 -3.54 -22.04
C SER A 6 -1.53 -4.31 -20.76
N GLY A 7 -2.45 -4.28 -19.80
CA GLY A 7 -2.24 -4.98 -18.54
C GLY A 7 -1.64 -4.08 -17.48
N HIS A 8 -0.47 -4.46 -16.98
CA HIS A 8 0.21 -3.68 -15.95
C HIS A 8 1.59 -3.23 -16.41
N GLN A 9 2.23 -2.37 -15.62
CA GLN A 9 3.55 -1.87 -15.96
C GLN A 9 4.57 -2.29 -14.91
N GLU A 10 5.82 -2.49 -15.34
CA GLU A 10 6.89 -2.90 -14.44
C GLU A 10 6.39 -3.94 -13.45
N ILE A 11 5.80 -5.02 -13.97
CA ILE A 11 5.28 -6.09 -13.13
C ILE A 11 6.38 -7.10 -12.80
N LYS A 12 6.27 -7.71 -11.63
CA LYS A 12 7.25 -8.71 -11.19
C LYS A 12 6.72 -10.12 -11.40
N GLY A 13 5.48 -10.36 -10.98
CA GLY A 13 4.88 -11.67 -11.14
C GLY A 13 5.21 -12.60 -9.99
N ARG A 14 5.57 -12.02 -8.85
CA ARG A 14 5.91 -12.81 -7.67
C ARG A 14 5.14 -12.32 -6.45
N LYS A 15 4.99 -13.19 -5.46
CA LYS A 15 4.27 -12.85 -4.23
C LYS A 15 4.90 -11.63 -3.56
N THR A 16 4.08 -10.88 -2.84
CA THR A 16 4.54 -9.67 -2.15
C THR A 16 5.26 -10.03 -0.85
N LEU A 17 6.39 -9.38 -0.60
CA LEU A 17 7.16 -9.62 0.60
C LEU A 17 6.75 -8.69 1.73
N ALA A 18 6.24 -9.26 2.82
CA ALA A 18 5.80 -8.47 3.97
C ALA A 18 5.38 -9.37 5.12
N THR A 19 5.55 -8.88 6.34
CA THR A 19 5.19 -9.64 7.53
C THR A 19 3.69 -9.94 7.56
N PRO A 20 3.30 -10.94 8.36
CA PRO A 20 1.89 -11.33 8.50
C PRO A 20 1.07 -10.28 9.24
N ALA A 21 1.68 -9.65 10.24
CA ALA A 21 1.00 -8.62 11.02
C ALA A 21 0.68 -7.40 10.16
N VAL A 22 1.59 -7.06 9.25
CA VAL A 22 1.40 -5.92 8.37
C VAL A 22 0.40 -6.23 7.26
N ARG A 23 0.50 -7.44 6.72
CA ARG A 23 -0.39 -7.87 5.65
C ARG A 23 -1.85 -7.58 6.00
N ARG A 24 -2.17 -7.64 7.29
CA ARG A 24 -3.52 -7.38 7.75
C ARG A 24 -3.80 -5.88 7.82
N LEU A 25 -2.81 -5.14 8.30
CA LEU A 25 -2.94 -3.69 8.42
C LEU A 25 -3.47 -3.08 7.13
N ALA A 26 -3.35 -3.83 6.02
CA ALA A 26 -3.81 -3.36 4.73
C ALA A 26 -5.25 -3.79 4.48
N MET A 27 -5.51 -5.09 4.66
CA MET A 27 -6.85 -5.63 4.45
C MET A 27 -7.88 -4.87 5.29
N GLU A 28 -7.46 -4.40 6.46
CA GLU A 28 -8.34 -3.67 7.36
C GLU A 28 -8.52 -2.22 6.88
N ASN A 29 -7.46 -1.66 6.32
CA ASN A 29 -7.49 -0.29 5.82
C ASN A 29 -7.64 -0.26 4.31
N ASN A 30 -8.09 -1.38 3.74
CA ASN A 30 -8.28 -1.48 2.30
C ASN A 30 -7.08 -0.89 1.55
N ILE A 31 -5.88 -1.31 1.95
CA ILE A 31 -4.66 -0.82 1.31
C ILE A 31 -4.07 -1.86 0.38
N LYS A 32 -3.58 -1.41 -0.77
CA LYS A 32 -2.98 -2.31 -1.75
C LYS A 32 -1.48 -2.47 -1.50
N LEU A 33 -1.12 -3.52 -0.78
CA LEU A 33 0.29 -3.78 -0.48
C LEU A 33 1.18 -3.38 -1.65
N SER A 34 0.89 -3.92 -2.82
CA SER A 34 1.66 -3.62 -4.02
C SER A 34 1.84 -2.11 -4.18
N GLU A 35 0.78 -1.35 -3.93
CA GLU A 35 0.83 0.10 -4.04
C GLU A 35 1.70 0.70 -2.95
N VAL A 36 1.77 0.03 -1.81
CA VAL A 36 2.57 0.50 -0.68
C VAL A 36 4.06 0.37 -0.97
N VAL A 37 4.79 1.46 -0.82
CA VAL A 37 6.23 1.47 -1.06
C VAL A 37 6.97 0.71 0.03
N GLY A 38 7.39 -0.51 -0.29
CA GLY A 38 8.12 -1.32 0.69
C GLY A 38 9.56 -0.87 0.86
N SER A 39 10.10 -1.05 2.06
CA SER A 39 11.46 -0.65 2.35
C SER A 39 12.31 -1.86 2.73
N GLY A 40 11.68 -2.83 3.39
CA GLY A 40 12.39 -4.03 3.81
C GLY A 40 13.15 -4.67 2.66
N LYS A 41 14.22 -5.39 3.01
CA LYS A 41 15.03 -6.06 2.00
C LYS A 41 14.17 -6.83 1.01
N ASP A 42 14.64 -6.94 -0.23
CA ASP A 42 13.91 -7.66 -1.27
C ASP A 42 12.56 -6.98 -1.54
N GLY A 43 12.55 -5.66 -1.52
CA GLY A 43 11.33 -4.91 -1.75
C GLY A 43 10.22 -5.29 -0.78
N ARG A 44 10.61 -5.75 0.40
CA ARG A 44 9.64 -6.15 1.41
C ARG A 44 9.04 -4.93 2.11
N ILE A 45 7.74 -4.97 2.34
CA ILE A 45 7.04 -3.86 3.00
C ILE A 45 6.99 -4.06 4.50
N LEU A 46 7.10 -2.98 5.24
CA LEU A 46 7.06 -3.03 6.70
C LEU A 46 5.79 -2.39 7.23
N LYS A 47 5.67 -2.34 8.56
CA LYS A 47 4.50 -1.74 9.19
C LYS A 47 4.46 -0.23 8.98
N GLU A 48 5.63 0.40 9.09
CA GLU A 48 5.73 1.85 8.91
C GLU A 48 5.15 2.27 7.56
N ASP A 49 5.54 1.56 6.51
CA ASP A 49 5.05 1.86 5.16
C ASP A 49 3.54 2.03 5.16
N ILE A 50 2.83 1.09 5.77
CA ILE A 50 1.38 1.15 5.83
C ILE A 50 0.91 2.47 6.43
N LEU A 51 1.55 2.88 7.52
CA LEU A 51 1.20 4.13 8.18
C LEU A 51 1.53 5.33 7.29
N ASN A 52 2.39 5.11 6.31
CA ASN A 52 2.79 6.17 5.39
C ASN A 52 1.93 6.15 4.12
N TYR A 53 1.29 5.02 3.88
CA TYR A 53 0.44 4.87 2.70
C TYR A 53 -0.94 5.49 2.94
N LEU A 54 -1.34 5.54 4.21
CA LEU A 54 -2.64 6.11 4.58
C LEU A 54 -2.58 7.63 4.59
N GLU A 55 -1.56 8.18 5.24
CA GLU A 55 -1.38 9.62 5.31
C GLU A 55 -1.55 10.26 3.95
N LYS A 56 -1.14 9.54 2.90
CA LYS A 56 -1.23 10.04 1.54
C LYS A 56 -2.69 10.15 1.10
N GLN A 57 -3.51 9.21 1.57
CA GLN A 57 -4.93 9.19 1.23
C GLN A 57 -5.70 10.22 2.04
N THR A 58 -5.73 10.03 3.36
CA THR A 58 -6.44 10.94 4.25
C THR A 58 -6.33 12.38 3.76
N GLY A 59 -5.21 12.70 3.11
CA GLY A 59 -5.01 14.04 2.60
C GLY A 59 -5.12 14.11 1.09
N ALA A 60 -6.33 13.92 0.57
CA ALA A 60 -6.55 13.96 -0.86
C ALA A 60 -7.46 15.13 -1.24
N ILE A 61 -7.76 15.25 -2.52
CA ILE A 61 -8.61 16.32 -3.02
C ILE A 61 -10.07 15.90 -3.05
N LEU A 62 -10.81 16.23 -2.00
CA LEU A 62 -12.22 15.88 -1.90
C LEU A 62 -13.03 17.02 -1.27
N PRO A 63 -14.26 17.21 -1.76
CA PRO A 63 -15.16 18.26 -1.26
C PRO A 63 -15.64 17.98 0.16
N PRO A 64 -15.89 19.05 0.92
CA PRO A 64 -16.36 18.95 2.30
C PRO A 64 -17.80 18.44 2.39
N SER A 65 -18.38 18.15 1.23
CA SER A 65 -19.76 17.65 1.18
C SER A 65 -20.02 16.68 2.33
N GLY A 66 -19.04 15.84 2.63
CA GLY A 66 -19.19 14.88 3.70
C GLY A 66 -18.02 13.92 3.80
N PRO A 67 -16.91 14.40 4.38
CA PRO A 67 -15.70 13.60 4.55
C PRO A 67 -15.88 12.48 5.57
N SER A 68 -17.05 12.41 6.16
CA SER A 68 -17.35 11.39 7.15
C SER A 68 -16.33 11.43 8.30
N SER A 69 -15.88 12.63 8.64
CA SER A 69 -14.91 12.80 9.70
C SER A 69 -15.53 13.53 10.89
N GLY A 70 -14.81 13.54 12.02
CA GLY A 70 -15.31 14.21 13.21
C GLY A 70 -15.33 13.30 14.42
N GLY A 1 -32.44 -5.21 -17.19
CA GLY A 1 -32.20 -4.60 -15.89
C GLY A 1 -30.81 -4.01 -15.77
N SER A 2 -30.42 -3.68 -14.54
CA SER A 2 -29.11 -3.10 -14.30
C SER A 2 -28.00 -3.98 -14.86
N SER A 3 -28.06 -5.27 -14.55
CA SER A 3 -27.07 -6.22 -15.03
C SER A 3 -26.85 -6.07 -16.53
N GLY A 4 -25.61 -5.74 -16.91
CA GLY A 4 -25.29 -5.57 -18.31
C GLY A 4 -24.23 -6.55 -18.78
N SER A 5 -23.04 -6.47 -18.20
CA SER A 5 -21.94 -7.35 -18.57
C SER A 5 -20.85 -7.35 -17.48
N SER A 6 -20.62 -8.51 -16.89
CA SER A 6 -19.61 -8.64 -15.85
C SER A 6 -18.21 -8.66 -16.44
N GLY A 7 -17.27 -8.04 -15.74
CA GLY A 7 -15.89 -7.99 -16.22
C GLY A 7 -15.07 -9.16 -15.71
N HIS A 8 -14.46 -8.98 -14.55
CA HIS A 8 -13.63 -10.03 -13.95
C HIS A 8 -14.49 -11.15 -13.38
N GLN A 9 -13.92 -12.34 -13.28
CA GLN A 9 -14.64 -13.49 -12.76
C GLN A 9 -13.92 -14.07 -11.54
N GLU A 10 -12.61 -14.26 -11.65
CA GLU A 10 -11.82 -14.81 -10.56
C GLU A 10 -10.51 -14.04 -10.41
N ILE A 11 -9.94 -14.07 -9.21
CA ILE A 11 -8.69 -13.39 -8.93
C ILE A 11 -7.50 -14.32 -9.17
N LYS A 12 -6.37 -13.73 -9.59
CA LYS A 12 -5.16 -14.50 -9.86
C LYS A 12 -4.36 -14.70 -8.58
N GLY A 13 -4.28 -13.65 -7.76
CA GLY A 13 -3.54 -13.73 -6.51
C GLY A 13 -2.17 -13.10 -6.61
N ARG A 14 -2.12 -11.79 -6.48
CA ARG A 14 -0.85 -11.05 -6.56
C ARG A 14 -0.30 -10.77 -5.16
N LYS A 15 0.41 -11.74 -4.60
CA LYS A 15 0.98 -11.59 -3.27
C LYS A 15 2.28 -10.78 -3.33
N THR A 16 2.67 -10.22 -2.18
CA THR A 16 3.88 -9.43 -2.11
C THR A 16 4.71 -9.79 -0.88
N LEU A 17 5.95 -9.32 -0.83
CA LEU A 17 6.84 -9.60 0.28
C LEU A 17 6.52 -8.70 1.47
N ALA A 18 5.82 -9.26 2.47
CA ALA A 18 5.47 -8.50 3.66
C ALA A 18 4.95 -9.43 4.75
N THR A 19 5.45 -9.22 5.98
CA THR A 19 5.05 -10.04 7.11
C THR A 19 3.54 -10.25 7.13
N PRO A 20 3.09 -11.28 7.87
CA PRO A 20 1.67 -11.60 7.99
C PRO A 20 0.90 -10.57 8.81
N ALA A 21 1.53 -10.07 9.87
CA ALA A 21 0.90 -9.08 10.73
C ALA A 21 0.68 -7.78 9.98
N VAL A 22 1.51 -7.52 8.97
CA VAL A 22 1.39 -6.30 8.17
C VAL A 22 0.39 -6.49 7.04
N ARG A 23 0.33 -7.69 6.50
CA ARG A 23 -0.60 -7.99 5.40
C ARG A 23 -2.04 -7.71 5.81
N ARG A 24 -2.29 -7.71 7.12
CA ARG A 24 -3.62 -7.45 7.64
C ARG A 24 -3.84 -5.96 7.83
N LEU A 25 -2.80 -5.25 8.25
CA LEU A 25 -2.89 -3.81 8.47
C LEU A 25 -3.49 -3.11 7.25
N ALA A 26 -3.39 -3.76 6.09
CA ALA A 26 -3.93 -3.19 4.86
C ALA A 26 -5.40 -3.57 4.68
N MET A 27 -5.69 -4.86 4.76
CA MET A 27 -7.06 -5.35 4.61
C MET A 27 -7.99 -4.65 5.58
N GLU A 28 -7.43 -4.12 6.66
CA GLU A 28 -8.21 -3.43 7.68
C GLU A 28 -8.31 -1.94 7.37
N ASN A 29 -7.37 -1.45 6.57
CA ASN A 29 -7.35 -0.04 6.20
C ASN A 29 -7.60 0.13 4.70
N ASN A 30 -8.09 -0.93 4.05
CA ASN A 30 -8.37 -0.89 2.62
C ASN A 30 -7.17 -0.38 1.84
N ILE A 31 -6.01 -0.98 2.09
CA ILE A 31 -4.78 -0.59 1.41
C ILE A 31 -4.26 -1.73 0.54
N LYS A 32 -3.73 -1.36 -0.63
CA LYS A 32 -3.19 -2.35 -1.56
C LYS A 32 -1.69 -2.52 -1.36
N LEU A 33 -1.30 -3.52 -0.58
CA LEU A 33 0.11 -3.78 -0.30
C LEU A 33 0.96 -3.53 -1.55
N SER A 34 0.66 -4.26 -2.63
CA SER A 34 1.40 -4.12 -3.88
C SER A 34 1.63 -2.65 -4.21
N GLU A 35 0.62 -1.82 -3.91
CA GLU A 35 0.71 -0.39 -4.19
C GLU A 35 1.69 0.29 -3.23
N VAL A 36 1.78 -0.25 -2.01
CA VAL A 36 2.68 0.30 -1.00
C VAL A 36 4.14 0.02 -1.35
N VAL A 37 4.91 1.09 -1.52
CA VAL A 37 6.32 0.96 -1.86
C VAL A 37 7.12 0.40 -0.68
N GLY A 38 7.41 -0.89 -0.73
CA GLY A 38 8.16 -1.53 0.33
C GLY A 38 9.52 -0.88 0.54
N SER A 39 10.06 -1.02 1.75
CA SER A 39 11.35 -0.44 2.08
C SER A 39 12.34 -1.53 2.47
N GLY A 40 11.86 -2.54 3.18
CA GLY A 40 12.72 -3.63 3.60
C GLY A 40 13.72 -4.05 2.53
N LYS A 41 14.80 -4.66 2.96
CA LYS A 41 15.84 -5.10 2.03
C LYS A 41 15.22 -5.61 0.72
N ASP A 42 14.56 -6.76 0.79
CA ASP A 42 13.92 -7.34 -0.38
C ASP A 42 12.56 -6.70 -0.63
N GLY A 43 12.55 -5.38 -0.76
CA GLY A 43 11.31 -4.67 -1.01
C GLY A 43 10.22 -5.06 -0.02
N ARG A 44 10.62 -5.65 1.10
CA ARG A 44 9.67 -6.08 2.11
C ARG A 44 8.96 -4.88 2.73
N ILE A 45 7.66 -4.77 2.50
CA ILE A 45 6.88 -3.67 3.03
C ILE A 45 6.78 -3.75 4.55
N LEU A 46 7.42 -2.79 5.23
CA LEU A 46 7.40 -2.75 6.68
C LEU A 46 6.10 -2.15 7.20
N LYS A 47 5.70 -2.55 8.40
CA LYS A 47 4.47 -2.04 9.01
C LYS A 47 4.37 -0.53 8.87
N GLU A 48 5.50 0.15 9.05
CA GLU A 48 5.54 1.61 8.92
C GLU A 48 5.02 2.06 7.57
N ASP A 49 5.41 1.34 6.52
CA ASP A 49 4.97 1.66 5.16
C ASP A 49 3.46 1.86 5.10
N ILE A 50 2.73 1.02 5.83
CA ILE A 50 1.28 1.10 5.87
C ILE A 50 0.81 2.44 6.41
N LEU A 51 1.40 2.86 7.53
CA LEU A 51 1.05 4.13 8.14
C LEU A 51 1.47 5.31 7.26
N ASN A 52 2.42 5.05 6.37
CA ASN A 52 2.91 6.08 5.47
C ASN A 52 2.09 6.13 4.19
N TYR A 53 1.47 4.99 3.86
CA TYR A 53 0.64 4.90 2.65
C TYR A 53 -0.74 5.50 2.88
N LEU A 54 -1.13 5.59 4.15
CA LEU A 54 -2.43 6.15 4.51
C LEU A 54 -2.40 7.67 4.48
N GLU A 55 -1.33 8.25 5.02
CA GLU A 55 -1.18 9.70 5.04
C GLU A 55 -1.26 10.28 3.63
N LYS A 56 -0.91 9.46 2.65
CA LYS A 56 -0.93 9.89 1.25
C LYS A 56 -2.34 9.78 0.67
N GLN A 57 -3.02 8.68 0.99
CA GLN A 57 -4.37 8.45 0.50
C GLN A 57 -5.37 9.37 1.19
N THR A 58 -5.07 9.72 2.44
CA THR A 58 -5.94 10.60 3.21
C THR A 58 -5.90 12.02 2.67
N GLY A 59 -4.71 12.50 2.34
CA GLY A 59 -4.56 13.84 1.81
C GLY A 59 -4.62 13.87 0.29
N ALA A 60 -5.58 13.15 -0.28
CA ALA A 60 -5.74 13.10 -1.73
C ALA A 60 -6.85 14.04 -2.18
N ILE A 61 -7.06 14.11 -3.50
CA ILE A 61 -8.09 14.97 -4.06
C ILE A 61 -9.22 14.15 -4.68
N LEU A 62 -9.55 13.02 -4.04
CA LEU A 62 -10.61 12.15 -4.52
C LEU A 62 -11.90 12.93 -4.75
N PRO A 63 -12.73 12.44 -5.68
CA PRO A 63 -14.01 13.07 -6.01
C PRO A 63 -15.03 12.94 -4.89
N PRO A 64 -15.92 13.94 -4.76
CA PRO A 64 -16.95 13.97 -3.73
C PRO A 64 -18.03 12.91 -3.97
N SER A 65 -18.34 12.68 -5.24
CA SER A 65 -19.35 11.71 -5.62
C SER A 65 -19.29 10.48 -4.72
N GLY A 66 -20.37 10.22 -3.98
CA GLY A 66 -20.41 9.08 -3.09
C GLY A 66 -21.66 8.24 -3.28
N PRO A 67 -21.77 7.60 -4.45
CA PRO A 67 -22.91 6.74 -4.78
C PRO A 67 -22.95 5.46 -3.96
N SER A 68 -21.81 5.14 -3.34
CA SER A 68 -21.71 3.93 -2.53
C SER A 68 -22.01 4.24 -1.06
N SER A 69 -21.22 5.13 -0.48
CA SER A 69 -21.39 5.52 0.92
C SER A 69 -22.07 6.88 1.03
N GLY A 70 -23.16 6.93 1.78
CA GLY A 70 -23.89 8.17 1.94
C GLY A 70 -23.56 8.87 3.25
N GLY A 1 36.87 -27.14 -5.97
CA GLY A 1 36.07 -26.05 -5.44
C GLY A 1 34.85 -25.76 -6.29
N SER A 2 34.07 -24.76 -5.88
CA SER A 2 32.86 -24.40 -6.61
C SER A 2 33.00 -23.01 -7.23
N SER A 3 32.02 -22.63 -8.04
CA SER A 3 32.03 -21.33 -8.71
C SER A 3 30.71 -20.61 -8.50
N GLY A 4 29.61 -21.28 -8.84
CA GLY A 4 28.30 -20.69 -8.68
C GLY A 4 27.97 -19.70 -9.80
N SER A 5 26.73 -19.71 -10.24
CA SER A 5 26.29 -18.81 -11.30
C SER A 5 24.76 -18.67 -11.30
N SER A 6 24.28 -17.48 -11.65
CA SER A 6 22.85 -17.22 -11.70
C SER A 6 22.58 -15.83 -12.27
N GLY A 7 21.33 -15.62 -12.71
CA GLY A 7 20.95 -14.34 -13.28
C GLY A 7 19.59 -14.37 -13.93
N HIS A 8 18.59 -14.84 -13.18
CA HIS A 8 17.23 -14.92 -13.69
C HIS A 8 16.25 -15.28 -12.57
N GLN A 9 15.03 -14.78 -12.69
CA GLN A 9 14.00 -15.04 -11.69
C GLN A 9 12.62 -14.63 -12.20
N GLU A 10 11.81 -15.62 -12.55
CA GLU A 10 10.46 -15.36 -13.05
C GLU A 10 9.47 -16.36 -12.47
N ILE A 11 8.42 -15.83 -11.82
CA ILE A 11 7.39 -16.67 -11.23
C ILE A 11 6.00 -16.06 -11.41
N LYS A 12 4.99 -16.90 -11.39
CA LYS A 12 3.61 -16.45 -11.55
C LYS A 12 2.88 -16.44 -10.21
N GLY A 13 1.65 -15.93 -10.21
CA GLY A 13 0.87 -15.88 -8.99
C GLY A 13 0.78 -14.49 -8.40
N ARG A 14 0.20 -14.38 -7.21
CA ARG A 14 0.06 -13.09 -6.55
C ARG A 14 0.48 -13.19 -5.08
N LYS A 15 1.75 -12.89 -4.81
CA LYS A 15 2.28 -12.93 -3.46
C LYS A 15 3.08 -11.68 -3.15
N THR A 16 2.87 -11.12 -1.95
CA THR A 16 3.58 -9.92 -1.53
C THR A 16 4.53 -10.22 -0.37
N LEU A 17 5.72 -9.63 -0.42
CA LEU A 17 6.72 -9.82 0.63
C LEU A 17 6.47 -8.88 1.80
N ALA A 18 5.97 -9.44 2.90
CA ALA A 18 5.70 -8.64 4.09
C ALA A 18 5.27 -9.54 5.26
N THR A 19 5.44 -9.04 6.47
CA THR A 19 5.07 -9.79 7.67
C THR A 19 3.57 -10.09 7.69
N PRO A 20 3.19 -11.09 8.50
CA PRO A 20 1.78 -11.49 8.63
C PRO A 20 0.94 -10.45 9.35
N ALA A 21 1.54 -9.82 10.37
CA ALA A 21 0.85 -8.79 11.13
C ALA A 21 0.54 -7.57 10.28
N VAL A 22 1.42 -7.29 9.33
CA VAL A 22 1.24 -6.14 8.44
C VAL A 22 0.26 -6.47 7.32
N ARG A 23 0.32 -7.69 6.80
CA ARG A 23 -0.56 -8.12 5.73
C ARG A 23 -2.01 -7.81 6.07
N ARG A 24 -2.31 -7.76 7.37
CA ARG A 24 -3.66 -7.47 7.83
C ARG A 24 -3.88 -5.97 8.01
N LEU A 25 -2.78 -5.25 8.23
CA LEU A 25 -2.84 -3.80 8.42
C LEU A 25 -3.37 -3.11 7.16
N ALA A 26 -3.27 -3.80 6.02
CA ALA A 26 -3.73 -3.25 4.76
C ALA A 26 -5.17 -3.68 4.47
N MET A 27 -5.47 -4.95 4.75
CA MET A 27 -6.81 -5.48 4.52
C MET A 27 -7.84 -4.74 5.37
N GLU A 28 -7.38 -4.13 6.45
CA GLU A 28 -8.26 -3.40 7.35
C GLU A 28 -8.41 -1.95 6.89
N ASN A 29 -7.37 -1.42 6.26
CA ASN A 29 -7.38 -0.05 5.78
C ASN A 29 -7.62 0.00 4.27
N ASN A 30 -7.98 -1.15 3.70
CA ASN A 30 -8.23 -1.23 2.27
C ASN A 30 -7.06 -0.66 1.47
N ILE A 31 -5.84 -1.05 1.86
CA ILE A 31 -4.65 -0.57 1.18
C ILE A 31 -4.08 -1.64 0.26
N LYS A 32 -3.66 -1.23 -0.93
CA LYS A 32 -3.09 -2.15 -1.91
C LYS A 32 -1.60 -2.37 -1.66
N LEU A 33 -1.26 -3.48 -1.03
CA LEU A 33 0.13 -3.80 -0.72
C LEU A 33 1.02 -3.50 -1.93
N SER A 34 0.63 -4.01 -3.09
CA SER A 34 1.39 -3.80 -4.31
C SER A 34 1.67 -2.31 -4.54
N GLU A 35 0.73 -1.47 -4.10
CA GLU A 35 0.87 -0.04 -4.25
C GLU A 35 1.73 0.56 -3.13
N VAL A 36 1.87 -0.20 -2.05
CA VAL A 36 2.67 0.25 -0.92
C VAL A 36 4.14 -0.11 -1.10
N VAL A 37 4.96 0.92 -1.37
CA VAL A 37 6.38 0.72 -1.57
C VAL A 37 7.07 0.27 -0.28
N GLY A 38 7.36 -1.02 -0.19
CA GLY A 38 8.01 -1.56 0.99
C GLY A 38 9.42 -1.02 1.17
N SER A 39 9.82 -0.85 2.43
CA SER A 39 11.15 -0.34 2.73
C SER A 39 12.19 -1.45 2.70
N GLY A 40 11.80 -2.63 3.17
CA GLY A 40 12.71 -3.76 3.18
C GLY A 40 13.62 -3.78 1.98
N LYS A 41 14.79 -4.40 2.13
CA LYS A 41 15.75 -4.48 1.04
C LYS A 41 15.15 -5.16 -0.18
N ASP A 42 14.53 -6.32 0.04
CA ASP A 42 13.89 -7.06 -1.04
C ASP A 42 12.48 -6.55 -1.31
N GLY A 43 12.23 -5.30 -0.92
CA GLY A 43 10.93 -4.71 -1.13
C GLY A 43 9.94 -5.08 -0.04
N ARG A 44 10.39 -5.87 0.93
CA ARG A 44 9.54 -6.31 2.03
C ARG A 44 8.80 -5.12 2.64
N ILE A 45 7.47 -5.19 2.62
CA ILE A 45 6.64 -4.12 3.18
C ILE A 45 6.53 -4.25 4.69
N LEU A 46 7.18 -3.32 5.39
CA LEU A 46 7.15 -3.33 6.86
C LEU A 46 5.85 -2.72 7.38
N LYS A 47 5.75 -2.59 8.69
CA LYS A 47 4.57 -2.02 9.33
C LYS A 47 4.49 -0.52 9.07
N GLU A 48 5.62 0.16 9.19
CA GLU A 48 5.67 1.61 8.97
C GLU A 48 5.10 1.97 7.60
N ASP A 49 5.51 1.23 6.57
CA ASP A 49 5.03 1.47 5.22
C ASP A 49 3.55 1.81 5.21
N ILE A 50 2.75 0.95 5.84
CA ILE A 50 1.31 1.15 5.91
C ILE A 50 0.97 2.54 6.44
N LEU A 51 1.46 2.84 7.64
CA LEU A 51 1.22 4.14 8.27
C LEU A 51 1.64 5.27 7.34
N ASN A 52 2.47 4.95 6.36
CA ASN A 52 2.96 5.94 5.41
C ASN A 52 2.08 5.97 4.17
N TYR A 53 1.33 4.90 3.95
CA TYR A 53 0.44 4.79 2.79
C TYR A 53 -0.87 5.52 3.05
N LEU A 54 -1.25 5.59 4.32
CA LEU A 54 -2.50 6.25 4.71
C LEU A 54 -2.35 7.77 4.64
N GLU A 55 -1.16 8.26 4.98
CA GLU A 55 -0.89 9.69 4.96
C GLU A 55 -0.99 10.24 3.55
N LYS A 56 -0.76 9.38 2.56
CA LYS A 56 -0.82 9.78 1.15
C LYS A 56 -2.27 9.97 0.71
N GLN A 57 -3.18 9.23 1.34
CA GLN A 57 -4.60 9.32 1.01
C GLN A 57 -5.16 10.67 1.43
N THR A 58 -5.18 10.92 2.73
CA THR A 58 -5.70 12.17 3.27
C THR A 58 -7.13 12.43 2.78
N GLY A 59 -7.91 11.35 2.68
CA GLY A 59 -9.28 11.47 2.24
C GLY A 59 -10.12 10.27 2.62
N ALA A 60 -9.54 9.09 2.49
CA ALA A 60 -10.25 7.85 2.82
C ALA A 60 -10.74 7.87 4.27
N ILE A 61 -11.33 6.77 4.71
CA ILE A 61 -11.85 6.67 6.07
C ILE A 61 -10.84 5.98 6.98
N LEU A 62 -10.18 6.77 7.83
CA LEU A 62 -9.20 6.23 8.76
C LEU A 62 -9.58 6.53 10.20
N PRO A 63 -9.07 5.73 11.14
CA PRO A 63 -9.34 5.90 12.57
C PRO A 63 -8.68 7.15 13.14
N PRO A 64 -9.10 7.53 14.36
CA PRO A 64 -8.56 8.70 15.04
C PRO A 64 -7.12 8.50 15.50
N SER A 65 -6.82 7.30 16.00
CA SER A 65 -5.49 6.98 16.47
C SER A 65 -4.49 6.96 15.31
N GLY A 66 -3.52 7.86 15.36
CA GLY A 66 -2.52 7.94 14.31
C GLY A 66 -1.13 8.21 14.85
N PRO A 67 -0.44 7.14 15.29
CA PRO A 67 0.91 7.25 15.85
C PRO A 67 1.95 7.59 14.79
N SER A 68 2.92 8.40 15.17
CA SER A 68 3.98 8.81 14.25
C SER A 68 5.31 8.96 14.97
N SER A 69 6.38 8.50 14.32
CA SER A 69 7.71 8.58 14.91
C SER A 69 8.69 9.26 13.95
N GLY A 70 9.85 9.64 14.48
CA GLY A 70 10.85 10.29 13.66
C GLY A 70 12.00 10.83 14.48
N GLY A 1 -27.47 -1.66 -32.07
CA GLY A 1 -26.48 -0.97 -31.27
C GLY A 1 -26.51 -1.41 -29.82
N SER A 2 -25.42 -1.13 -29.09
CA SER A 2 -25.32 -1.51 -27.69
C SER A 2 -24.93 -0.31 -26.84
N SER A 3 -25.68 -0.09 -25.76
CA SER A 3 -25.41 1.03 -24.85
C SER A 3 -24.34 0.66 -23.84
N GLY A 4 -23.66 1.68 -23.31
CA GLY A 4 -22.62 1.44 -22.33
C GLY A 4 -21.23 1.51 -22.94
N SER A 5 -20.24 1.75 -22.10
CA SER A 5 -18.86 1.85 -22.56
C SER A 5 -17.88 1.89 -21.38
N SER A 6 -17.17 0.79 -21.17
CA SER A 6 -16.21 0.71 -20.07
C SER A 6 -14.81 0.42 -20.59
N GLY A 7 -13.81 0.90 -19.85
CA GLY A 7 -12.42 0.68 -20.26
C GLY A 7 -11.49 0.59 -19.08
N HIS A 8 -11.52 -0.55 -18.39
CA HIS A 8 -10.66 -0.77 -17.23
C HIS A 8 -9.95 -2.12 -17.33
N GLN A 9 -8.64 -2.12 -17.12
CA GLN A 9 -7.86 -3.33 -17.18
C GLN A 9 -6.69 -3.28 -16.19
N GLU A 10 -6.46 -4.40 -15.51
CA GLU A 10 -5.37 -4.48 -14.53
C GLU A 10 -5.04 -5.93 -14.20
N ILE A 11 -3.78 -6.17 -13.84
CA ILE A 11 -3.33 -7.52 -13.50
C ILE A 11 -2.70 -7.55 -12.11
N LYS A 12 -2.78 -8.71 -11.46
CA LYS A 12 -2.22 -8.88 -10.13
C LYS A 12 -2.34 -10.34 -9.68
N GLY A 13 -1.45 -10.73 -8.76
CA GLY A 13 -1.47 -12.09 -8.25
C GLY A 13 -0.09 -12.62 -7.94
N ARG A 14 0.44 -12.25 -6.78
CA ARG A 14 1.76 -12.69 -6.38
C ARG A 14 1.89 -12.71 -4.86
N LYS A 15 2.76 -13.59 -4.35
CA LYS A 15 2.97 -13.70 -2.91
C LYS A 15 3.77 -12.52 -2.38
N THR A 16 3.09 -11.41 -2.14
CA THR A 16 3.74 -10.22 -1.63
C THR A 16 4.75 -10.55 -0.54
N LEU A 17 5.84 -9.77 -0.49
CA LEU A 17 6.88 -10.00 0.51
C LEU A 17 6.67 -9.13 1.74
N ALA A 18 6.07 -9.70 2.78
CA ALA A 18 5.81 -8.97 4.01
C ALA A 18 5.22 -9.89 5.08
N THR A 19 5.42 -9.51 6.34
CA THR A 19 4.91 -10.31 7.45
C THR A 19 3.39 -10.42 7.40
N PRO A 20 2.85 -11.42 8.11
CA PRO A 20 1.40 -11.65 8.17
C PRO A 20 0.67 -10.57 8.96
N ALA A 21 1.27 -10.14 10.06
CA ALA A 21 0.68 -9.11 10.91
C ALA A 21 0.52 -7.80 10.14
N VAL A 22 1.49 -7.50 9.29
CA VAL A 22 1.46 -6.27 8.50
C VAL A 22 0.49 -6.41 7.31
N ARG A 23 0.50 -7.59 6.69
CA ARG A 23 -0.37 -7.84 5.55
C ARG A 23 -1.82 -7.51 5.88
N ARG A 24 -2.20 -7.73 7.14
CA ARG A 24 -3.55 -7.44 7.58
C ARG A 24 -3.79 -5.94 7.72
N LEU A 25 -2.86 -5.27 8.39
CA LEU A 25 -2.96 -3.82 8.60
C LEU A 25 -3.57 -3.15 7.37
N ALA A 26 -3.34 -3.73 6.20
CA ALA A 26 -3.86 -3.18 4.96
C ALA A 26 -5.30 -3.66 4.71
N MET A 27 -5.52 -4.96 4.90
CA MET A 27 -6.84 -5.54 4.70
C MET A 27 -7.88 -4.83 5.57
N GLU A 28 -7.42 -4.19 6.64
CA GLU A 28 -8.32 -3.48 7.55
C GLU A 28 -8.45 -2.01 7.14
N ASN A 29 -7.46 -1.51 6.42
CA ASN A 29 -7.47 -0.12 5.97
C ASN A 29 -7.67 -0.04 4.46
N ASN A 30 -8.10 -1.15 3.87
CA ASN A 30 -8.34 -1.20 2.43
C ASN A 30 -7.16 -0.62 1.66
N ILE A 31 -5.97 -1.13 1.94
CA ILE A 31 -4.75 -0.67 1.28
C ILE A 31 -4.21 -1.72 0.32
N LYS A 32 -3.70 -1.26 -0.82
CA LYS A 32 -3.14 -2.16 -1.82
C LYS A 32 -1.66 -2.41 -1.56
N LEU A 33 -1.36 -3.48 -0.82
CA LEU A 33 0.02 -3.83 -0.51
C LEU A 33 0.95 -3.48 -1.66
N SER A 34 0.67 -4.04 -2.84
CA SER A 34 1.48 -3.79 -4.02
C SER A 34 1.80 -2.29 -4.15
N GLU A 35 0.77 -1.47 -3.94
CA GLU A 35 0.94 -0.02 -4.03
C GLU A 35 1.81 0.51 -2.90
N VAL A 36 1.76 -0.17 -1.76
CA VAL A 36 2.54 0.23 -0.60
C VAL A 36 4.02 -0.01 -0.83
N VAL A 37 4.73 1.05 -1.22
CA VAL A 37 6.17 0.95 -1.47
C VAL A 37 6.91 0.39 -0.26
N GLY A 38 7.30 -0.87 -0.35
CA GLY A 38 8.02 -1.51 0.74
C GLY A 38 9.37 -0.86 1.01
N SER A 39 9.78 -0.87 2.26
CA SER A 39 11.06 -0.28 2.66
C SER A 39 12.15 -1.35 2.72
N GLY A 40 11.81 -2.49 3.31
CA GLY A 40 12.78 -3.57 3.43
C GLY A 40 13.67 -3.70 2.21
N LYS A 41 14.84 -4.29 2.39
CA LYS A 41 15.79 -4.48 1.30
C LYS A 41 15.14 -5.21 0.14
N ASP A 42 14.63 -6.42 0.42
CA ASP A 42 13.99 -7.23 -0.61
C ASP A 42 12.54 -6.78 -0.82
N GLY A 43 12.35 -5.47 -0.97
CA GLY A 43 11.03 -4.93 -1.18
C GLY A 43 10.05 -5.35 -0.10
N ARG A 44 10.58 -5.83 1.02
CA ARG A 44 9.74 -6.27 2.13
C ARG A 44 9.02 -5.09 2.77
N ILE A 45 7.70 -5.07 2.63
CA ILE A 45 6.90 -4.00 3.19
C ILE A 45 6.78 -4.12 4.71
N LEU A 46 7.21 -3.08 5.41
CA LEU A 46 7.17 -3.07 6.87
C LEU A 46 5.96 -2.28 7.38
N LYS A 47 5.45 -2.67 8.54
CA LYS A 47 4.30 -2.00 9.12
C LYS A 47 4.33 -0.50 8.83
N GLU A 48 5.50 0.11 9.02
CA GLU A 48 5.66 1.54 8.77
C GLU A 48 5.11 1.91 7.39
N ASP A 49 5.70 1.33 6.35
CA ASP A 49 5.28 1.60 4.99
C ASP A 49 3.77 1.85 4.92
N ILE A 50 3.02 1.04 5.67
CA ILE A 50 1.56 1.18 5.70
C ILE A 50 1.14 2.56 6.16
N LEU A 51 1.70 3.00 7.29
CA LEU A 51 1.38 4.31 7.84
C LEU A 51 1.77 5.42 6.86
N ASN A 52 2.62 5.08 5.91
CA ASN A 52 3.07 6.05 4.91
C ASN A 52 2.14 6.06 3.70
N TYR A 53 1.36 4.98 3.56
CA TYR A 53 0.42 4.87 2.44
C TYR A 53 -0.91 5.50 2.78
N LEU A 54 -1.18 5.64 4.09
CA LEU A 54 -2.44 6.24 4.55
C LEU A 54 -2.31 7.76 4.65
N GLU A 55 -1.16 8.21 5.14
CA GLU A 55 -0.92 9.64 5.30
C GLU A 55 -1.27 10.40 4.03
N LYS A 56 -1.19 9.71 2.89
CA LYS A 56 -1.51 10.32 1.61
C LYS A 56 -3.02 10.36 1.39
N GLN A 57 -3.72 9.41 1.98
CA GLN A 57 -5.18 9.34 1.85
C GLN A 57 -5.86 10.24 2.87
N THR A 58 -5.44 10.12 4.13
CA THR A 58 -6.01 10.92 5.20
C THR A 58 -5.91 12.41 4.89
N GLY A 59 -5.07 12.75 3.93
CA GLY A 59 -4.89 14.14 3.54
C GLY A 59 -5.66 14.50 2.29
N ALA A 60 -5.86 13.53 1.41
CA ALA A 60 -6.58 13.75 0.17
C ALA A 60 -8.05 14.07 0.44
N ILE A 61 -8.67 14.78 -0.49
CA ILE A 61 -10.07 15.17 -0.35
C ILE A 61 -10.99 13.95 -0.48
N LEU A 62 -10.39 12.78 -0.69
CA LEU A 62 -11.14 11.55 -0.84
C LEU A 62 -11.37 10.88 0.51
N PRO A 63 -12.55 10.27 0.68
CA PRO A 63 -12.91 9.59 1.93
C PRO A 63 -12.10 8.31 2.14
N PRO A 64 -11.84 7.97 3.41
CA PRO A 64 -11.08 6.78 3.78
C PRO A 64 -11.86 5.49 3.50
N SER A 65 -11.59 4.90 2.34
CA SER A 65 -12.27 3.66 1.94
C SER A 65 -12.52 2.77 3.17
N GLY A 66 -13.77 2.74 3.61
CA GLY A 66 -14.12 1.92 4.76
C GLY A 66 -14.54 2.75 5.96
N PRO A 67 -15.49 2.23 6.75
CA PRO A 67 -15.99 2.92 7.94
C PRO A 67 -14.95 2.98 9.06
N SER A 68 -14.65 4.19 9.52
CA SER A 68 -13.67 4.39 10.58
C SER A 68 -13.96 5.67 11.35
N SER A 69 -14.44 5.52 12.58
CA SER A 69 -14.76 6.66 13.43
C SER A 69 -13.66 7.73 13.33
N GLY A 70 -14.08 8.98 13.16
CA GLY A 70 -13.13 10.07 13.07
C GLY A 70 -12.90 10.51 11.64
N GLY A 1 38.51 -9.70 -16.10
CA GLY A 1 37.11 -9.41 -15.87
C GLY A 1 36.34 -10.63 -15.37
N SER A 2 35.56 -11.24 -16.26
CA SER A 2 34.78 -12.41 -15.90
C SER A 2 34.21 -12.29 -14.49
N SER A 3 33.68 -11.11 -14.18
CA SER A 3 33.11 -10.84 -12.87
C SER A 3 31.78 -11.58 -12.70
N GLY A 4 30.86 -11.34 -13.62
CA GLY A 4 29.56 -11.98 -13.56
C GLY A 4 28.44 -11.00 -13.28
N SER A 5 28.36 -9.96 -14.09
CA SER A 5 27.32 -8.94 -13.92
C SER A 5 25.96 -9.58 -13.65
N SER A 6 25.05 -8.82 -13.06
CA SER A 6 23.72 -9.32 -12.75
C SER A 6 22.66 -8.29 -13.12
N GLY A 7 21.58 -8.76 -13.74
CA GLY A 7 20.50 -7.87 -14.14
C GLY A 7 19.47 -8.57 -15.01
N HIS A 8 18.19 -8.41 -14.65
CA HIS A 8 17.11 -9.02 -15.40
C HIS A 8 15.97 -8.03 -15.61
N GLN A 9 15.43 -8.01 -16.82
CA GLN A 9 14.32 -7.11 -17.16
C GLN A 9 13.04 -7.55 -16.47
N GLU A 10 12.93 -8.85 -16.20
CA GLU A 10 11.75 -9.40 -15.54
C GLU A 10 12.07 -9.81 -14.11
N ILE A 11 11.12 -9.56 -13.21
CA ILE A 11 11.30 -9.91 -11.80
C ILE A 11 10.49 -11.15 -11.44
N LYS A 12 10.99 -11.90 -10.46
CA LYS A 12 10.31 -13.12 -10.02
C LYS A 12 9.50 -12.85 -8.75
N GLY A 13 8.82 -11.72 -8.71
CA GLY A 13 8.01 -11.36 -7.56
C GLY A 13 6.54 -11.65 -7.76
N ARG A 14 6.16 -12.92 -7.65
CA ARG A 14 4.77 -13.32 -7.83
C ARG A 14 3.90 -12.77 -6.71
N LYS A 15 4.33 -12.96 -5.47
CA LYS A 15 3.59 -12.48 -4.31
C LYS A 15 4.30 -11.30 -3.67
N THR A 16 3.63 -10.65 -2.72
CA THR A 16 4.19 -9.51 -2.02
C THR A 16 5.04 -9.94 -0.84
N LEU A 17 6.04 -9.14 -0.50
CA LEU A 17 6.92 -9.45 0.62
C LEU A 17 6.65 -8.52 1.80
N ALA A 18 6.06 -9.07 2.86
CA ALA A 18 5.75 -8.29 4.05
C ALA A 18 5.23 -9.18 5.17
N THR A 19 5.67 -8.91 6.39
CA THR A 19 5.24 -9.69 7.55
C THR A 19 3.75 -10.00 7.49
N PRO A 20 3.32 -11.02 8.25
CA PRO A 20 1.92 -11.43 8.31
C PRO A 20 1.04 -10.40 9.01
N ALA A 21 1.57 -9.82 10.09
CA ALA A 21 0.83 -8.82 10.85
C ALA A 21 0.60 -7.55 10.03
N VAL A 22 1.54 -7.27 9.12
CA VAL A 22 1.44 -6.09 8.28
C VAL A 22 0.49 -6.33 7.11
N ARG A 23 0.50 -7.55 6.58
CA ARG A 23 -0.36 -7.91 5.46
C ARG A 23 -1.83 -7.64 5.80
N ARG A 24 -2.15 -7.69 7.09
CA ARG A 24 -3.51 -7.46 7.55
C ARG A 24 -3.79 -5.97 7.71
N LEU A 25 -2.80 -5.25 8.22
CA LEU A 25 -2.95 -3.81 8.43
C LEU A 25 -3.53 -3.13 7.20
N ALA A 26 -3.35 -3.77 6.05
CA ALA A 26 -3.87 -3.24 4.79
C ALA A 26 -5.33 -3.64 4.57
N MET A 27 -5.58 -4.94 4.62
CA MET A 27 -6.93 -5.46 4.42
C MET A 27 -7.93 -4.72 5.31
N GLU A 28 -7.47 -4.32 6.49
CA GLU A 28 -8.32 -3.60 7.43
C GLU A 28 -8.50 -2.14 7.01
N ASN A 29 -7.51 -1.62 6.29
CA ASN A 29 -7.55 -0.24 5.82
C ASN A 29 -7.73 -0.18 4.32
N ASN A 30 -8.19 -1.28 3.73
CA ASN A 30 -8.39 -1.35 2.29
C ASN A 30 -7.20 -0.78 1.54
N ILE A 31 -6.00 -1.11 2.00
CA ILE A 31 -4.78 -0.63 1.37
C ILE A 31 -4.21 -1.66 0.40
N LYS A 32 -3.68 -1.18 -0.72
CA LYS A 32 -3.10 -2.06 -1.74
C LYS A 32 -1.62 -2.28 -1.48
N LEU A 33 -1.29 -3.40 -0.84
CA LEU A 33 0.10 -3.74 -0.54
C LEU A 33 1.01 -3.38 -1.71
N SER A 34 0.71 -3.93 -2.87
CA SER A 34 1.51 -3.67 -4.07
C SER A 34 1.76 -2.18 -4.24
N GLU A 35 0.79 -1.37 -3.84
CA GLU A 35 0.90 0.08 -3.94
C GLU A 35 1.83 0.63 -2.87
N VAL A 36 1.87 -0.04 -1.73
CA VAL A 36 2.71 0.38 -0.62
C VAL A 36 4.19 0.10 -0.90
N VAL A 37 4.91 1.11 -1.36
CA VAL A 37 6.32 0.96 -1.67
C VAL A 37 7.12 0.58 -0.43
N GLY A 38 7.45 -0.70 -0.30
CA GLY A 38 8.21 -1.16 0.84
C GLY A 38 9.64 -0.68 0.81
N SER A 39 10.37 -0.90 1.91
CA SER A 39 11.75 -0.48 2.01
C SER A 39 12.66 -1.66 2.35
N GLY A 40 12.22 -2.48 3.31
CA GLY A 40 13.01 -3.64 3.71
C GLY A 40 13.48 -4.45 2.53
N LYS A 41 14.72 -4.93 2.60
CA LYS A 41 15.29 -5.72 1.52
C LYS A 41 14.24 -6.62 0.89
N ASP A 42 14.40 -6.90 -0.40
CA ASP A 42 13.46 -7.74 -1.13
C ASP A 42 12.05 -7.16 -1.09
N GLY A 43 11.96 -5.86 -1.33
CA GLY A 43 10.67 -5.20 -1.32
C GLY A 43 9.88 -5.47 -0.05
N ARG A 44 10.59 -5.88 1.00
CA ARG A 44 9.94 -6.19 2.28
C ARG A 44 9.26 -4.96 2.85
N ILE A 45 7.93 -4.99 2.90
CA ILE A 45 7.15 -3.88 3.42
C ILE A 45 7.07 -3.93 4.94
N LEU A 46 7.43 -2.83 5.59
CA LEU A 46 7.41 -2.74 7.04
C LEU A 46 6.15 -2.02 7.52
N LYS A 47 5.62 -2.45 8.65
CA LYS A 47 4.42 -1.85 9.21
C LYS A 47 4.40 -0.34 8.97
N GLU A 48 5.57 0.28 9.09
CA GLU A 48 5.69 1.72 8.87
C GLU A 48 5.11 2.13 7.52
N ASP A 49 5.57 1.48 6.46
CA ASP A 49 5.10 1.76 5.12
C ASP A 49 3.58 1.95 5.11
N ILE A 50 2.87 1.03 5.76
CA ILE A 50 1.42 1.09 5.83
C ILE A 50 0.95 2.46 6.33
N LEU A 51 1.57 2.93 7.41
CA LEU A 51 1.22 4.22 7.99
C LEU A 51 1.55 5.35 7.03
N ASN A 52 2.40 5.07 6.05
CA ASN A 52 2.80 6.07 5.07
C ASN A 52 1.87 6.05 3.86
N TYR A 53 1.11 4.97 3.72
CA TYR A 53 0.18 4.81 2.61
C TYR A 53 -1.17 5.43 2.96
N LEU A 54 -1.47 5.51 4.25
CA LEU A 54 -2.72 6.08 4.71
C LEU A 54 -2.63 7.59 4.81
N GLU A 55 -1.52 8.09 5.36
CA GLU A 55 -1.31 9.52 5.51
C GLU A 55 -1.71 10.27 4.24
N LYS A 56 -1.61 9.58 3.10
CA LYS A 56 -1.96 10.17 1.81
C LYS A 56 -3.46 10.13 1.58
N GLN A 57 -4.05 8.94 1.75
CA GLN A 57 -5.49 8.77 1.57
C GLN A 57 -6.27 9.65 2.53
N THR A 58 -5.71 9.88 3.70
CA THR A 58 -6.36 10.70 4.71
C THR A 58 -6.35 12.17 4.32
N GLY A 59 -7.51 12.68 3.92
CA GLY A 59 -7.61 14.08 3.51
C GLY A 59 -7.20 14.29 2.07
N ALA A 60 -7.70 13.45 1.18
CA ALA A 60 -7.38 13.55 -0.24
C ALA A 60 -8.63 13.46 -1.10
N ILE A 61 -8.47 13.66 -2.41
CA ILE A 61 -9.59 13.60 -3.34
C ILE A 61 -10.00 12.15 -3.60
N LEU A 62 -9.35 11.22 -2.92
CA LEU A 62 -9.64 9.81 -3.09
C LEU A 62 -11.14 9.56 -3.01
N PRO A 63 -11.60 8.49 -3.69
CA PRO A 63 -13.02 8.11 -3.71
C PRO A 63 -13.50 7.59 -2.37
N PRO A 64 -14.77 7.84 -2.04
CA PRO A 64 -15.38 7.40 -0.79
C PRO A 64 -15.58 5.89 -0.74
N SER A 65 -15.30 5.30 0.42
CA SER A 65 -15.43 3.86 0.59
C SER A 65 -16.45 3.55 1.68
N GLY A 66 -17.60 3.00 1.27
CA GLY A 66 -18.64 2.66 2.22
C GLY A 66 -18.92 3.78 3.21
N PRO A 67 -19.54 3.44 4.34
CA PRO A 67 -19.89 4.41 5.38
C PRO A 67 -18.65 4.95 6.10
N SER A 68 -18.24 6.16 5.74
CA SER A 68 -17.08 6.78 6.35
C SER A 68 -17.43 8.15 6.94
N SER A 69 -16.51 8.71 7.73
CA SER A 69 -16.73 10.00 8.36
C SER A 69 -15.46 10.84 8.33
N GLY A 70 -15.60 12.13 8.59
CA GLY A 70 -14.46 13.02 8.60
C GLY A 70 -14.46 13.98 9.78
N GLY A 1 13.61 23.23 -5.68
CA GLY A 1 12.96 22.84 -6.91
C GLY A 1 12.16 21.56 -6.76
N SER A 2 10.87 21.63 -7.08
CA SER A 2 10.00 20.48 -6.98
C SER A 2 9.01 20.42 -8.14
N SER A 3 8.69 19.22 -8.59
CA SER A 3 7.77 19.04 -9.71
C SER A 3 6.70 18.01 -9.36
N GLY A 4 5.60 18.03 -10.11
CA GLY A 4 4.52 17.09 -9.86
C GLY A 4 4.25 16.20 -11.06
N SER A 5 5.14 15.27 -11.32
CA SER A 5 5.00 14.34 -12.45
C SER A 5 4.33 13.05 -12.01
N SER A 6 3.05 12.91 -12.34
CA SER A 6 2.30 11.71 -11.99
C SER A 6 2.46 10.62 -13.04
N GLY A 7 3.36 9.68 -12.78
CA GLY A 7 3.60 8.60 -13.72
C GLY A 7 4.03 7.32 -13.03
N HIS A 8 3.05 6.50 -12.64
CA HIS A 8 3.33 5.23 -11.97
C HIS A 8 3.01 4.05 -12.89
N GLN A 9 3.63 2.92 -12.60
CA GLN A 9 3.43 1.71 -13.40
C GLN A 9 4.10 0.51 -12.75
N GLU A 10 3.59 -0.69 -13.06
CA GLU A 10 4.14 -1.91 -12.51
C GLU A 10 4.66 -2.82 -13.62
N ILE A 11 5.84 -3.39 -13.40
CA ILE A 11 6.45 -4.29 -14.38
C ILE A 11 6.34 -5.75 -13.94
N LYS A 12 6.19 -5.95 -12.65
CA LYS A 12 6.07 -7.30 -12.10
C LYS A 12 5.70 -7.26 -10.62
N GLY A 13 5.22 -8.38 -10.10
CA GLY A 13 4.83 -8.44 -8.70
C GLY A 13 3.62 -9.33 -8.47
N ARG A 14 3.76 -10.61 -8.78
CA ARG A 14 2.67 -11.56 -8.61
C ARG A 14 2.27 -11.67 -7.13
N LYS A 15 3.23 -12.02 -6.29
CA LYS A 15 2.98 -12.15 -4.86
C LYS A 15 3.52 -10.96 -4.10
N THR A 16 3.22 -10.90 -2.80
CA THR A 16 3.69 -9.81 -1.96
C THR A 16 4.68 -10.29 -0.92
N LEU A 17 5.66 -9.44 -0.59
CA LEU A 17 6.67 -9.79 0.40
C LEU A 17 6.55 -8.92 1.65
N ALA A 18 6.01 -9.51 2.72
CA ALA A 18 5.84 -8.78 3.97
C ALA A 18 5.33 -9.70 5.07
N THR A 19 5.52 -9.29 6.32
CA THR A 19 5.08 -10.09 7.46
C THR A 19 3.56 -10.27 7.45
N PRO A 20 3.08 -11.28 8.18
CA PRO A 20 1.65 -11.58 8.28
C PRO A 20 0.88 -10.51 9.06
N ALA A 21 1.50 -10.01 10.12
CA ALA A 21 0.87 -8.98 10.95
C ALA A 21 0.69 -7.68 10.16
N VAL A 22 1.60 -7.42 9.23
CA VAL A 22 1.54 -6.21 8.42
C VAL A 22 0.55 -6.38 7.27
N ARG A 23 0.54 -7.57 6.68
CA ARG A 23 -0.36 -7.85 5.57
C ARG A 23 -1.80 -7.53 5.94
N ARG A 24 -2.11 -7.57 7.23
CA ARG A 24 -3.45 -7.29 7.72
C ARG A 24 -3.69 -5.78 7.80
N LEU A 25 -2.74 -5.07 8.40
CA LEU A 25 -2.85 -3.62 8.54
C LEU A 25 -3.37 -2.98 7.26
N ALA A 26 -3.17 -3.68 6.14
CA ALA A 26 -3.63 -3.18 4.84
C ALA A 26 -5.08 -3.56 4.59
N MET A 27 -5.39 -4.85 4.72
CA MET A 27 -6.75 -5.34 4.51
C MET A 27 -7.74 -4.58 5.39
N GLU A 28 -7.27 -4.09 6.53
CA GLU A 28 -8.12 -3.36 7.45
C GLU A 28 -8.35 -1.94 6.95
N ASN A 29 -7.34 -1.36 6.31
CA ASN A 29 -7.44 0.00 5.79
C ASN A 29 -7.70 -0.02 4.29
N ASN A 30 -8.07 -1.19 3.78
CA ASN A 30 -8.36 -1.33 2.35
C ASN A 30 -7.23 -0.76 1.51
N ILE A 31 -6.00 -1.04 1.92
CA ILE A 31 -4.82 -0.56 1.20
C ILE A 31 -4.26 -1.63 0.27
N LYS A 32 -3.93 -1.24 -0.95
CA LYS A 32 -3.38 -2.17 -1.93
C LYS A 32 -1.89 -2.42 -1.68
N LEU A 33 -1.60 -3.46 -0.91
CA LEU A 33 -0.22 -3.81 -0.58
C LEU A 33 0.70 -3.50 -1.75
N SER A 34 0.42 -4.11 -2.90
CA SER A 34 1.22 -3.89 -4.10
C SER A 34 1.51 -2.40 -4.30
N GLU A 35 0.51 -1.58 -4.09
CA GLU A 35 0.66 -0.14 -4.24
C GLU A 35 1.58 0.44 -3.17
N VAL A 36 1.62 -0.23 -2.02
CA VAL A 36 2.46 0.22 -0.92
C VAL A 36 3.93 -0.09 -1.18
N VAL A 37 4.69 0.94 -1.55
CA VAL A 37 6.11 0.77 -1.84
C VAL A 37 6.87 0.30 -0.59
N GLY A 38 7.17 -1.00 -0.55
CA GLY A 38 7.88 -1.55 0.58
C GLY A 38 9.14 -0.79 0.90
N SER A 39 9.85 -1.21 1.95
CA SER A 39 11.07 -0.55 2.37
C SER A 39 12.19 -1.57 2.61
N GLY A 40 11.82 -2.70 3.19
CA GLY A 40 12.80 -3.74 3.48
C GLY A 40 13.78 -3.93 2.34
N LYS A 41 14.95 -4.48 2.67
CA LYS A 41 15.99 -4.71 1.67
C LYS A 41 15.40 -5.35 0.41
N ASP A 42 14.73 -6.48 0.58
CA ASP A 42 14.12 -7.17 -0.54
C ASP A 42 12.74 -6.61 -0.85
N GLY A 43 12.57 -5.31 -0.62
CA GLY A 43 11.30 -4.66 -0.88
C GLY A 43 10.23 -5.08 0.11
N ARG A 44 10.63 -5.86 1.12
CA ARG A 44 9.69 -6.32 2.13
C ARG A 44 8.92 -5.16 2.74
N ILE A 45 7.61 -5.13 2.53
CA ILE A 45 6.76 -4.07 3.06
C ILE A 45 6.67 -4.15 4.58
N LEU A 46 7.19 -3.13 5.25
CA LEU A 46 7.16 -3.08 6.71
C LEU A 46 5.88 -2.45 7.21
N LYS A 47 5.65 -2.53 8.52
CA LYS A 47 4.45 -1.97 9.13
C LYS A 47 4.42 -0.45 8.95
N GLU A 48 5.58 0.18 9.06
CA GLU A 48 5.69 1.61 8.91
C GLU A 48 5.20 2.06 7.53
N ASP A 49 5.43 1.22 6.54
CA ASP A 49 5.02 1.53 5.17
C ASP A 49 3.51 1.74 5.10
N ILE A 50 2.76 0.92 5.83
CA ILE A 50 1.31 1.02 5.84
C ILE A 50 0.87 2.39 6.38
N LEU A 51 1.44 2.78 7.51
CA LEU A 51 1.09 4.06 8.12
C LEU A 51 1.56 5.23 7.24
N ASN A 52 2.46 4.94 6.32
CA ASN A 52 2.97 5.96 5.41
C ASN A 52 2.13 6.03 4.14
N TYR A 53 1.38 4.98 3.87
CA TYR A 53 0.53 4.92 2.69
C TYR A 53 -0.80 5.62 2.93
N LEU A 54 -1.22 5.66 4.20
CA LEU A 54 -2.48 6.29 4.56
C LEU A 54 -2.30 7.80 4.71
N GLU A 55 -1.17 8.21 5.27
CA GLU A 55 -0.88 9.63 5.46
C GLU A 55 -0.99 10.38 4.14
N LYS A 56 -0.78 9.68 3.04
CA LYS A 56 -0.84 10.28 1.71
C LYS A 56 -2.30 10.47 1.27
N GLN A 57 -3.19 9.70 1.89
CA GLN A 57 -4.61 9.77 1.55
C GLN A 57 -5.23 11.06 2.10
N THR A 58 -5.25 11.18 3.41
CA THR A 58 -5.82 12.37 4.06
C THR A 58 -6.99 12.91 3.26
N GLY A 59 -7.76 12.02 2.64
CA GLY A 59 -8.90 12.43 1.86
C GLY A 59 -10.02 11.41 1.89
N ALA A 60 -9.67 10.14 1.74
CA ALA A 60 -10.65 9.07 1.75
C ALA A 60 -11.61 9.21 2.93
N ILE A 61 -12.71 8.47 2.88
CA ILE A 61 -13.71 8.52 3.94
C ILE A 61 -13.11 8.06 5.27
N LEU A 62 -12.31 8.92 5.88
CA LEU A 62 -11.68 8.59 7.16
C LEU A 62 -11.29 9.87 7.90
N PRO A 63 -11.29 9.79 9.25
CA PRO A 63 -10.94 10.93 10.11
C PRO A 63 -9.45 11.27 10.02
N PRO A 64 -9.15 12.57 10.10
CA PRO A 64 -7.77 13.07 10.04
C PRO A 64 -6.98 12.71 11.30
N SER A 65 -7.54 13.02 12.46
CA SER A 65 -6.88 12.74 13.73
C SER A 65 -7.88 12.77 14.87
N GLY A 66 -7.43 12.36 16.06
CA GLY A 66 -8.30 12.35 17.22
C GLY A 66 -7.65 11.69 18.42
N PRO A 67 -6.56 12.30 18.91
CA PRO A 67 -5.83 11.79 20.07
C PRO A 67 -6.61 11.93 21.37
N SER A 68 -6.72 10.83 22.11
CA SER A 68 -7.45 10.83 23.38
C SER A 68 -6.76 11.72 24.41
N SER A 69 -7.56 12.39 25.24
CA SER A 69 -7.03 13.27 26.26
C SER A 69 -6.51 12.48 27.45
N GLY A 70 -7.41 11.72 28.09
CA GLY A 70 -7.02 10.93 29.24
C GLY A 70 -7.18 11.68 30.54
N GLY A 1 -6.35 8.70 -35.43
CA GLY A 1 -6.79 7.38 -35.03
C GLY A 1 -6.72 7.18 -33.53
N SER A 2 -6.09 6.08 -33.12
CA SER A 2 -5.96 5.76 -31.69
C SER A 2 -4.67 5.00 -31.43
N SER A 3 -3.96 5.40 -30.38
CA SER A 3 -2.70 4.75 -30.01
C SER A 3 -2.45 4.85 -28.51
N GLY A 4 -1.79 3.83 -27.96
CA GLY A 4 -1.50 3.82 -26.54
C GLY A 4 -0.15 4.42 -26.22
N SER A 5 0.09 4.70 -24.93
CA SER A 5 1.36 5.29 -24.51
C SER A 5 2.38 4.21 -24.19
N SER A 6 1.99 3.27 -23.33
CA SER A 6 2.88 2.17 -22.95
C SER A 6 2.90 1.09 -24.02
N GLY A 7 1.73 0.76 -24.55
CA GLY A 7 1.64 -0.26 -25.57
C GLY A 7 1.34 -1.64 -25.00
N HIS A 8 2.39 -2.41 -24.75
CA HIS A 8 2.24 -3.76 -24.20
C HIS A 8 3.09 -3.92 -22.94
N GLN A 9 2.50 -3.59 -21.79
CA GLN A 9 3.21 -3.70 -20.52
C GLN A 9 2.22 -3.88 -19.37
N GLU A 10 2.51 -4.84 -18.50
CA GLU A 10 1.65 -5.11 -17.35
C GLU A 10 2.47 -5.45 -16.11
N ILE A 11 2.02 -4.96 -14.96
CA ILE A 11 2.72 -5.21 -13.70
C ILE A 11 2.18 -6.47 -13.02
N LYS A 12 3.10 -7.30 -12.53
CA LYS A 12 2.73 -8.54 -11.86
C LYS A 12 2.65 -8.32 -10.34
N GLY A 13 2.35 -9.40 -9.62
CA GLY A 13 2.25 -9.30 -8.17
C GLY A 13 1.30 -10.34 -7.59
N ARG A 14 1.75 -11.58 -7.53
CA ARG A 14 0.93 -12.66 -6.99
C ARG A 14 1.29 -12.96 -5.54
N LYS A 15 2.59 -12.95 -5.25
CA LYS A 15 3.08 -13.23 -3.91
C LYS A 15 3.86 -12.03 -3.36
N THR A 16 3.24 -11.30 -2.44
CA THR A 16 3.87 -10.13 -1.84
C THR A 16 4.86 -10.54 -0.76
N LEU A 17 5.85 -9.68 -0.52
CA LEU A 17 6.87 -9.96 0.50
C LEU A 17 6.66 -9.08 1.72
N ALA A 18 6.10 -9.65 2.77
CA ALA A 18 5.85 -8.91 4.01
C ALA A 18 5.31 -9.84 5.10
N THR A 19 5.41 -9.39 6.34
CA THR A 19 4.93 -10.18 7.48
C THR A 19 3.41 -10.30 7.45
N PRO A 20 2.88 -11.29 8.18
CA PRO A 20 1.43 -11.54 8.26
C PRO A 20 0.71 -10.45 9.04
N ALA A 21 1.32 -9.99 10.12
CA ALA A 21 0.73 -8.95 10.96
C ALA A 21 0.54 -7.66 10.17
N VAL A 22 1.49 -7.38 9.28
CA VAL A 22 1.42 -6.16 8.46
C VAL A 22 0.46 -6.35 7.29
N ARG A 23 0.45 -7.54 6.72
CA ARG A 23 -0.42 -7.84 5.59
C ARG A 23 -1.88 -7.50 5.93
N ARG A 24 -2.23 -7.62 7.21
CA ARG A 24 -3.58 -7.34 7.66
C ARG A 24 -3.82 -5.83 7.75
N LEU A 25 -2.87 -5.13 8.35
CA LEU A 25 -2.98 -3.68 8.51
C LEU A 25 -3.53 -3.03 7.23
N ALA A 26 -3.33 -3.72 6.10
CA ALA A 26 -3.80 -3.22 4.82
C ALA A 26 -5.24 -3.66 4.55
N MET A 27 -5.54 -4.92 4.87
CA MET A 27 -6.87 -5.46 4.66
C MET A 27 -7.90 -4.70 5.50
N GLU A 28 -7.44 -4.05 6.55
CA GLU A 28 -8.32 -3.29 7.42
C GLU A 28 -8.51 -1.86 6.90
N ASN A 29 -7.49 -1.34 6.23
CA ASN A 29 -7.54 0.01 5.67
C ASN A 29 -7.72 -0.03 4.17
N ASN A 30 -8.13 -1.18 3.64
CA ASN A 30 -8.34 -1.35 2.21
C ASN A 30 -7.14 -0.83 1.42
N ILE A 31 -5.94 -1.16 1.88
CA ILE A 31 -4.72 -0.72 1.22
C ILE A 31 -4.14 -1.83 0.35
N LYS A 32 -3.74 -1.47 -0.87
CA LYS A 32 -3.17 -2.43 -1.80
C LYS A 32 -1.68 -2.63 -1.52
N LEU A 33 -1.37 -3.65 -0.72
CA LEU A 33 0.02 -3.94 -0.38
C LEU A 33 0.95 -3.64 -1.54
N SER A 34 0.71 -4.31 -2.68
CA SER A 34 1.53 -4.10 -3.86
C SER A 34 1.81 -2.61 -4.08
N GLU A 35 0.79 -1.79 -3.90
CA GLU A 35 0.93 -0.36 -4.08
C GLU A 35 1.78 0.26 -2.97
N VAL A 36 1.71 -0.34 -1.78
CA VAL A 36 2.48 0.14 -0.64
C VAL A 36 3.97 0.01 -0.88
N VAL A 37 4.63 1.14 -1.09
CA VAL A 37 6.08 1.15 -1.34
C VAL A 37 6.83 0.45 -0.22
N GLY A 38 7.26 -0.79 -0.51
CA GLY A 38 7.99 -1.55 0.49
C GLY A 38 9.36 -0.99 0.77
N SER A 39 9.65 -0.73 2.04
CA SER A 39 10.94 -0.17 2.44
C SER A 39 11.98 -1.27 2.55
N GLY A 40 11.60 -2.37 3.18
CA GLY A 40 12.53 -3.49 3.35
C GLY A 40 13.48 -3.64 2.18
N LYS A 41 14.69 -4.10 2.45
CA LYS A 41 15.69 -4.29 1.41
C LYS A 41 15.10 -4.97 0.20
N ASP A 42 14.63 -6.21 0.39
CA ASP A 42 14.03 -6.97 -0.69
C ASP A 42 12.59 -6.52 -0.95
N GLY A 43 12.39 -5.20 -1.00
CA GLY A 43 11.07 -4.66 -1.23
C GLY A 43 10.06 -5.11 -0.19
N ARG A 44 10.56 -5.74 0.87
CA ARG A 44 9.69 -6.22 1.93
C ARG A 44 8.92 -5.07 2.59
N ILE A 45 7.60 -5.15 2.55
CA ILE A 45 6.76 -4.12 3.13
C ILE A 45 6.67 -4.26 4.64
N LEU A 46 7.14 -3.24 5.35
CA LEU A 46 7.12 -3.26 6.81
C LEU A 46 5.88 -2.55 7.34
N LYS A 47 5.65 -2.65 8.64
CA LYS A 47 4.51 -2.02 9.29
C LYS A 47 4.48 -0.52 9.00
N GLU A 48 5.65 0.11 9.08
CA GLU A 48 5.77 1.54 8.84
C GLU A 48 5.20 1.91 7.47
N ASP A 49 5.61 1.16 6.44
CA ASP A 49 5.14 1.41 5.08
C ASP A 49 3.65 1.75 5.08
N ILE A 50 2.85 0.88 5.71
CA ILE A 50 1.41 1.09 5.78
C ILE A 50 1.08 2.48 6.29
N LEU A 51 1.56 2.80 7.49
CA LEU A 51 1.31 4.10 8.10
C LEU A 51 1.79 5.22 7.18
N ASN A 52 2.65 4.88 6.23
CA ASN A 52 3.18 5.86 5.29
C ASN A 52 2.30 5.96 4.05
N TYR A 53 1.54 4.90 3.78
CA TYR A 53 0.65 4.87 2.63
C TYR A 53 -0.65 5.60 2.92
N LEU A 54 -1.02 5.66 4.19
CA LEU A 54 -2.25 6.32 4.62
C LEU A 54 -2.06 7.84 4.66
N GLU A 55 -0.94 8.28 5.23
CA GLU A 55 -0.64 9.70 5.33
C GLU A 55 -0.77 10.38 3.97
N LYS A 56 -0.58 9.61 2.91
CA LYS A 56 -0.67 10.14 1.55
C LYS A 56 -2.13 10.29 1.13
N GLN A 57 -3.00 9.48 1.72
CA GLN A 57 -4.42 9.52 1.40
C GLN A 57 -5.15 10.50 2.32
N THR A 58 -4.66 10.63 3.55
CA THR A 58 -5.27 11.52 4.52
C THR A 58 -5.12 12.98 4.10
N GLY A 59 -4.20 13.23 3.18
CA GLY A 59 -3.97 14.58 2.70
C GLY A 59 -5.20 15.19 2.07
N ALA A 60 -5.88 14.40 1.24
CA ALA A 60 -7.09 14.86 0.56
C ALA A 60 -8.01 15.63 1.53
N ILE A 61 -8.82 16.51 0.98
CA ILE A 61 -9.74 17.31 1.79
C ILE A 61 -11.19 17.01 1.42
N LEU A 62 -11.85 16.22 2.25
CA LEU A 62 -13.25 15.86 2.01
C LEU A 62 -14.19 16.81 2.77
N PRO A 63 -15.39 17.00 2.21
CA PRO A 63 -16.40 17.88 2.80
C PRO A 63 -16.98 17.30 4.09
N PRO A 64 -17.37 18.19 5.01
CA PRO A 64 -17.95 17.79 6.30
C PRO A 64 -19.34 17.20 6.16
N SER A 65 -19.40 15.91 5.82
CA SER A 65 -20.67 15.22 5.65
C SER A 65 -20.72 13.94 6.48
N GLY A 66 -21.87 13.29 6.47
CA GLY A 66 -22.02 12.05 7.23
C GLY A 66 -23.32 11.34 6.91
N PRO A 67 -23.30 10.54 5.83
CA PRO A 67 -24.48 9.79 5.39
C PRO A 67 -24.82 8.64 6.33
N SER A 68 -25.70 8.92 7.29
CA SER A 68 -26.10 7.91 8.27
C SER A 68 -27.32 7.13 7.77
N SER A 69 -27.08 5.94 7.25
CA SER A 69 -28.15 5.10 6.72
C SER A 69 -28.59 4.08 7.78
N GLY A 70 -29.63 4.42 8.53
CA GLY A 70 -30.13 3.53 9.55
C GLY A 70 -30.52 2.17 9.00
N GLY A 1 -17.11 6.83 -25.43
CA GLY A 1 -16.50 6.07 -26.51
C GLY A 1 -15.48 5.08 -26.02
N SER A 2 -14.21 5.32 -26.33
CA SER A 2 -13.14 4.42 -25.91
C SER A 2 -12.03 5.19 -25.19
N SER A 3 -12.04 5.12 -23.87
CA SER A 3 -11.04 5.82 -23.06
C SER A 3 -9.85 4.91 -22.77
N GLY A 4 -10.12 3.78 -22.11
CA GLY A 4 -9.07 2.85 -21.78
C GLY A 4 -8.80 2.77 -20.29
N SER A 5 -7.72 3.38 -19.84
CA SER A 5 -7.35 3.37 -18.43
C SER A 5 -7.53 1.97 -17.84
N SER A 6 -7.13 0.96 -18.59
CA SER A 6 -7.25 -0.42 -18.15
C SER A 6 -6.20 -0.75 -17.09
N GLY A 7 -6.65 -1.08 -15.88
CA GLY A 7 -5.74 -1.40 -14.81
C GLY A 7 -4.71 -0.31 -14.57
N HIS A 8 -3.99 -0.41 -13.46
CA HIS A 8 -2.97 0.57 -13.11
C HIS A 8 -1.71 0.37 -13.95
N GLN A 9 -1.37 1.37 -14.75
CA GLN A 9 -0.18 1.29 -15.60
C GLN A 9 0.99 0.69 -14.86
N GLU A 10 1.26 1.20 -13.66
CA GLU A 10 2.35 0.71 -12.84
C GLU A 10 1.90 -0.44 -11.95
N ILE A 11 2.61 -1.57 -12.02
CA ILE A 11 2.28 -2.74 -11.23
C ILE A 11 3.35 -3.00 -10.17
N LYS A 12 4.53 -2.43 -10.37
CA LYS A 12 5.64 -2.61 -9.44
C LYS A 12 5.87 -4.08 -9.16
N GLY A 13 5.84 -4.90 -10.21
CA GLY A 13 6.06 -6.33 -10.06
C GLY A 13 4.83 -7.05 -9.55
N ARG A 14 4.81 -8.37 -9.70
CA ARG A 14 3.68 -9.18 -9.26
C ARG A 14 3.83 -9.58 -7.80
N LYS A 15 4.82 -10.42 -7.52
CA LYS A 15 5.07 -10.89 -6.15
C LYS A 15 5.31 -9.71 -5.22
N THR A 16 4.87 -9.84 -3.97
CA THR A 16 5.03 -8.79 -2.98
C THR A 16 5.32 -9.37 -1.60
N LEU A 17 6.40 -8.91 -0.99
CA LEU A 17 6.79 -9.39 0.34
C LEU A 17 6.29 -8.43 1.42
N ALA A 18 5.80 -9.00 2.52
CA ALA A 18 5.30 -8.21 3.64
C ALA A 18 4.92 -9.09 4.81
N THR A 19 5.52 -8.83 5.97
CA THR A 19 5.25 -9.60 7.17
C THR A 19 3.76 -9.93 7.28
N PRO A 20 3.44 -10.94 8.10
CA PRO A 20 2.05 -11.37 8.31
C PRO A 20 1.24 -10.36 9.11
N ALA A 21 1.89 -9.70 10.06
CA ALA A 21 1.23 -8.70 10.88
C ALA A 21 0.90 -7.45 10.07
N VAL A 22 1.71 -7.18 9.04
CA VAL A 22 1.52 -6.02 8.19
C VAL A 22 0.50 -6.31 7.09
N ARG A 23 0.53 -7.53 6.59
CA ARG A 23 -0.39 -7.95 5.52
C ARG A 23 -1.84 -7.73 5.95
N ARG A 24 -2.05 -7.63 7.26
CA ARG A 24 -3.39 -7.43 7.80
C ARG A 24 -3.71 -5.94 7.93
N LEU A 25 -2.72 -5.17 8.38
CA LEU A 25 -2.90 -3.74 8.55
C LEU A 25 -3.47 -3.10 7.30
N ALA A 26 -3.34 -3.80 6.18
CA ALA A 26 -3.86 -3.30 4.90
C ALA A 26 -5.28 -3.77 4.66
N MET A 27 -5.49 -5.08 4.74
CA MET A 27 -6.81 -5.67 4.53
C MET A 27 -7.85 -4.97 5.41
N GLU A 28 -7.40 -4.47 6.56
CA GLU A 28 -8.31 -3.78 7.48
C GLU A 28 -8.52 -2.33 7.06
N ASN A 29 -7.57 -1.80 6.31
CA ASN A 29 -7.65 -0.41 5.84
C ASN A 29 -7.79 -0.37 4.33
N ASN A 30 -8.16 -1.50 3.73
CA ASN A 30 -8.34 -1.58 2.28
C ASN A 30 -7.17 -0.91 1.56
N ILE A 31 -5.96 -1.30 1.92
CA ILE A 31 -4.76 -0.74 1.30
C ILE A 31 -4.13 -1.73 0.33
N LYS A 32 -3.69 -1.22 -0.81
CA LYS A 32 -3.05 -2.07 -1.83
C LYS A 32 -1.56 -2.17 -1.59
N LEU A 33 -1.13 -3.25 -0.96
CA LEU A 33 0.29 -3.47 -0.67
C LEU A 33 1.15 -3.09 -1.88
N SER A 34 0.86 -3.69 -3.02
CA SER A 34 1.60 -3.42 -4.24
C SER A 34 1.83 -1.92 -4.41
N GLU A 35 0.87 -1.12 -3.96
CA GLU A 35 0.97 0.33 -4.05
C GLU A 35 1.90 0.88 -2.99
N VAL A 36 1.93 0.24 -1.82
CA VAL A 36 2.78 0.67 -0.72
C VAL A 36 4.24 0.40 -1.03
N VAL A 37 5.08 1.43 -0.90
CA VAL A 37 6.50 1.31 -1.15
C VAL A 37 7.21 0.57 -0.02
N GLY A 38 7.42 -0.72 -0.22
CA GLY A 38 8.09 -1.53 0.80
C GLY A 38 9.51 -1.06 1.07
N SER A 39 9.93 -1.19 2.32
CA SER A 39 11.29 -0.77 2.71
C SER A 39 12.24 -1.96 2.71
N GLY A 40 11.83 -3.04 3.36
CA GLY A 40 12.65 -4.23 3.44
C GLY A 40 13.46 -4.45 2.18
N LYS A 41 14.69 -4.92 2.32
CA LYS A 41 15.56 -5.17 1.19
C LYS A 41 14.85 -5.99 0.12
N ASP A 42 14.34 -7.15 0.50
CA ASP A 42 13.63 -8.02 -0.43
C ASP A 42 12.22 -7.50 -0.69
N GLY A 43 12.13 -6.23 -1.08
CA GLY A 43 10.84 -5.63 -1.36
C GLY A 43 9.81 -5.93 -0.28
N ARG A 44 10.30 -6.24 0.92
CA ARG A 44 9.43 -6.56 2.04
C ARG A 44 8.87 -5.28 2.66
N ILE A 45 7.55 -5.13 2.63
CA ILE A 45 6.90 -3.96 3.19
C ILE A 45 6.84 -4.04 4.71
N LEU A 46 7.15 -2.92 5.37
CA LEU A 46 7.13 -2.87 6.83
C LEU A 46 5.87 -2.18 7.33
N LYS A 47 5.63 -2.28 8.63
CA LYS A 47 4.45 -1.67 9.25
C LYS A 47 4.46 -0.17 9.03
N GLU A 48 5.64 0.44 9.09
CA GLU A 48 5.77 1.88 8.90
C GLU A 48 5.22 2.31 7.54
N ASP A 49 5.57 1.54 6.50
CA ASP A 49 5.11 1.84 5.15
C ASP A 49 3.61 2.07 5.13
N ILE A 50 2.86 1.17 5.78
CA ILE A 50 1.41 1.27 5.84
C ILE A 50 0.98 2.65 6.34
N LEU A 51 1.51 3.05 7.48
CA LEU A 51 1.18 4.36 8.05
C LEU A 51 1.52 5.49 7.09
N ASN A 52 2.35 5.18 6.09
CA ASN A 52 2.74 6.17 5.10
C ASN A 52 1.83 6.13 3.89
N TYR A 53 1.03 5.07 3.79
CA TYR A 53 0.11 4.90 2.67
C TYR A 53 -1.24 5.55 2.98
N LEU A 54 -1.58 5.60 4.27
CA LEU A 54 -2.84 6.20 4.69
C LEU A 54 -2.74 7.71 4.75
N GLU A 55 -1.57 8.21 5.13
CA GLU A 55 -1.35 9.65 5.22
C GLU A 55 -1.60 10.33 3.88
N LYS A 56 -1.46 9.56 2.81
CA LYS A 56 -1.68 10.09 1.46
C LYS A 56 -3.17 10.13 1.13
N GLN A 57 -3.98 9.50 1.98
CA GLN A 57 -5.43 9.46 1.77
C GLN A 57 -6.06 10.80 2.11
N THR A 58 -5.96 11.19 3.39
CA THR A 58 -6.53 12.45 3.85
C THR A 58 -7.95 12.63 3.35
N GLY A 59 -8.68 11.53 3.22
CA GLY A 59 -10.05 11.59 2.74
C GLY A 59 -10.88 10.41 3.23
N ALA A 60 -10.31 9.22 3.18
CA ALA A 60 -11.01 8.02 3.63
C ALA A 60 -11.79 8.28 4.90
N ILE A 61 -13.01 7.75 4.96
CA ILE A 61 -13.86 7.92 6.13
C ILE A 61 -13.66 6.79 7.13
N LEU A 62 -12.41 6.55 7.50
CA LEU A 62 -12.09 5.50 8.46
C LEU A 62 -11.87 6.08 9.86
N PRO A 63 -12.12 5.26 10.88
CA PRO A 63 -11.95 5.66 12.28
C PRO A 63 -10.49 5.84 12.66
N PRO A 64 -10.24 6.43 13.84
CA PRO A 64 -8.89 6.67 14.34
C PRO A 64 -8.18 5.38 14.73
N SER A 65 -6.92 5.26 14.34
CA SER A 65 -6.14 4.06 14.65
C SER A 65 -6.26 3.70 16.13
N GLY A 66 -6.27 4.72 16.98
CA GLY A 66 -6.38 4.48 18.41
C GLY A 66 -5.77 5.60 19.23
N PRO A 67 -5.44 5.29 20.50
CA PRO A 67 -4.84 6.26 21.42
C PRO A 67 -3.40 6.62 21.03
N SER A 68 -2.94 6.06 19.92
CA SER A 68 -1.59 6.31 19.43
C SER A 68 -0.60 6.38 20.60
N SER A 69 -0.64 5.36 21.46
CA SER A 69 0.24 5.31 22.62
C SER A 69 0.22 3.92 23.25
N GLY A 70 1.40 3.33 23.40
CA GLY A 70 1.49 2.00 23.98
C GLY A 70 0.55 1.01 23.35
N GLY A 1 32.70 -17.45 -23.40
CA GLY A 1 31.75 -16.84 -22.48
C GLY A 1 31.29 -17.81 -21.41
N SER A 2 30.88 -17.28 -20.27
CA SER A 2 30.42 -18.10 -19.15
C SER A 2 28.95 -17.83 -18.86
N SER A 3 28.23 -18.88 -18.47
CA SER A 3 26.82 -18.77 -18.16
C SER A 3 26.56 -17.61 -17.20
N GLY A 4 25.92 -16.56 -17.70
CA GLY A 4 25.62 -15.41 -16.88
C GLY A 4 24.71 -14.41 -17.59
N SER A 5 23.42 -14.51 -17.32
CA SER A 5 22.44 -13.61 -17.93
C SER A 5 21.84 -12.67 -16.90
N SER A 6 22.53 -11.55 -16.66
CA SER A 6 22.07 -10.57 -15.69
C SER A 6 21.56 -9.31 -16.39
N GLY A 7 20.29 -8.98 -16.15
CA GLY A 7 19.70 -7.80 -16.77
C GLY A 7 18.33 -7.47 -16.19
N HIS A 8 17.46 -8.47 -16.12
CA HIS A 8 16.12 -8.28 -15.58
C HIS A 8 16.00 -8.90 -14.20
N GLN A 9 16.12 -8.07 -13.16
CA GLN A 9 16.02 -8.54 -11.79
C GLN A 9 14.82 -7.91 -11.08
N GLU A 10 13.63 -8.29 -11.51
CA GLU A 10 12.40 -7.76 -10.91
C GLU A 10 12.44 -7.87 -9.40
N ILE A 11 12.25 -6.73 -8.73
CA ILE A 11 12.26 -6.68 -7.28
C ILE A 11 10.88 -6.96 -6.69
N LYS A 12 9.85 -6.67 -7.49
CA LYS A 12 8.48 -6.89 -7.05
C LYS A 12 7.62 -7.37 -8.22
N GLY A 13 6.70 -8.30 -7.93
CA GLY A 13 5.84 -8.83 -8.97
C GLY A 13 4.58 -9.48 -8.40
N ARG A 14 4.21 -10.62 -8.97
CA ARG A 14 3.02 -11.34 -8.52
C ARG A 14 3.04 -11.51 -7.00
N LYS A 15 4.16 -12.00 -6.48
CA LYS A 15 4.31 -12.22 -5.04
C LYS A 15 4.82 -10.95 -4.35
N THR A 16 4.20 -10.62 -3.21
CA THR A 16 4.60 -9.43 -2.46
C THR A 16 5.19 -9.81 -1.11
N LEU A 17 6.31 -9.18 -0.77
CA LEU A 17 6.98 -9.46 0.50
C LEU A 17 6.42 -8.57 1.61
N ALA A 18 5.96 -9.20 2.69
CA ALA A 18 5.41 -8.46 3.82
C ALA A 18 5.07 -9.40 4.97
N THR A 19 5.29 -8.93 6.20
CA THR A 19 5.02 -9.73 7.38
C THR A 19 3.52 -10.04 7.50
N PRO A 20 3.19 -11.07 8.29
CA PRO A 20 1.81 -11.48 8.50
C PRO A 20 1.01 -10.48 9.32
N ALA A 21 1.71 -9.74 10.20
CA ALA A 21 1.08 -8.74 11.04
C ALA A 21 0.71 -7.50 10.23
N VAL A 22 1.55 -7.16 9.26
CA VAL A 22 1.32 -5.99 8.42
C VAL A 22 0.33 -6.32 7.31
N ARG A 23 0.43 -7.52 6.77
CA ARG A 23 -0.47 -7.95 5.69
C ARG A 23 -1.92 -7.69 6.06
N ARG A 24 -2.21 -7.70 7.36
CA ARG A 24 -3.57 -7.47 7.84
C ARG A 24 -3.84 -5.97 7.99
N LEU A 25 -2.79 -5.20 8.25
CA LEU A 25 -2.92 -3.76 8.41
C LEU A 25 -3.51 -3.12 7.17
N ALA A 26 -3.39 -3.81 6.04
CA ALA A 26 -3.93 -3.31 4.78
C ALA A 26 -5.36 -3.76 4.57
N MET A 27 -5.60 -5.06 4.68
CA MET A 27 -6.94 -5.61 4.51
C MET A 27 -7.95 -4.86 5.36
N GLU A 28 -7.48 -4.27 6.46
CA GLU A 28 -8.34 -3.52 7.36
C GLU A 28 -8.49 -2.08 6.90
N ASN A 29 -7.44 -1.56 6.27
CA ASN A 29 -7.44 -0.18 5.78
C ASN A 29 -7.58 -0.14 4.26
N ASN A 30 -8.06 -1.24 3.69
CA ASN A 30 -8.26 -1.34 2.25
C ASN A 30 -7.06 -0.74 1.52
N ILE A 31 -5.87 -1.21 1.85
CA ILE A 31 -4.65 -0.74 1.22
C ILE A 31 -4.04 -1.80 0.30
N LYS A 32 -3.64 -1.37 -0.88
CA LYS A 32 -3.04 -2.28 -1.86
C LYS A 32 -1.55 -2.46 -1.61
N LEU A 33 -1.19 -3.50 -0.88
CA LEU A 33 0.21 -3.78 -0.57
C LEU A 33 1.11 -3.44 -1.76
N SER A 34 0.80 -4.04 -2.91
CA SER A 34 1.59 -3.80 -4.12
C SER A 34 1.83 -2.31 -4.33
N GLU A 35 0.82 -1.50 -4.04
CA GLU A 35 0.92 -0.07 -4.19
C GLU A 35 1.87 0.53 -3.13
N VAL A 36 1.82 -0.03 -1.93
CA VAL A 36 2.66 0.45 -0.83
C VAL A 36 4.14 0.22 -1.15
N VAL A 37 4.92 1.30 -1.10
CA VAL A 37 6.34 1.22 -1.37
C VAL A 37 7.09 0.57 -0.21
N GLY A 38 7.33 -0.73 -0.32
CA GLY A 38 8.02 -1.45 0.72
C GLY A 38 9.44 -0.94 0.93
N SER A 39 9.91 -0.99 2.17
CA SER A 39 11.26 -0.52 2.50
C SER A 39 12.23 -1.69 2.62
N GLY A 40 11.71 -2.83 3.09
CA GLY A 40 12.54 -4.00 3.24
C GLY A 40 13.56 -4.15 2.13
N LYS A 41 14.69 -4.78 2.44
CA LYS A 41 15.75 -4.98 1.46
C LYS A 41 15.24 -5.76 0.26
N ASP A 42 14.45 -6.81 0.52
CA ASP A 42 13.90 -7.63 -0.54
C ASP A 42 12.56 -7.06 -1.02
N GLY A 43 12.40 -5.75 -0.92
CA GLY A 43 11.17 -5.12 -1.32
C GLY A 43 10.03 -5.35 -0.35
N ARG A 44 10.34 -6.03 0.76
CA ARG A 44 9.34 -6.32 1.77
C ARG A 44 8.70 -5.03 2.30
N ILE A 45 7.41 -5.11 2.62
CA ILE A 45 6.69 -3.95 3.14
C ILE A 45 6.62 -3.99 4.66
N LEU A 46 7.21 -2.99 5.30
CA LEU A 46 7.21 -2.91 6.77
C LEU A 46 5.96 -2.19 7.26
N LYS A 47 5.64 -2.37 8.54
CA LYS A 47 4.48 -1.73 9.14
C LYS A 47 4.51 -0.23 8.91
N GLU A 48 5.70 0.35 9.00
CA GLU A 48 5.86 1.80 8.80
C GLU A 48 5.28 2.23 7.46
N ASP A 49 5.59 1.46 6.41
CA ASP A 49 5.11 1.77 5.07
C ASP A 49 3.60 1.97 5.07
N ILE A 50 2.88 1.05 5.72
CA ILE A 50 1.43 1.12 5.78
C ILE A 50 0.98 2.48 6.32
N LEU A 51 1.51 2.86 7.47
CA LEU A 51 1.15 4.14 8.09
C LEU A 51 1.56 5.30 7.18
N ASN A 52 2.43 5.03 6.23
CA ASN A 52 2.89 6.05 5.29
C ASN A 52 1.98 6.13 4.08
N TYR A 53 1.24 5.06 3.84
CA TYR A 53 0.32 5.01 2.70
C TYR A 53 -1.03 5.62 3.06
N LEU A 54 -1.35 5.59 4.36
CA LEU A 54 -2.62 6.14 4.83
C LEU A 54 -2.52 7.65 5.03
N GLU A 55 -1.35 8.11 5.47
CA GLU A 55 -1.12 9.53 5.70
C GLU A 55 -1.39 10.34 4.42
N LYS A 56 -1.24 9.68 3.27
CA LYS A 56 -1.46 10.32 1.98
C LYS A 56 -2.95 10.36 1.65
N GLN A 57 -3.70 9.42 2.20
CA GLN A 57 -5.15 9.35 1.96
C GLN A 57 -5.87 10.48 2.68
N THR A 58 -5.83 10.46 4.01
CA THR A 58 -6.48 11.48 4.82
C THR A 58 -7.77 11.95 4.16
N GLY A 59 -8.51 11.02 3.55
CA GLY A 59 -9.74 11.37 2.89
C GLY A 59 -10.68 10.19 2.75
N ALA A 60 -10.14 9.05 2.34
CA ALA A 60 -10.92 7.84 2.15
C ALA A 60 -11.97 7.70 3.26
N ILE A 61 -13.06 7.00 2.95
CA ILE A 61 -14.13 6.80 3.91
C ILE A 61 -14.15 5.36 4.43
N LEU A 62 -13.34 5.10 5.45
CA LEU A 62 -13.25 3.77 6.03
C LEU A 62 -14.06 3.69 7.32
N PRO A 63 -14.57 2.49 7.63
CA PRO A 63 -15.37 2.25 8.84
C PRO A 63 -14.53 2.33 10.12
N PRO A 64 -15.18 2.70 11.23
CA PRO A 64 -14.51 2.83 12.53
C PRO A 64 -14.11 1.47 13.10
N SER A 65 -14.45 0.41 12.38
CA SER A 65 -14.12 -0.95 12.82
C SER A 65 -12.72 -1.00 13.43
N GLY A 66 -11.76 -0.40 12.75
CA GLY A 66 -10.39 -0.38 13.24
C GLY A 66 -10.11 0.82 14.12
N PRO A 67 -8.82 1.13 14.30
CA PRO A 67 -8.38 2.26 15.13
C PRO A 67 -8.70 3.61 14.48
N SER A 68 -8.38 4.68 15.18
CA SER A 68 -8.64 6.03 14.67
C SER A 68 -7.33 6.74 14.32
N SER A 69 -7.03 6.81 13.03
CA SER A 69 -5.81 7.46 12.57
C SER A 69 -6.13 8.70 11.75
N GLY A 70 -6.10 9.86 12.39
CA GLY A 70 -6.41 11.11 11.71
C GLY A 70 -7.22 12.06 12.56
N GLY A 1 -0.14 11.08 -16.86
CA GLY A 1 0.25 9.84 -17.49
C GLY A 1 1.72 9.80 -17.83
N SER A 2 2.41 8.76 -17.39
CA SER A 2 3.84 8.60 -17.65
C SER A 2 4.15 7.21 -18.17
N SER A 3 5.41 7.00 -18.54
CA SER A 3 5.85 5.70 -19.06
C SER A 3 7.10 5.22 -18.34
N GLY A 4 7.15 3.92 -18.06
CA GLY A 4 8.30 3.35 -17.38
C GLY A 4 8.03 1.96 -16.84
N SER A 5 8.11 0.96 -17.72
CA SER A 5 7.87 -0.42 -17.32
C SER A 5 9.00 -1.33 -17.80
N SER A 6 9.75 -1.88 -16.85
CA SER A 6 10.86 -2.77 -17.18
C SER A 6 10.53 -3.61 -18.42
N GLY A 7 9.32 -4.16 -18.44
CA GLY A 7 8.91 -4.99 -19.56
C GLY A 7 9.15 -6.47 -19.32
N HIS A 8 8.07 -7.20 -19.04
CA HIS A 8 8.16 -8.63 -18.78
C HIS A 8 6.95 -9.36 -19.34
N GLN A 9 6.97 -10.69 -19.25
CA GLN A 9 5.87 -11.50 -19.74
C GLN A 9 5.33 -12.42 -18.66
N GLU A 10 4.31 -11.95 -17.93
CA GLU A 10 3.72 -12.73 -16.86
C GLU A 10 2.48 -12.03 -16.30
N ILE A 11 1.35 -12.73 -16.33
CA ILE A 11 0.10 -12.17 -15.83
C ILE A 11 0.23 -11.75 -14.36
N LYS A 12 -0.37 -10.61 -14.02
CA LYS A 12 -0.33 -10.11 -12.66
C LYS A 12 -0.72 -11.20 -11.66
N GLY A 13 -0.02 -11.25 -10.53
CA GLY A 13 -0.31 -12.24 -9.52
C GLY A 13 0.94 -12.77 -8.85
N ARG A 14 1.43 -12.04 -7.86
CA ARG A 14 2.63 -12.44 -7.13
C ARG A 14 2.42 -12.36 -5.62
N LYS A 15 2.93 -13.33 -4.90
CA LYS A 15 2.80 -13.37 -3.45
C LYS A 15 3.62 -12.26 -2.80
N THR A 16 2.95 -11.13 -2.52
CA THR A 16 3.63 -9.99 -1.89
C THR A 16 4.58 -10.45 -0.80
N LEU A 17 5.65 -9.68 -0.60
CA LEU A 17 6.65 -10.01 0.41
C LEU A 17 6.50 -9.09 1.62
N ALA A 18 5.93 -9.61 2.70
CA ALA A 18 5.74 -8.83 3.91
C ALA A 18 5.20 -9.71 5.04
N THR A 19 5.50 -9.33 6.28
CA THR A 19 5.04 -10.08 7.45
C THR A 19 3.53 -10.22 7.46
N PRO A 20 3.03 -11.20 8.22
CA PRO A 20 1.59 -11.45 8.33
C PRO A 20 0.86 -10.35 9.09
N ALA A 21 1.47 -9.86 10.17
CA ALA A 21 0.89 -8.81 10.98
C ALA A 21 0.69 -7.54 10.16
N VAL A 22 1.58 -7.32 9.19
CA VAL A 22 1.50 -6.14 8.34
C VAL A 22 0.53 -6.35 7.19
N ARG A 23 0.54 -7.56 6.64
CA ARG A 23 -0.33 -7.89 5.52
C ARG A 23 -1.79 -7.62 5.88
N ARG A 24 -2.08 -7.56 7.18
CA ARG A 24 -3.44 -7.30 7.65
C ARG A 24 -3.69 -5.80 7.78
N LEU A 25 -2.69 -5.06 8.22
CA LEU A 25 -2.80 -3.63 8.39
C LEU A 25 -3.39 -2.98 7.14
N ALA A 26 -3.27 -3.66 6.00
CA ALA A 26 -3.79 -3.17 4.74
C ALA A 26 -5.21 -3.65 4.50
N MET A 27 -5.46 -4.93 4.77
CA MET A 27 -6.78 -5.51 4.58
C MET A 27 -7.81 -4.83 5.49
N GLU A 28 -7.32 -4.20 6.55
CA GLU A 28 -8.20 -3.52 7.49
C GLU A 28 -8.38 -2.06 7.10
N ASN A 29 -7.43 -1.52 6.35
CA ASN A 29 -7.48 -0.14 5.90
C ASN A 29 -7.74 -0.05 4.40
N ASN A 30 -8.12 -1.19 3.81
CA ASN A 30 -8.39 -1.25 2.37
C ASN A 30 -7.22 -0.69 1.58
N ILE A 31 -6.00 -1.06 1.97
CA ILE A 31 -4.80 -0.59 1.28
C ILE A 31 -4.27 -1.65 0.33
N LYS A 32 -3.82 -1.21 -0.84
CA LYS A 32 -3.28 -2.12 -1.84
C LYS A 32 -1.80 -2.39 -1.60
N LEU A 33 -1.49 -3.48 -0.91
CA LEU A 33 -0.11 -3.85 -0.61
C LEU A 33 0.81 -3.45 -1.75
N SER A 34 0.50 -3.96 -2.94
CA SER A 34 1.31 -3.67 -4.13
C SER A 34 1.56 -2.16 -4.26
N GLU A 35 0.53 -1.38 -3.98
CA GLU A 35 0.63 0.08 -4.06
C GLU A 35 1.53 0.62 -2.96
N VAL A 36 1.64 -0.12 -1.86
CA VAL A 36 2.46 0.30 -0.74
C VAL A 36 3.94 0.10 -1.04
N VAL A 37 4.68 1.20 -1.10
CA VAL A 37 6.11 1.17 -1.37
C VAL A 37 6.87 0.54 -0.22
N GLY A 38 7.16 -0.76 -0.35
CA GLY A 38 7.90 -1.46 0.69
C GLY A 38 9.21 -0.78 1.04
N SER A 39 9.81 -1.18 2.15
CA SER A 39 11.08 -0.61 2.59
C SER A 39 12.14 -1.69 2.76
N GLY A 40 11.72 -2.83 3.29
CA GLY A 40 12.65 -3.94 3.49
C GLY A 40 13.67 -4.05 2.38
N LYS A 41 14.82 -4.63 2.69
CA LYS A 41 15.89 -4.80 1.71
C LYS A 41 15.35 -5.42 0.43
N ASP A 42 14.74 -6.59 0.56
CA ASP A 42 14.18 -7.29 -0.59
C ASP A 42 12.78 -6.77 -0.92
N GLY A 43 12.59 -5.47 -0.77
CA GLY A 43 11.30 -4.86 -1.05
C GLY A 43 10.24 -5.25 -0.04
N ARG A 44 10.63 -6.07 0.93
CA ARG A 44 9.71 -6.52 1.96
C ARG A 44 9.01 -5.33 2.62
N ILE A 45 7.70 -5.26 2.45
CA ILE A 45 6.91 -4.18 3.03
C ILE A 45 6.83 -4.31 4.55
N LEU A 46 7.13 -3.21 5.25
CA LEU A 46 7.09 -3.20 6.70
C LEU A 46 5.85 -2.46 7.21
N LYS A 47 5.60 -2.56 8.51
CA LYS A 47 4.46 -1.90 9.12
C LYS A 47 4.51 -0.40 8.88
N GLU A 48 5.70 0.17 8.99
CA GLU A 48 5.89 1.61 8.79
C GLU A 48 5.29 2.04 7.45
N ASP A 49 5.70 1.38 6.37
CA ASP A 49 5.21 1.70 5.04
C ASP A 49 3.71 1.96 5.06
N ILE A 50 2.97 1.05 5.70
CA ILE A 50 1.51 1.18 5.79
C ILE A 50 1.12 2.55 6.33
N LEU A 51 1.64 2.89 7.50
CA LEU A 51 1.34 4.17 8.14
C LEU A 51 1.67 5.33 7.19
N ASN A 52 2.51 5.05 6.20
CA ASN A 52 2.91 6.06 5.24
C ASN A 52 1.98 6.06 4.03
N TYR A 53 1.26 4.96 3.85
CA TYR A 53 0.34 4.83 2.72
C TYR A 53 -0.99 5.50 3.03
N LEU A 54 -1.39 5.48 4.30
CA LEU A 54 -2.64 6.09 4.73
C LEU A 54 -2.54 7.61 4.67
N GLU A 55 -1.37 8.13 5.01
CA GLU A 55 -1.15 9.57 5.00
C GLU A 55 -1.20 10.12 3.58
N LYS A 56 -0.88 9.27 2.62
CA LYS A 56 -0.88 9.66 1.21
C LYS A 56 -2.23 9.38 0.56
N GLN A 57 -2.84 8.26 0.95
CA GLN A 57 -4.15 7.88 0.41
C GLN A 57 -5.22 8.90 0.78
N THR A 58 -5.04 9.54 1.95
CA THR A 58 -5.99 10.53 2.42
C THR A 58 -5.92 11.80 1.59
N GLY A 59 -4.71 12.16 1.17
CA GLY A 59 -4.54 13.35 0.35
C GLY A 59 -4.27 13.03 -1.11
N ALA A 60 -5.18 12.27 -1.71
CA ALA A 60 -5.04 11.89 -3.12
C ALA A 60 -6.10 12.56 -3.98
N ILE A 61 -5.86 12.59 -5.28
CA ILE A 61 -6.80 13.21 -6.22
C ILE A 61 -7.51 14.40 -5.57
N LEU A 62 -6.75 15.21 -4.85
CA LEU A 62 -7.31 16.38 -4.19
C LEU A 62 -7.90 17.36 -5.21
N PRO A 63 -9.01 18.01 -4.82
CA PRO A 63 -9.69 18.98 -5.68
C PRO A 63 -8.88 20.27 -5.88
N PRO A 64 -9.19 21.01 -6.95
CA PRO A 64 -8.51 22.26 -7.26
C PRO A 64 -8.83 23.38 -6.27
N SER A 65 -9.96 23.22 -5.57
CA SER A 65 -10.39 24.20 -4.58
C SER A 65 -9.77 23.93 -3.22
N GLY A 66 -8.82 24.77 -2.82
CA GLY A 66 -8.16 24.61 -1.54
C GLY A 66 -6.83 25.33 -1.48
N PRO A 67 -5.76 24.63 -1.87
CA PRO A 67 -4.40 25.19 -1.85
C PRO A 67 -4.21 26.26 -2.92
N SER A 68 -4.86 26.08 -4.07
CA SER A 68 -4.75 27.03 -5.16
C SER A 68 -5.48 28.33 -4.83
N SER A 69 -5.14 29.38 -5.55
CA SER A 69 -5.74 30.69 -5.33
C SER A 69 -6.88 30.94 -6.32
N GLY A 70 -7.82 31.79 -5.93
CA GLY A 70 -8.95 32.11 -6.80
C GLY A 70 -10.28 31.92 -6.09
N GLY A 1 21.03 13.22 -26.29
CA GLY A 1 20.62 12.21 -27.25
C GLY A 1 19.17 11.81 -27.10
N SER A 2 18.28 12.79 -27.14
CA SER A 2 16.85 12.53 -26.98
C SER A 2 16.55 11.94 -25.62
N SER A 3 17.20 12.48 -24.58
CA SER A 3 17.00 11.99 -23.22
C SER A 3 16.97 10.47 -23.19
N GLY A 4 17.87 9.85 -23.94
CA GLY A 4 17.93 8.39 -23.98
C GLY A 4 16.60 7.77 -24.37
N SER A 5 16.42 6.50 -24.01
CA SER A 5 15.18 5.79 -24.33
C SER A 5 14.60 5.14 -23.08
N SER A 6 13.32 4.78 -23.15
CA SER A 6 12.63 4.16 -22.04
C SER A 6 12.88 2.65 -22.02
N GLY A 7 12.67 2.04 -20.86
CA GLY A 7 12.88 0.61 -20.73
C GLY A 7 11.58 -0.15 -20.56
N HIS A 8 11.66 -1.48 -20.47
CA HIS A 8 10.48 -2.32 -20.32
C HIS A 8 10.80 -3.55 -19.47
N GLN A 9 10.19 -3.63 -18.29
CA GLN A 9 10.42 -4.75 -17.39
C GLN A 9 9.11 -5.23 -16.77
N GLU A 10 9.01 -6.53 -16.53
CA GLU A 10 7.81 -7.10 -15.94
C GLU A 10 8.16 -8.11 -14.85
N ILE A 11 7.54 -7.95 -13.69
CA ILE A 11 7.79 -8.85 -12.56
C ILE A 11 6.71 -9.91 -12.45
N LYS A 12 7.09 -11.07 -11.92
CA LYS A 12 6.15 -12.18 -11.76
C LYS A 12 5.95 -12.52 -10.30
N GLY A 13 4.71 -12.49 -9.84
CA GLY A 13 4.41 -12.81 -8.45
C GLY A 13 2.96 -12.56 -8.10
N ARG A 14 2.41 -13.42 -7.25
CA ARG A 14 1.01 -13.29 -6.84
C ARG A 14 0.86 -12.22 -5.76
N LYS A 15 1.58 -12.39 -4.66
CA LYS A 15 1.52 -11.44 -3.56
C LYS A 15 2.85 -10.71 -3.40
N THR A 16 2.91 -9.79 -2.44
CA THR A 16 4.13 -9.03 -2.18
C THR A 16 4.85 -9.54 -0.94
N LEU A 17 6.12 -9.17 -0.80
CA LEU A 17 6.92 -9.59 0.35
C LEU A 17 6.64 -8.70 1.56
N ALA A 18 5.84 -9.22 2.49
CA ALA A 18 5.50 -8.48 3.69
C ALA A 18 5.05 -9.41 4.81
N THR A 19 5.47 -9.12 6.03
CA THR A 19 5.12 -9.93 7.18
C THR A 19 3.62 -10.17 7.25
N PRO A 20 3.21 -11.20 8.00
CA PRO A 20 1.80 -11.57 8.16
C PRO A 20 1.03 -10.55 8.99
N ALA A 21 1.71 -9.97 9.98
CA ALA A 21 1.08 -8.98 10.85
C ALA A 21 0.83 -7.67 10.10
N VAL A 22 1.68 -7.39 9.12
CA VAL A 22 1.55 -6.17 8.32
C VAL A 22 0.54 -6.36 7.20
N ARG A 23 0.54 -7.54 6.60
CA ARG A 23 -0.40 -7.85 5.52
C ARG A 23 -1.84 -7.57 5.94
N ARG A 24 -2.12 -7.75 7.22
CA ARG A 24 -3.45 -7.53 7.76
C ARG A 24 -3.74 -6.03 7.87
N LEU A 25 -2.77 -5.27 8.36
CA LEU A 25 -2.92 -3.84 8.52
C LEU A 25 -3.49 -3.21 7.26
N ALA A 26 -3.38 -3.91 6.14
CA ALA A 26 -3.89 -3.43 4.87
C ALA A 26 -5.35 -3.83 4.67
N MET A 27 -5.66 -5.09 4.95
CA MET A 27 -7.02 -5.60 4.81
C MET A 27 -8.00 -4.77 5.63
N GLU A 28 -7.50 -4.16 6.70
CA GLU A 28 -8.33 -3.34 7.57
C GLU A 28 -8.49 -1.94 7.01
N ASN A 29 -7.43 -1.45 6.36
CA ASN A 29 -7.45 -0.11 5.78
C ASN A 29 -7.67 -0.18 4.28
N ASN A 30 -8.07 -1.36 3.79
CA ASN A 30 -8.31 -1.56 2.37
C ASN A 30 -7.19 -0.96 1.53
N ILE A 31 -5.95 -1.15 1.99
CA ILE A 31 -4.80 -0.62 1.28
C ILE A 31 -4.18 -1.68 0.37
N LYS A 32 -3.73 -1.25 -0.81
CA LYS A 32 -3.12 -2.16 -1.77
C LYS A 32 -1.63 -2.33 -1.49
N LEU A 33 -1.27 -3.46 -0.89
CA LEU A 33 0.12 -3.74 -0.57
C LEU A 33 1.04 -3.41 -1.74
N SER A 34 0.74 -3.99 -2.89
CA SER A 34 1.52 -3.77 -4.10
C SER A 34 1.76 -2.27 -4.32
N GLU A 35 0.75 -1.47 -3.98
CA GLU A 35 0.83 -0.03 -4.15
C GLU A 35 1.68 0.60 -3.04
N VAL A 36 1.77 -0.10 -1.91
CA VAL A 36 2.55 0.38 -0.78
C VAL A 36 4.05 0.27 -1.05
N VAL A 37 4.74 1.40 -0.98
CA VAL A 37 6.18 1.43 -1.21
C VAL A 37 6.94 0.75 -0.07
N GLY A 38 7.37 -0.48 -0.32
CA GLY A 38 8.11 -1.23 0.69
C GLY A 38 9.42 -0.57 1.05
N SER A 39 9.92 -0.84 2.25
CA SER A 39 11.18 -0.28 2.71
C SER A 39 12.21 -1.38 2.97
N GLY A 40 11.75 -2.48 3.55
CA GLY A 40 12.65 -3.59 3.84
C GLY A 40 13.34 -4.12 2.60
N LYS A 41 14.35 -4.95 2.80
CA LYS A 41 15.10 -5.53 1.70
C LYS A 41 14.21 -6.43 0.85
N ASP A 42 14.57 -6.59 -0.41
CA ASP A 42 13.80 -7.44 -1.33
C ASP A 42 12.35 -6.99 -1.40
N GLY A 43 12.15 -5.67 -1.40
CA GLY A 43 10.80 -5.13 -1.46
C GLY A 43 9.98 -5.48 -0.24
N ARG A 44 10.65 -5.86 0.84
CA ARG A 44 9.98 -6.22 2.08
C ARG A 44 9.28 -5.01 2.69
N ILE A 45 7.96 -5.05 2.69
CA ILE A 45 7.16 -3.95 3.25
C ILE A 45 7.02 -4.09 4.76
N LEU A 46 7.31 -3.00 5.48
CA LEU A 46 7.21 -3.00 6.93
C LEU A 46 5.90 -2.37 7.39
N LYS A 47 5.66 -2.41 8.70
CA LYS A 47 4.44 -1.84 9.27
C LYS A 47 4.43 -0.32 9.10
N GLU A 48 5.60 0.30 9.25
CA GLU A 48 5.71 1.74 9.12
C GLU A 48 5.28 2.21 7.73
N ASP A 49 5.44 1.32 6.75
CA ASP A 49 5.07 1.63 5.37
C ASP A 49 3.57 1.89 5.26
N ILE A 50 2.78 0.99 5.83
CA ILE A 50 1.32 1.12 5.79
C ILE A 50 0.88 2.49 6.29
N LEU A 51 1.38 2.88 7.46
CA LEU A 51 1.05 4.18 8.05
C LEU A 51 1.49 5.32 7.14
N ASN A 52 2.37 5.01 6.19
CA ASN A 52 2.88 6.01 5.27
C ASN A 52 2.01 6.06 4.01
N TYR A 53 1.41 4.93 3.66
CA TYR A 53 0.56 4.85 2.48
C TYR A 53 -0.78 5.55 2.72
N LEU A 54 -1.16 5.64 3.99
CA LEU A 54 -2.43 6.29 4.36
C LEU A 54 -2.30 7.80 4.29
N GLU A 55 -1.19 8.32 4.81
CA GLU A 55 -0.95 9.76 4.81
C GLU A 55 -0.91 10.31 3.39
N LYS A 56 -0.54 9.45 2.44
CA LYS A 56 -0.47 9.84 1.04
C LYS A 56 -1.85 9.82 0.39
N GLN A 57 -2.67 8.83 0.75
CA GLN A 57 -4.00 8.71 0.21
C GLN A 57 -4.95 9.72 0.84
N THR A 58 -4.72 10.01 2.12
CA THR A 58 -5.55 10.96 2.85
C THR A 58 -5.37 12.37 2.31
N GLY A 59 -6.36 12.85 1.55
CA GLY A 59 -6.27 14.19 0.99
C GLY A 59 -6.99 14.29 -0.34
N ALA A 60 -7.32 13.15 -0.92
CA ALA A 60 -8.02 13.12 -2.21
C ALA A 60 -9.45 13.63 -2.07
N ILE A 61 -10.20 13.57 -3.17
CA ILE A 61 -11.59 14.01 -3.16
C ILE A 61 -12.51 12.94 -2.61
N LEU A 62 -12.06 12.26 -1.57
CA LEU A 62 -12.85 11.21 -0.95
C LEU A 62 -14.32 11.61 -0.85
N PRO A 63 -15.21 10.60 -0.74
CA PRO A 63 -16.65 10.82 -0.63
C PRO A 63 -17.04 11.45 0.70
N PRO A 64 -18.26 12.01 0.76
CA PRO A 64 -18.78 12.65 1.97
C PRO A 64 -19.09 11.65 3.08
N SER A 65 -18.95 10.37 2.75
CA SER A 65 -19.22 9.30 3.71
C SER A 65 -18.18 9.30 4.83
N GLY A 66 -18.34 10.23 5.78
CA GLY A 66 -17.41 10.32 6.89
C GLY A 66 -16.03 10.78 6.45
N PRO A 67 -15.86 12.10 6.33
CA PRO A 67 -14.58 12.69 5.92
C PRO A 67 -13.50 12.55 6.98
N SER A 68 -13.93 12.28 8.21
CA SER A 68 -13.00 12.13 9.32
C SER A 68 -12.28 13.44 9.62
N SER A 69 -13.06 14.50 9.80
CA SER A 69 -12.50 15.81 10.09
C SER A 69 -13.34 16.56 11.12
N GLY A 70 -12.83 16.63 12.35
CA GLY A 70 -13.55 17.31 13.41
C GLY A 70 -13.19 16.78 14.78
N GLY A 1 7.77 10.93 -18.25
CA GLY A 1 9.19 11.11 -18.01
C GLY A 1 9.56 10.94 -16.55
N SER A 2 10.50 11.75 -16.09
CA SER A 2 10.96 11.69 -14.70
C SER A 2 11.36 10.27 -14.33
N SER A 3 12.06 9.60 -15.23
CA SER A 3 12.50 8.23 -15.00
C SER A 3 11.33 7.33 -14.63
N GLY A 4 10.21 7.52 -15.32
CA GLY A 4 9.03 6.72 -15.05
C GLY A 4 8.54 6.88 -13.62
N SER A 5 7.41 7.57 -13.46
CA SER A 5 6.85 7.80 -12.14
C SER A 5 5.78 6.76 -11.82
N SER A 6 4.90 6.50 -12.78
CA SER A 6 3.83 5.54 -12.61
C SER A 6 3.85 4.49 -13.71
N GLY A 7 4.48 3.35 -13.43
CA GLY A 7 4.56 2.29 -14.41
C GLY A 7 4.92 0.95 -13.78
N HIS A 8 3.90 0.14 -13.51
CA HIS A 8 4.10 -1.17 -12.91
C HIS A 8 4.49 -2.21 -13.97
N GLN A 9 5.72 -2.71 -13.88
CA GLN A 9 6.21 -3.69 -14.83
C GLN A 9 5.78 -5.10 -14.43
N GLU A 10 4.54 -5.23 -13.99
CA GLU A 10 4.00 -6.52 -13.57
C GLU A 10 3.08 -7.10 -14.63
N ILE A 11 3.51 -8.21 -15.24
CA ILE A 11 2.73 -8.86 -16.27
C ILE A 11 1.81 -9.93 -15.68
N LYS A 12 2.25 -10.53 -14.58
CA LYS A 12 1.46 -11.56 -13.92
C LYS A 12 1.19 -11.18 -12.46
N GLY A 13 2.26 -10.84 -11.74
CA GLY A 13 2.11 -10.46 -10.34
C GLY A 13 2.53 -11.57 -9.39
N ARG A 14 3.68 -11.41 -8.76
CA ARG A 14 4.18 -12.40 -7.82
C ARG A 14 3.72 -12.10 -6.40
N LYS A 15 3.71 -13.12 -5.56
CA LYS A 15 3.30 -12.97 -4.16
C LYS A 15 4.01 -11.79 -3.52
N THR A 16 3.35 -11.14 -2.56
CA THR A 16 3.91 -10.00 -1.86
C THR A 16 4.89 -10.46 -0.77
N LEU A 17 5.93 -9.68 -0.56
CA LEU A 17 6.93 -9.99 0.45
C LEU A 17 6.75 -9.13 1.69
N ALA A 18 6.12 -9.69 2.71
CA ALA A 18 5.88 -8.98 3.96
C ALA A 18 5.25 -9.89 5.01
N THR A 19 5.51 -9.60 6.28
CA THR A 19 4.98 -10.39 7.37
C THR A 19 3.45 -10.48 7.30
N PRO A 20 2.89 -11.53 7.90
CA PRO A 20 1.44 -11.76 7.92
C PRO A 20 0.71 -10.74 8.78
N ALA A 21 1.38 -10.26 9.83
CA ALA A 21 0.79 -9.28 10.73
C ALA A 21 0.64 -7.92 10.05
N VAL A 22 1.61 -7.58 9.21
CA VAL A 22 1.57 -6.31 8.48
C VAL A 22 0.57 -6.36 7.33
N ARG A 23 0.54 -7.49 6.63
CA ARG A 23 -0.38 -7.65 5.51
C ARG A 23 -1.81 -7.33 5.91
N ARG A 24 -2.15 -7.66 7.16
CA ARG A 24 -3.50 -7.41 7.67
C ARG A 24 -3.75 -5.90 7.81
N LEU A 25 -2.82 -5.21 8.46
CA LEU A 25 -2.94 -3.77 8.66
C LEU A 25 -3.51 -3.10 7.43
N ALA A 26 -3.31 -3.72 6.27
CA ALA A 26 -3.81 -3.18 5.01
C ALA A 26 -5.28 -3.51 4.81
N MET A 27 -5.61 -4.79 4.96
CA MET A 27 -6.99 -5.24 4.80
C MET A 27 -7.95 -4.41 5.65
N GLU A 28 -7.44 -3.87 6.76
CA GLU A 28 -8.24 -3.05 7.65
C GLU A 28 -8.38 -1.63 7.11
N ASN A 29 -7.31 -1.13 6.50
CA ASN A 29 -7.30 0.22 5.94
C ASN A 29 -7.52 0.18 4.43
N ASN A 30 -8.04 -0.94 3.95
CA ASN A 30 -8.30 -1.10 2.51
C ASN A 30 -7.12 -0.59 1.69
N ILE A 31 -5.91 -0.99 2.09
CA ILE A 31 -4.71 -0.58 1.39
C ILE A 31 -4.21 -1.68 0.46
N LYS A 32 -3.81 -1.29 -0.75
CA LYS A 32 -3.31 -2.25 -1.73
C LYS A 32 -1.82 -2.49 -1.54
N LEU A 33 -1.50 -3.55 -0.80
CA LEU A 33 -0.10 -3.90 -0.53
C LEU A 33 0.77 -3.59 -1.73
N SER A 34 0.45 -4.21 -2.87
CA SER A 34 1.22 -4.01 -4.10
C SER A 34 1.48 -2.53 -4.32
N GLU A 35 0.47 -1.70 -4.06
CA GLU A 35 0.60 -0.26 -4.24
C GLU A 35 1.54 0.34 -3.20
N VAL A 36 1.51 -0.21 -1.99
CA VAL A 36 2.36 0.27 -0.91
C VAL A 36 3.84 0.12 -1.27
N VAL A 37 4.59 1.21 -1.10
CA VAL A 37 6.02 1.20 -1.41
C VAL A 37 6.81 0.53 -0.30
N GLY A 38 7.23 -0.71 -0.57
CA GLY A 38 8.00 -1.45 0.42
C GLY A 38 9.26 -0.72 0.84
N SER A 39 9.75 -1.03 2.05
CA SER A 39 10.95 -0.39 2.56
C SER A 39 12.06 -1.42 2.78
N GLY A 40 11.70 -2.57 3.34
CA GLY A 40 12.68 -3.61 3.59
C GLY A 40 13.72 -3.70 2.49
N LYS A 41 14.89 -4.22 2.83
CA LYS A 41 15.97 -4.36 1.87
C LYS A 41 15.47 -5.00 0.58
N ASP A 42 14.87 -6.18 0.70
CA ASP A 42 14.34 -6.89 -0.45
C ASP A 42 12.94 -6.40 -0.80
N GLY A 43 12.72 -5.10 -0.64
CA GLY A 43 11.42 -4.53 -0.95
C GLY A 43 10.35 -4.96 0.02
N ARG A 44 10.73 -5.79 0.99
CA ARG A 44 9.80 -6.29 2.00
C ARG A 44 9.02 -5.13 2.62
N ILE A 45 7.70 -5.23 2.56
CA ILE A 45 6.84 -4.19 3.12
C ILE A 45 6.72 -4.33 4.64
N LEU A 46 7.13 -3.30 5.36
CA LEU A 46 7.07 -3.31 6.82
C LEU A 46 5.80 -2.61 7.32
N LYS A 47 5.57 -2.67 8.63
CA LYS A 47 4.41 -2.05 9.23
C LYS A 47 4.40 -0.54 8.96
N GLU A 48 5.56 0.08 9.10
CA GLU A 48 5.69 1.52 8.87
C GLU A 48 5.12 1.91 7.51
N ASP A 49 5.51 1.17 6.48
CA ASP A 49 5.05 1.44 5.13
C ASP A 49 3.55 1.71 5.12
N ILE A 50 2.78 0.83 5.73
CA ILE A 50 1.33 0.97 5.79
C ILE A 50 0.95 2.38 6.23
N LEU A 51 1.61 2.88 7.26
CA LEU A 51 1.34 4.22 7.78
C LEU A 51 1.73 5.29 6.75
N ASN A 52 2.61 4.92 5.83
CA ASN A 52 3.05 5.84 4.79
C ASN A 52 2.07 5.87 3.63
N TYR A 53 1.38 4.76 3.42
CA TYR A 53 0.41 4.65 2.34
C TYR A 53 -0.90 5.33 2.72
N LEU A 54 -1.11 5.52 4.02
CA LEU A 54 -2.33 6.15 4.52
C LEU A 54 -2.16 7.68 4.57
N GLU A 55 -1.03 8.12 5.11
CA GLU A 55 -0.76 9.55 5.21
C GLU A 55 -0.88 10.23 3.85
N LYS A 56 -0.58 9.49 2.79
CA LYS A 56 -0.66 10.01 1.43
C LYS A 56 -2.11 10.19 1.01
N GLN A 57 -2.96 9.24 1.37
CA GLN A 57 -4.37 9.28 1.03
C GLN A 57 -5.08 10.38 1.80
N THR A 58 -5.14 10.22 3.13
CA THR A 58 -5.80 11.18 3.99
C THR A 58 -7.00 11.81 3.30
N GLY A 59 -7.88 10.97 2.79
CA GLY A 59 -9.07 11.47 2.10
C GLY A 59 -10.03 10.35 1.72
N ALA A 60 -9.48 9.27 1.18
CA ALA A 60 -10.29 8.13 0.77
C ALA A 60 -11.21 7.67 1.89
N ILE A 61 -12.01 6.65 1.62
CA ILE A 61 -12.93 6.12 2.61
C ILE A 61 -12.31 4.96 3.38
N LEU A 62 -11.90 5.23 4.62
CA LEU A 62 -11.29 4.22 5.47
C LEU A 62 -11.93 4.21 6.86
N PRO A 63 -11.87 3.05 7.53
CA PRO A 63 -12.43 2.88 8.88
C PRO A 63 -11.65 3.65 9.93
N PRO A 64 -12.24 3.78 11.13
CA PRO A 64 -11.60 4.49 12.24
C PRO A 64 -10.40 3.73 12.81
N SER A 65 -9.23 4.32 12.68
CA SER A 65 -8.00 3.71 13.18
C SER A 65 -7.28 4.63 14.15
N GLY A 66 -6.20 4.13 14.75
CA GLY A 66 -5.44 4.92 15.69
C GLY A 66 -3.98 5.01 15.34
N PRO A 67 -3.36 6.17 15.62
CA PRO A 67 -1.95 6.40 15.33
C PRO A 67 -1.03 5.57 16.21
N SER A 68 -0.02 4.94 15.60
CA SER A 68 0.93 4.12 16.33
C SER A 68 1.93 4.99 17.08
N SER A 69 2.52 5.96 16.38
CA SER A 69 3.50 6.85 16.98
C SER A 69 2.84 8.12 17.50
N GLY A 70 3.01 8.38 18.79
CA GLY A 70 2.42 9.56 19.39
C GLY A 70 3.28 10.80 19.22
N GLY A 1 14.62 23.53 -1.94
CA GLY A 1 14.95 22.12 -1.98
C GLY A 1 14.85 21.54 -3.38
N SER A 2 15.36 20.33 -3.55
CA SER A 2 15.34 19.66 -4.85
C SER A 2 15.58 18.17 -4.70
N SER A 3 14.78 17.37 -5.41
CA SER A 3 14.90 15.92 -5.36
C SER A 3 14.12 15.27 -6.49
N GLY A 4 14.19 13.94 -6.57
CA GLY A 4 13.48 13.22 -7.61
C GLY A 4 13.86 11.75 -7.66
N SER A 5 12.90 10.88 -7.36
CA SER A 5 13.14 9.44 -7.36
C SER A 5 11.97 8.70 -7.99
N SER A 6 12.26 7.61 -8.69
CA SER A 6 11.25 6.81 -9.34
C SER A 6 11.63 5.34 -9.36
N GLY A 7 10.63 4.46 -9.23
CA GLY A 7 10.89 3.04 -9.23
C GLY A 7 10.06 2.30 -10.28
N HIS A 8 10.73 1.71 -11.25
CA HIS A 8 10.05 0.97 -12.32
C HIS A 8 10.32 -0.53 -12.19
N GLN A 9 9.30 -1.27 -11.77
CA GLN A 9 9.43 -2.71 -11.60
C GLN A 9 8.23 -3.43 -12.23
N GLU A 10 8.30 -4.76 -12.26
CA GLU A 10 7.23 -5.56 -12.82
C GLU A 10 6.85 -6.71 -11.89
N ILE A 11 5.74 -6.54 -11.17
CA ILE A 11 5.27 -7.56 -10.24
C ILE A 11 4.04 -8.28 -10.79
N LYS A 12 3.97 -9.58 -10.56
CA LYS A 12 2.86 -10.39 -11.02
C LYS A 12 2.28 -11.24 -9.88
N GLY A 13 1.04 -11.69 -10.05
CA GLY A 13 0.40 -12.49 -9.03
C GLY A 13 0.03 -11.68 -7.80
N ARG A 14 -0.84 -12.26 -6.98
CA ARG A 14 -1.29 -11.59 -5.76
C ARG A 14 -0.48 -12.05 -4.55
N LYS A 15 0.74 -11.55 -4.43
CA LYS A 15 1.62 -11.91 -3.32
C LYS A 15 2.85 -11.03 -3.29
N THR A 16 3.10 -10.40 -2.14
CA THR A 16 4.26 -9.53 -1.97
C THR A 16 5.02 -9.86 -0.70
N LEU A 17 6.27 -9.40 -0.62
CA LEU A 17 7.10 -9.64 0.55
C LEU A 17 6.69 -8.74 1.71
N ALA A 18 5.88 -9.27 2.61
CA ALA A 18 5.41 -8.51 3.77
C ALA A 18 4.89 -9.44 4.86
N THR A 19 5.43 -9.29 6.06
CA THR A 19 5.01 -10.12 7.19
C THR A 19 3.50 -10.26 7.25
N PRO A 20 3.02 -11.29 7.98
CA PRO A 20 1.59 -11.54 8.13
C PRO A 20 0.90 -10.49 8.99
N ALA A 21 1.62 -9.95 9.95
CA ALA A 21 1.08 -8.93 10.84
C ALA A 21 0.86 -7.62 10.10
N VAL A 22 1.67 -7.38 9.07
CA VAL A 22 1.56 -6.16 8.28
C VAL A 22 0.55 -6.32 7.14
N ARG A 23 0.48 -7.54 6.60
CA ARG A 23 -0.43 -7.83 5.51
C ARG A 23 -1.87 -7.54 5.92
N ARG A 24 -2.15 -7.68 7.21
CA ARG A 24 -3.49 -7.43 7.73
C ARG A 24 -3.77 -5.93 7.85
N LEU A 25 -2.73 -5.18 8.22
CA LEU A 25 -2.86 -3.73 8.36
C LEU A 25 -3.45 -3.11 7.10
N ALA A 26 -3.28 -3.78 5.98
CA ALA A 26 -3.80 -3.30 4.71
C ALA A 26 -5.27 -3.67 4.53
N MET A 27 -5.56 -4.96 4.66
CA MET A 27 -6.94 -5.45 4.51
C MET A 27 -7.88 -4.68 5.42
N GLU A 28 -7.36 -4.18 6.54
CA GLU A 28 -8.15 -3.43 7.50
C GLU A 28 -8.34 -1.99 7.04
N ASN A 29 -7.29 -1.43 6.43
CA ASN A 29 -7.33 -0.05 5.95
C ASN A 29 -7.57 -0.02 4.44
N ASN A 30 -8.01 -1.14 3.88
CA ASN A 30 -8.27 -1.24 2.46
C ASN A 30 -7.09 -0.73 1.65
N ILE A 31 -5.89 -1.15 2.04
CA ILE A 31 -4.68 -0.74 1.35
C ILE A 31 -4.16 -1.85 0.44
N LYS A 32 -3.60 -1.46 -0.71
CA LYS A 32 -3.06 -2.42 -1.66
C LYS A 32 -1.56 -2.59 -1.46
N LEU A 33 -1.19 -3.59 -0.67
CA LEU A 33 0.22 -3.86 -0.41
C LEU A 33 1.07 -3.56 -1.63
N SER A 34 0.78 -4.24 -2.74
CA SER A 34 1.52 -4.04 -3.98
C SER A 34 1.74 -2.55 -4.25
N GLU A 35 0.69 -1.77 -4.08
CA GLU A 35 0.76 -0.33 -4.30
C GLU A 35 1.62 0.35 -3.24
N VAL A 36 1.65 -0.25 -2.05
CA VAL A 36 2.43 0.30 -0.94
C VAL A 36 3.93 0.11 -1.18
N VAL A 37 4.64 1.23 -1.35
CA VAL A 37 6.08 1.18 -1.58
C VAL A 37 6.82 0.64 -0.37
N GLY A 38 7.18 -0.64 -0.44
CA GLY A 38 7.90 -1.27 0.66
C GLY A 38 9.20 -0.57 0.98
N SER A 39 9.80 -0.92 2.11
CA SER A 39 11.07 -0.32 2.53
C SER A 39 12.07 -1.38 2.91
N GLY A 40 11.61 -2.40 3.64
CA GLY A 40 12.49 -3.47 4.06
C GLY A 40 13.20 -4.13 2.88
N LYS A 41 14.33 -4.76 3.16
CA LYS A 41 15.10 -5.44 2.13
C LYS A 41 14.20 -6.30 1.25
N ASP A 42 14.63 -6.54 0.02
CA ASP A 42 13.85 -7.34 -0.92
C ASP A 42 12.45 -6.78 -1.10
N GLY A 43 12.37 -5.48 -1.40
CA GLY A 43 11.08 -4.84 -1.58
C GLY A 43 10.11 -5.15 -0.46
N ARG A 44 10.64 -5.60 0.68
CA ARG A 44 9.81 -5.94 1.82
C ARG A 44 8.97 -4.74 2.26
N ILE A 45 7.80 -5.01 2.81
CA ILE A 45 6.92 -3.95 3.28
C ILE A 45 6.68 -4.05 4.79
N LEU A 46 7.27 -3.14 5.54
CA LEU A 46 7.13 -3.11 6.99
C LEU A 46 5.87 -2.35 7.40
N LYS A 47 5.49 -2.49 8.66
CA LYS A 47 4.30 -1.81 9.18
C LYS A 47 4.41 -0.30 8.94
N GLU A 48 5.62 0.24 9.09
CA GLU A 48 5.84 1.66 8.88
C GLU A 48 5.36 2.11 7.51
N ASP A 49 5.69 1.32 6.49
CA ASP A 49 5.29 1.63 5.12
C ASP A 49 3.78 1.83 5.03
N ILE A 50 3.04 1.04 5.79
CA ILE A 50 1.59 1.14 5.80
C ILE A 50 1.12 2.50 6.28
N LEU A 51 1.73 2.97 7.37
CA LEU A 51 1.39 4.27 7.94
C LEU A 51 1.73 5.40 6.98
N ASN A 52 2.61 5.11 6.02
CA ASN A 52 3.03 6.09 5.04
C ASN A 52 2.08 6.11 3.84
N TYR A 53 1.31 5.04 3.69
CA TYR A 53 0.35 4.93 2.59
C TYR A 53 -0.96 5.60 2.94
N LEU A 54 -1.31 5.57 4.23
CA LEU A 54 -2.55 6.18 4.70
C LEU A 54 -2.41 7.69 4.82
N GLU A 55 -1.24 8.13 5.28
CA GLU A 55 -0.98 9.56 5.45
C GLU A 55 -1.15 10.30 4.13
N LYS A 56 -0.99 9.58 3.03
CA LYS A 56 -1.13 10.17 1.70
C LYS A 56 -2.60 10.28 1.32
N GLN A 57 -3.43 9.43 1.90
CA GLN A 57 -4.86 9.45 1.63
C GLN A 57 -5.53 10.67 2.23
N THR A 58 -5.51 10.75 3.56
CA THR A 58 -6.12 11.88 4.26
C THR A 58 -7.36 12.39 3.52
N GLY A 59 -8.16 11.46 3.02
CA GLY A 59 -9.36 11.84 2.29
C GLY A 59 -10.41 10.75 2.31
N ALA A 60 -9.98 9.50 2.20
CA ALA A 60 -10.88 8.37 2.20
C ALA A 60 -11.83 8.43 3.40
N ILE A 61 -12.67 7.41 3.54
CA ILE A 61 -13.62 7.34 4.64
C ILE A 61 -13.03 6.63 5.84
N LEU A 62 -11.75 6.88 6.10
CA LEU A 62 -11.06 6.26 7.23
C LEU A 62 -11.99 6.16 8.44
N PRO A 63 -11.83 5.06 9.20
CA PRO A 63 -12.65 4.82 10.40
C PRO A 63 -12.31 5.78 11.53
N PRO A 64 -13.21 5.85 12.53
CA PRO A 64 -13.02 6.73 13.69
C PRO A 64 -11.90 6.25 14.60
N SER A 65 -10.67 6.65 14.29
CA SER A 65 -9.50 6.26 15.08
C SER A 65 -8.53 7.42 15.21
N GLY A 66 -7.51 7.23 16.04
CA GLY A 66 -6.51 8.27 16.25
C GLY A 66 -5.17 7.92 15.64
N PRO A 67 -5.05 8.08 14.31
CA PRO A 67 -3.82 7.78 13.59
C PRO A 67 -2.70 8.77 13.91
N SER A 68 -2.99 9.72 14.79
CA SER A 68 -2.01 10.72 15.18
C SER A 68 -0.84 10.09 15.93
N SER A 69 0.35 10.21 15.37
CA SER A 69 1.54 9.64 15.98
C SER A 69 2.76 10.53 15.73
N GLY A 70 3.91 10.11 16.24
CA GLY A 70 5.13 10.88 16.06
C GLY A 70 5.08 12.21 16.78
#